data_4B6E
#
_entry.id   4B6E
#
_cell.length_a   91.404
_cell.length_b   111.309
_cell.length_c   141.840
_cell.angle_alpha   90.00
_cell.angle_beta   90.00
_cell.angle_gamma   90.00
#
_symmetry.space_group_name_H-M   'P 21 21 21'
#
loop_
_entity.id
_entity.type
_entity.pdbx_description
1 polymer 'NON-STRUCTURAL PROTEIN 4A, SERINE PROTEASE NS3'
2 non-polymer 'SULFATE ION'
3 non-polymer 1H-indazol-7-amine
4 water water
#
_entity_poly.entity_id   1
_entity_poly.type   'polypeptide(L)'
_entity_poly.pdbx_seq_one_letter_code
;MGSSHHHHHHSSGLVPRGSHMGSVVIVGRIILSGSGSITAYSQQTRGLLGCIITSLTGRDKNQVEGEVQVVSTATQSFLA
TCVNGVCWTVYHGAGSKTLAGPKGPITQMYTNVDQDLVGWQAPPGARSLTPCTCGSSDLYLVTRHADVIPVRRRGDSRGS
LLSPRPVSYLKGSSGGPLLCPSGHAVGIFRAAVCTRGVAKAVDFVPVESMETTMRSPVFTDNSSPPAVPQSFQVAHLHAP
TGSGKSTKVPAAYAAQGYKVLVLNPSVAATLGFGAYMSKAHGIDPNIRTGVRTITTGAPVTYSTYGKFLADGGCSGGAYD
IIICDECHSTDSTTILGIGTVLDQAETAGARLVVLATATPPGSVTVPHPNIEEVALSNTGEIPFYGKAIPIEAIRGGRHL
IFCHSKKKCDELAAKLSGLGINAVAYYRGLDVSVIPTIGDVVVVATDALMTGYTGDFDSVIDCNTCVTQTVDFSLDPTFT
IETTTVPQDAVSRSQRRGRTGRGRRGIYRFVTPGERPSGMFDSSVLCECYDAGCAWYELTPAETSVRLRAYLNTPGLPVC
QDHLEFWESVFTGLTHIDAHFLSQTKQAGDNFPYLVAYQATVCARAQAPPPSWDQMWKCLIRLKPTLHGPTPLLYRLGAV
QNEVTLTHPITKYIMACMSADLEVVTLGSVVIVGRIILSGSGS
;
_entity_poly.pdbx_strand_id   A,B
#
loop_
_chem_comp.id
_chem_comp.type
_chem_comp.name
_chem_comp.formula
10L non-polymer 1H-indazol-7-amine 'C7 H7 N3'
SO4 non-polymer 'SULFATE ION' 'O4 S -2'
#
# COMPACT_ATOMS: atom_id res chain seq x y z
N ILE A 38 28.97 13.94 -7.72
CA ILE A 38 28.39 13.03 -6.75
C ILE A 38 27.49 12.04 -7.49
N THR A 39 27.83 10.76 -7.40
CA THR A 39 27.07 9.64 -7.95
C THR A 39 27.00 8.56 -6.89
N ALA A 40 26.15 7.57 -7.11
CA ALA A 40 25.91 6.58 -6.10
C ALA A 40 25.38 5.32 -6.76
N TYR A 41 25.62 4.17 -6.13
CA TYR A 41 25.02 2.91 -6.55
C TYR A 41 24.74 2.05 -5.31
N SER A 42 23.88 1.06 -5.44
CA SER A 42 23.47 0.29 -4.28
C SER A 42 24.04 -1.13 -4.28
N GLN A 43 24.08 -1.71 -3.09
CA GLN A 43 24.53 -3.05 -2.85
C GLN A 43 23.53 -3.70 -1.90
N GLN A 44 22.96 -4.83 -2.30
CA GLN A 44 22.07 -5.56 -1.40
C GLN A 44 22.92 -6.56 -0.64
N THR A 45 22.77 -6.61 0.68
CA THR A 45 23.58 -7.54 1.50
C THR A 45 22.79 -8.61 2.23
N ARG A 46 21.46 -8.46 2.32
CA ARG A 46 20.64 -9.51 2.90
C ARG A 46 19.32 -9.59 2.15
N GLY A 47 18.76 -10.79 2.15
CA GLY A 47 17.44 -11.04 1.62
C GLY A 47 16.47 -11.05 2.78
N LEU A 48 15.26 -11.51 2.51
CA LEU A 48 14.17 -11.49 3.47
C LEU A 48 14.45 -12.43 4.66
N LEU A 49 14.98 -13.62 4.39
CA LEU A 49 15.17 -14.62 5.44
C LEU A 49 16.23 -14.17 6.45
N GLY A 50 17.37 -13.72 5.91
CA GLY A 50 18.46 -13.21 6.74
C GLY A 50 18.01 -12.02 7.55
N CYS A 51 17.28 -11.13 6.90
CA CYS A 51 16.75 -9.96 7.58
C CYS A 51 15.88 -10.30 8.80
N ILE A 52 15.01 -11.29 8.71
CA ILE A 52 14.15 -11.66 9.85
C ILE A 52 14.94 -12.34 10.97
N ILE A 53 15.90 -13.19 10.60
CA ILE A 53 16.74 -13.85 11.55
C ILE A 53 17.61 -12.86 12.33
N THR A 54 18.19 -11.88 11.63
CA THR A 54 19.02 -10.84 12.27
C THR A 54 18.17 -9.91 13.15
N SER A 55 16.96 -9.59 12.71
CA SER A 55 16.07 -8.74 13.53
C SER A 55 15.66 -9.39 14.85
N LEU A 56 15.66 -10.73 14.88
CA LEU A 56 15.20 -11.47 16.06
C LEU A 56 16.35 -11.73 17.00
N THR A 57 17.50 -12.14 16.45
CA THR A 57 18.69 -12.37 17.25
C THR A 57 19.34 -11.04 17.66
N GLY A 58 19.29 -10.08 16.75
CA GLY A 58 19.97 -8.82 16.96
C GLY A 58 21.46 -8.93 16.75
N ARG A 59 21.92 -10.00 16.11
CA ARG A 59 23.34 -10.22 15.83
C ARG A 59 23.64 -10.21 14.33
N ASP A 60 24.50 -9.29 13.90
CA ASP A 60 24.88 -9.14 12.51
C ASP A 60 26.40 -9.14 12.42
N LYS A 61 26.95 -10.18 11.78
CA LYS A 61 28.38 -10.31 11.59
C LYS A 61 28.93 -9.56 10.37
N ASN A 62 28.18 -9.52 9.27
CA ASN A 62 28.59 -8.76 8.08
C ASN A 62 29.17 -7.43 8.53
N GLN A 63 30.32 -7.06 7.97
CA GLN A 63 31.00 -5.83 8.39
C GLN A 63 30.28 -4.64 7.79
N VAL A 64 30.33 -3.49 8.47
CA VAL A 64 29.60 -2.30 8.03
C VAL A 64 30.45 -1.42 7.12
N GLU A 65 30.27 -1.60 5.81
CA GLU A 65 30.98 -0.84 4.79
C GLU A 65 30.15 0.40 4.45
N GLY A 66 30.80 1.41 3.87
CA GLY A 66 30.13 2.59 3.36
C GLY A 66 29.56 3.49 4.44
N GLU A 67 29.03 4.65 4.03
CA GLU A 67 28.50 5.64 4.98
C GLU A 67 26.98 5.56 5.17
N VAL A 68 26.28 5.07 4.15
CA VAL A 68 24.83 5.17 4.02
C VAL A 68 24.28 3.77 3.94
N GLN A 69 23.56 3.35 4.97
CA GLN A 69 23.07 2.00 5.04
C GLN A 69 21.58 1.98 4.64
N VAL A 70 21.15 0.88 4.03
CA VAL A 70 19.75 0.62 3.82
C VAL A 70 19.36 -0.28 4.98
N VAL A 71 18.37 0.13 5.75
CA VAL A 71 17.95 -0.58 6.94
C VAL A 71 16.51 -1.00 6.83
N SER A 72 16.12 -1.98 7.63
CA SER A 72 14.75 -2.40 7.59
C SER A 72 14.28 -2.78 8.96
N THR A 73 12.98 -2.57 9.19
CA THR A 73 12.26 -3.21 10.26
C THR A 73 11.43 -4.30 9.59
N ALA A 74 10.52 -4.92 10.35
CA ALA A 74 9.63 -5.94 9.80
C ALA A 74 8.58 -5.28 8.89
N THR A 75 8.20 -4.04 9.22
CA THR A 75 7.15 -3.34 8.50
C THR A 75 7.67 -2.36 7.44
N GLN A 76 8.81 -1.71 7.65
CA GLN A 76 9.26 -0.69 6.72
C GLN A 76 10.76 -0.76 6.38
N SER A 77 11.14 0.05 5.42
CA SER A 77 12.53 0.12 5.03
C SER A 77 12.89 1.55 4.79
N PHE A 78 14.11 1.93 5.13
CA PHE A 78 14.54 3.31 5.01
C PHE A 78 16.06 3.39 5.07
N LEU A 79 16.62 4.59 5.28
CA LEU A 79 18.05 4.78 5.19
C LEU A 79 18.61 5.14 6.56
N ALA A 80 19.92 5.02 6.71
CA ALA A 80 20.60 5.41 7.94
C ALA A 80 21.98 5.88 7.54
N THR A 81 22.41 7.01 8.08
CA THR A 81 23.66 7.62 7.65
C THR A 81 24.64 7.82 8.80
N CYS A 82 25.83 7.27 8.69
CA CYS A 82 26.89 7.50 9.64
C CYS A 82 27.57 8.86 9.60
N VAL A 83 27.42 9.63 10.67
CA VAL A 83 28.16 10.88 10.82
C VAL A 83 28.80 10.90 12.18
N ASN A 84 30.11 11.24 12.16
CA ASN A 84 30.96 11.31 13.34
C ASN A 84 30.90 10.12 14.30
N GLY A 85 30.98 8.93 13.74
CA GLY A 85 30.97 7.68 14.50
C GLY A 85 29.60 7.29 15.04
N VAL A 86 28.60 8.11 14.73
CA VAL A 86 27.23 7.78 15.08
C VAL A 86 26.44 7.49 13.80
N CYS A 87 25.74 6.38 13.83
CA CYS A 87 24.88 5.98 12.73
C CYS A 87 23.49 6.54 13.03
N TRP A 88 23.05 7.47 12.19
CA TRP A 88 21.83 8.20 12.46
C TRP A 88 20.67 7.77 11.53
N THR A 89 19.46 7.82 12.05
CA THR A 89 18.28 7.63 11.23
C THR A 89 17.07 8.37 11.85
N VAL A 90 15.89 8.21 11.28
CA VAL A 90 14.71 8.95 11.75
C VAL A 90 13.96 8.16 12.81
N TYR A 91 13.50 8.85 13.84
CA TYR A 91 12.66 8.26 14.86
C TYR A 91 11.40 7.65 14.26
N HIS A 92 10.78 8.34 13.30
CA HIS A 92 9.53 7.75 12.73
C HIS A 92 9.73 6.41 12.04
N GLY A 93 10.94 6.12 11.58
CA GLY A 93 11.27 4.77 11.11
C GLY A 93 11.72 3.80 12.21
N ALA A 94 12.71 4.19 13.01
CA ALA A 94 13.35 3.22 13.92
C ALA A 94 12.67 3.08 15.27
N GLY A 95 11.87 4.05 15.66
CA GLY A 95 11.40 4.10 17.05
C GLY A 95 12.59 4.10 18.00
N SER A 96 12.41 3.50 19.16
CA SER A 96 13.51 3.28 20.13
C SER A 96 14.23 1.95 19.90
N LYS A 97 14.03 1.32 18.74
CA LYS A 97 14.56 -0.03 18.50
C LYS A 97 16.07 -0.12 18.51
N THR A 98 16.55 -1.32 18.81
CA THR A 98 17.97 -1.58 18.79
C THR A 98 18.38 -1.85 17.35
N LEU A 99 19.69 -1.70 17.10
CA LEU A 99 20.31 -2.02 15.81
C LEU A 99 21.05 -3.34 15.99
N ALA A 100 20.89 -4.26 15.04
CA ALA A 100 21.64 -5.51 15.06
C ALA A 100 23.09 -5.18 14.77
N GLY A 101 23.97 -5.65 15.65
CA GLY A 101 25.42 -5.46 15.50
C GLY A 101 26.21 -6.73 15.78
N PRO A 102 27.56 -6.65 15.64
CA PRO A 102 28.47 -7.81 15.73
C PRO A 102 28.38 -8.58 17.04
N LYS A 103 28.36 -7.89 18.17
CA LYS A 103 28.19 -8.55 19.49
C LYS A 103 26.75 -8.68 19.95
N GLY A 104 25.81 -8.18 19.17
CA GLY A 104 24.41 -8.23 19.58
C GLY A 104 23.73 -6.91 19.38
N PRO A 105 22.48 -6.80 19.85
CA PRO A 105 21.71 -5.58 19.67
C PRO A 105 22.44 -4.39 20.26
N ILE A 106 22.54 -3.30 19.51
CA ILE A 106 23.14 -2.08 19.97
C ILE A 106 21.99 -1.18 20.34
N THR A 107 21.97 -0.78 21.60
CA THR A 107 20.98 0.16 22.12
C THR A 107 21.23 1.55 21.55
N GLN A 108 20.19 2.36 21.45
CA GLN A 108 20.32 3.72 20.98
C GLN A 108 21.03 4.56 22.00
N MET A 109 21.96 5.36 21.52
CA MET A 109 22.70 6.30 22.31
C MET A 109 22.01 7.62 22.38
N TYR A 110 21.31 7.98 21.30
CA TYR A 110 20.54 9.23 21.23
C TYR A 110 19.15 8.96 20.71
N THR A 111 18.17 9.63 21.31
CA THR A 111 16.76 9.53 20.93
C THR A 111 16.16 10.91 21.12
N ASN A 112 15.93 11.63 20.03
CA ASN A 112 15.30 12.92 20.10
C ASN A 112 14.04 12.94 19.26
N VAL A 113 12.90 12.66 19.91
CA VAL A 113 11.64 12.59 19.19
C VAL A 113 11.32 13.91 18.48
N ASP A 114 11.62 15.04 19.13
CA ASP A 114 11.29 16.37 18.58
C ASP A 114 12.03 16.73 17.31
N GLN A 115 13.25 16.23 17.16
CA GLN A 115 14.01 16.44 15.94
C GLN A 115 13.79 15.27 14.97
N ASP A 116 13.13 14.22 15.43
CA ASP A 116 12.86 13.01 14.66
C ASP A 116 14.17 12.31 14.31
N LEU A 117 15.02 12.14 15.32
CA LEU A 117 16.43 11.76 15.12
C LEU A 117 16.87 10.74 16.18
N VAL A 118 17.39 9.58 15.74
CA VAL A 118 17.97 8.60 16.66
C VAL A 118 19.35 8.23 16.16
N GLY A 119 20.17 7.69 17.05
CA GLY A 119 21.55 7.42 16.73
C GLY A 119 22.05 6.26 17.53
N TRP A 120 22.74 5.34 16.85
CA TRP A 120 23.47 4.27 17.50
C TRP A 120 24.97 4.52 17.31
N GLN A 121 25.77 4.12 18.31
CA GLN A 121 27.24 4.20 18.22
C GLN A 121 27.60 3.25 17.09
N ALA A 122 28.27 3.77 16.05
CA ALA A 122 28.70 2.92 14.93
C ALA A 122 29.72 1.89 15.40
N PRO A 123 29.66 0.66 14.87
CA PRO A 123 30.73 -0.30 15.19
C PRO A 123 32.12 0.22 14.78
N PRO A 124 33.16 -0.25 15.49
CA PRO A 124 34.54 0.22 15.29
C PRO A 124 35.09 -0.17 13.93
N GLY A 125 35.59 0.82 13.19
CA GLY A 125 36.06 0.61 11.82
C GLY A 125 35.12 1.03 10.71
N ALA A 126 33.84 1.28 11.02
CA ALA A 126 32.85 1.66 10.01
C ALA A 126 33.12 3.08 9.54
N ARG A 127 32.88 3.35 8.26
CA ARG A 127 33.14 4.69 7.71
C ARG A 127 32.03 5.61 8.15
N SER A 128 32.36 6.88 8.34
CA SER A 128 31.39 7.93 8.61
C SER A 128 31.62 9.05 7.62
N LEU A 129 30.56 9.77 7.28
CA LEU A 129 30.70 11.05 6.64
C LEU A 129 31.05 12.04 7.75
N THR A 130 31.37 13.25 7.35
CA THR A 130 31.70 14.32 8.28
C THR A 130 31.00 15.59 7.81
N PRO A 131 30.75 16.53 8.73
CA PRO A 131 29.99 17.73 8.36
C PRO A 131 30.64 18.60 7.30
N CYS A 132 29.83 19.32 6.52
CA CYS A 132 30.34 20.32 5.57
C CYS A 132 30.98 21.46 6.32
N THR A 133 32.17 21.86 5.86
CA THR A 133 32.94 22.90 6.55
C THR A 133 32.62 24.34 6.08
N CYS A 134 32.51 24.57 4.76
CA CYS A 134 32.43 25.94 4.20
C CYS A 134 31.02 26.43 3.74
N GLY A 135 29.95 25.75 4.16
CA GLY A 135 28.58 26.25 3.97
C GLY A 135 28.13 26.52 2.54
N SER A 136 28.05 25.45 1.73
CA SER A 136 27.45 25.54 0.40
C SER A 136 25.92 25.55 0.48
N SER A 137 25.26 26.02 -0.59
CA SER A 137 23.79 26.03 -0.70
C SER A 137 23.29 25.17 -1.86
N ASP A 138 24.19 24.48 -2.53
CA ASP A 138 23.83 23.55 -3.58
C ASP A 138 23.96 22.17 -2.97
N LEU A 139 22.83 21.50 -2.76
CA LEU A 139 22.81 20.25 -2.00
C LEU A 139 22.47 19.08 -2.88
N TYR A 140 22.78 17.87 -2.42
CA TYR A 140 22.45 16.63 -3.12
C TYR A 140 21.83 15.61 -2.17
N LEU A 141 20.61 15.19 -2.48
CA LEU A 141 19.88 14.17 -1.74
C LEU A 141 20.15 12.79 -2.32
N VAL A 142 20.72 11.89 -1.53
CA VAL A 142 20.89 10.51 -1.96
C VAL A 142 19.64 9.70 -1.54
N THR A 143 18.97 9.11 -2.52
CA THR A 143 17.75 8.34 -2.27
C THR A 143 18.13 6.87 -2.10
N ARG A 144 17.19 6.06 -1.64
CA ARG A 144 17.43 4.62 -1.48
C ARG A 144 17.67 3.92 -2.80
N HIS A 145 17.32 4.57 -3.90
CA HIS A 145 17.55 3.99 -5.22
C HIS A 145 18.96 4.31 -5.75
N ALA A 146 19.77 4.99 -4.94
CA ALA A 146 21.09 5.50 -5.36
C ALA A 146 20.99 6.65 -6.38
N ASP A 147 19.84 7.27 -6.48
CA ASP A 147 19.74 8.52 -7.23
C ASP A 147 20.28 9.64 -6.38
N VAL A 148 20.77 10.66 -7.04
CA VAL A 148 21.32 11.80 -6.37
C VAL A 148 20.54 12.97 -6.92
N ILE A 149 19.64 13.57 -6.15
CA ILE A 149 18.89 14.68 -6.70
C ILE A 149 19.25 16.04 -6.10
N PRO A 150 19.47 17.02 -6.98
CA PRO A 150 19.89 18.33 -6.55
C PRO A 150 18.80 19.05 -5.80
N VAL A 151 19.22 19.76 -4.75
CA VAL A 151 18.33 20.51 -3.91
C VAL A 151 18.97 21.86 -3.60
N ARG A 152 18.17 22.92 -3.64
CA ARG A 152 18.63 24.26 -3.28
C ARG A 152 18.28 24.61 -1.82
N ARG A 153 19.31 24.85 -1.00
CA ARG A 153 19.05 25.08 0.41
C ARG A 153 18.24 26.37 0.55
N ARG A 154 17.24 26.33 1.41
CA ARG A 154 16.30 27.45 1.54
C ARG A 154 16.12 27.90 2.98
N GLY A 155 16.85 27.29 3.91
CA GLY A 155 16.69 27.58 5.33
C GLY A 155 17.55 26.63 6.15
N ASP A 156 17.46 26.71 7.47
CA ASP A 156 18.25 25.80 8.32
C ASP A 156 17.96 24.33 7.98
N SER A 157 16.70 24.01 7.72
CA SER A 157 16.25 22.63 7.60
C SER A 157 15.40 22.35 6.37
N ARG A 158 15.34 23.29 5.42
CA ARG A 158 14.54 23.12 4.21
C ARG A 158 15.38 23.33 2.96
N GLY A 159 14.97 22.66 1.88
CA GLY A 159 15.56 22.84 0.57
C GLY A 159 14.58 22.45 -0.53
N SER A 160 14.60 23.19 -1.62
CA SER A 160 13.62 23.00 -2.68
C SER A 160 14.21 22.14 -3.79
N LEU A 161 13.36 21.29 -4.36
CA LEU A 161 13.77 20.40 -5.43
C LEU A 161 13.80 21.20 -6.73
N LEU A 162 14.96 21.26 -7.37
CA LEU A 162 15.05 21.86 -8.71
C LEU A 162 14.02 21.22 -9.66
N SER A 163 13.84 19.91 -9.55
CA SER A 163 12.84 19.23 -10.34
C SER A 163 11.82 18.61 -9.41
N PRO A 164 10.62 19.20 -9.33
CA PRO A 164 9.61 18.64 -8.44
C PRO A 164 9.19 17.23 -8.87
N ARG A 165 8.99 16.35 -7.90
CA ARG A 165 8.78 14.93 -8.13
C ARG A 165 7.62 14.40 -7.31
N PRO A 166 6.99 13.32 -7.74
CA PRO A 166 5.93 12.70 -6.92
C PRO A 166 6.47 12.15 -5.60
N VAL A 167 5.78 12.38 -4.48
CA VAL A 167 6.30 11.95 -3.16
C VAL A 167 6.59 10.45 -3.09
N SER A 168 5.83 9.67 -3.84
CA SER A 168 6.03 8.23 -3.87
C SER A 168 7.49 7.87 -4.15
N TYR A 169 8.16 8.65 -4.97
CA TYR A 169 9.53 8.38 -5.35
C TYR A 169 10.54 8.67 -4.21
N LEU A 170 10.13 9.47 -3.24
CA LEU A 170 10.95 9.81 -2.10
C LEU A 170 10.74 8.86 -0.89
N LYS A 171 9.75 7.96 -0.99
CA LYS A 171 9.37 7.19 0.19
C LYS A 171 10.41 6.10 0.44
N GLY A 172 10.74 5.89 1.70
CA GLY A 172 11.80 4.99 2.07
C GLY A 172 13.21 5.57 1.98
N SER A 173 13.34 6.85 1.66
CA SER A 173 14.66 7.51 1.63
C SER A 173 14.93 8.32 2.90
N SER A 174 14.01 8.23 3.84
CA SER A 174 14.18 8.79 5.17
C SER A 174 15.49 8.29 5.76
N GLY A 175 16.21 9.20 6.39
CA GLY A 175 17.50 8.86 6.98
C GLY A 175 18.68 9.04 6.05
N GLY A 176 18.40 9.27 4.77
CA GLY A 176 19.45 9.54 3.78
C GLY A 176 20.10 10.90 3.96
N PRO A 177 21.32 11.05 3.43
CA PRO A 177 22.02 12.32 3.52
C PRO A 177 21.68 13.34 2.44
N LEU A 178 21.75 14.63 2.84
CA LEU A 178 21.96 15.76 1.97
C LEU A 178 23.47 16.10 2.05
N LEU A 179 24.14 16.00 0.92
CA LEU A 179 25.56 16.22 0.79
C LEU A 179 25.81 17.60 0.17
N CYS A 180 26.86 18.28 0.61
CA CYS A 180 27.38 19.44 -0.14
C CYS A 180 28.22 18.94 -1.32
N PRO A 181 28.65 19.83 -2.22
CA PRO A 181 29.38 19.34 -3.41
C PRO A 181 30.70 18.61 -3.13
N SER A 182 31.28 18.82 -1.96
CA SER A 182 32.47 18.09 -1.53
C SER A 182 32.18 16.70 -0.92
N GLY A 183 30.91 16.30 -0.89
CA GLY A 183 30.56 14.98 -0.41
C GLY A 183 30.43 14.90 1.09
N HIS A 184 30.35 16.06 1.73
CA HIS A 184 30.22 16.12 3.19
C HIS A 184 28.76 16.25 3.61
N ALA A 185 28.47 15.81 4.83
CA ALA A 185 27.10 15.72 5.33
C ALA A 185 26.56 17.07 5.78
N VAL A 186 25.43 17.45 5.21
CA VAL A 186 24.70 18.66 5.63
C VAL A 186 23.47 18.37 6.52
N GLY A 187 22.91 17.18 6.42
CA GLY A 187 21.77 16.81 7.26
C GLY A 187 21.17 15.50 6.80
N ILE A 188 20.15 14.98 7.49
CA ILE A 188 19.43 13.85 6.95
C ILE A 188 17.98 14.11 6.63
N PHE A 189 17.55 13.48 5.54
CA PHE A 189 16.25 13.66 4.97
C PHE A 189 15.25 13.07 5.94
N ARG A 190 14.22 13.85 6.32
CA ARG A 190 13.13 13.34 7.16
C ARG A 190 11.72 13.46 6.56
N ALA A 191 11.47 14.45 5.72
CA ALA A 191 10.13 14.63 5.15
C ALA A 191 10.13 15.44 3.87
N ALA A 192 9.07 15.27 3.08
CA ALA A 192 8.86 16.05 1.86
C ALA A 192 7.72 17.06 2.07
N VAL A 193 7.90 18.25 1.51
CA VAL A 193 6.87 19.27 1.49
C VAL A 193 6.14 19.12 0.16
N CYS A 194 4.83 18.86 0.24
CA CYS A 194 3.97 18.51 -0.90
C CYS A 194 2.87 19.53 -1.18
N THR A 195 2.64 19.80 -2.47
CA THR A 195 1.42 20.41 -2.99
C THR A 195 0.71 19.34 -3.79
N ARG A 196 -0.44 18.88 -3.32
CA ARG A 196 -1.33 18.00 -4.09
C ARG A 196 -0.65 16.73 -4.59
N GLY A 197 0.23 16.16 -3.78
CA GLY A 197 0.90 14.89 -4.10
C GLY A 197 2.31 14.97 -4.70
N VAL A 198 2.75 16.18 -5.05
CA VAL A 198 4.06 16.42 -5.68
C VAL A 198 5.00 17.11 -4.69
N ALA A 199 6.16 16.49 -4.46
CA ALA A 199 7.19 17.04 -3.61
C ALA A 199 7.91 18.21 -4.30
N LYS A 200 7.87 19.38 -3.67
CA LYS A 200 8.58 20.57 -4.15
C LYS A 200 9.70 20.99 -3.21
N ALA A 201 9.73 20.41 -2.01
CA ALA A 201 10.78 20.74 -1.06
C ALA A 201 10.98 19.57 -0.14
N VAL A 202 12.10 19.60 0.57
CA VAL A 202 12.48 18.51 1.44
C VAL A 202 12.86 19.14 2.75
N ASP A 203 12.49 18.46 3.82
CA ASP A 203 12.83 18.86 5.14
C ASP A 203 13.91 17.88 5.60
N PHE A 204 14.86 18.39 6.35
CA PHE A 204 15.95 17.56 6.84
C PHE A 204 16.37 18.00 8.24
N VAL A 205 16.98 17.08 8.98
CA VAL A 205 17.52 17.38 10.29
C VAL A 205 18.95 17.89 10.10
N PRO A 206 19.22 19.14 10.49
CA PRO A 206 20.54 19.64 10.12
C PRO A 206 21.62 18.96 10.89
N VAL A 207 22.80 18.94 10.31
CA VAL A 207 23.95 18.34 10.95
C VAL A 207 24.29 19.08 12.27
N GLU A 208 23.92 20.36 12.39
CA GLU A 208 24.05 21.11 13.65
C GLU A 208 23.30 20.41 14.78
N SER A 209 22.01 20.15 14.57
CA SER A 209 21.19 19.41 15.54
C SER A 209 21.83 18.07 15.98
N MET A 210 22.67 17.47 15.14
CA MET A 210 23.45 16.29 15.54
C MET A 210 24.67 16.61 16.41
N GLU A 211 25.20 17.83 16.29
CA GLU A 211 26.24 18.33 17.21
C GLU A 211 25.55 18.76 18.51
N THR A 212 24.50 19.57 18.38
CA THR A 212 23.63 19.95 19.50
C THR A 212 23.29 18.74 20.39
N THR A 213 23.26 17.55 19.78
CA THR A 213 22.88 16.31 20.45
C THR A 213 24.07 15.56 21.03
N MET A 214 25.15 15.44 20.28
CA MET A 214 26.36 14.87 20.85
C MET A 214 26.99 15.80 21.90
N ARG A 215 26.52 17.04 21.95
CA ARG A 215 26.97 18.02 22.94
C ARG A 215 25.90 18.17 24.06
N SER A 216 25.71 17.08 24.78
CA SER A 216 24.82 17.03 25.94
C SER A 216 25.02 15.67 26.61
N PRO A 217 24.54 15.52 27.87
CA PRO A 217 24.50 14.19 28.49
C PRO A 217 23.59 13.16 27.75
N VAL A 218 24.01 11.90 27.70
CA VAL A 218 23.21 10.80 27.10
C VAL A 218 22.08 10.32 28.03
N PHE A 219 22.17 10.63 29.34
CA PHE A 219 21.11 10.31 30.31
C PHE A 219 20.63 11.61 30.97
N THR A 220 19.32 11.74 31.18
CA THR A 220 18.74 12.82 32.03
C THR A 220 17.77 12.24 33.05
N ASP A 221 17.42 13.05 34.03
CA ASP A 221 16.63 12.58 35.15
C ASP A 221 15.11 12.76 34.99
N ASN A 222 14.60 13.96 35.28
CA ASN A 222 13.15 14.21 35.36
C ASN A 222 12.37 13.29 36.31
N SER A 223 13.05 12.56 37.20
CA SER A 223 12.34 11.62 38.11
C SER A 223 11.75 12.31 39.34
N SER A 224 12.23 13.52 39.64
CA SER A 224 11.81 14.27 40.83
C SER A 224 10.94 15.45 40.45
N PRO A 225 9.94 15.77 41.28
CA PRO A 225 9.22 17.01 41.07
C PRO A 225 10.16 18.19 41.06
N PRO A 226 9.99 19.09 40.10
CA PRO A 226 10.86 20.26 40.08
C PRO A 226 10.57 21.16 41.26
N ALA A 227 11.58 21.91 41.69
CA ALA A 227 11.37 22.95 42.69
C ALA A 227 10.72 24.10 41.94
N VAL A 228 9.88 24.87 42.62
CA VAL A 228 9.23 26.01 41.99
C VAL A 228 10.26 27.09 41.63
N PRO A 229 10.44 27.38 40.32
CA PRO A 229 11.42 28.39 39.94
C PRO A 229 10.93 29.80 40.24
N GLN A 230 11.84 30.76 40.09
CA GLN A 230 11.55 32.15 40.39
C GLN A 230 10.70 32.81 39.31
N SER A 231 11.00 32.53 38.04
CA SER A 231 10.10 32.93 36.97
C SER A 231 9.64 31.73 36.14
N PHE A 232 8.63 31.97 35.30
CA PHE A 232 7.92 30.91 34.57
C PHE A 232 8.83 29.91 33.90
N GLN A 233 8.50 28.63 34.09
CA GLN A 233 9.16 27.56 33.42
C GLN A 233 8.23 26.35 33.21
N VAL A 234 8.40 25.67 32.07
CA VAL A 234 7.78 24.39 31.79
C VAL A 234 8.76 23.29 32.22
N ALA A 235 8.33 22.32 33.03
CA ALA A 235 9.20 21.20 33.41
C ALA A 235 8.54 19.84 33.14
N HIS A 236 9.35 18.81 33.02
CA HIS A 236 8.81 17.46 32.81
C HIS A 236 8.97 16.66 34.06
N LEU A 237 8.00 15.81 34.37
CA LEU A 237 8.12 14.84 35.44
C LEU A 237 7.81 13.49 34.84
N HIS A 238 8.77 12.57 34.87
CA HIS A 238 8.56 11.21 34.36
C HIS A 238 8.66 10.24 35.53
N ALA A 239 7.54 9.77 36.04
CA ALA A 239 7.56 8.97 37.25
C ALA A 239 6.52 7.87 37.19
N PRO A 240 6.81 6.71 37.80
CA PRO A 240 5.84 5.62 37.79
C PRO A 240 4.47 6.05 38.31
N THR A 241 3.43 5.36 37.84
CA THR A 241 2.12 5.53 38.44
C THR A 241 2.19 4.98 39.86
N GLY A 242 1.56 5.68 40.80
CA GLY A 242 1.74 5.37 42.21
C GLY A 242 2.78 6.26 42.89
N SER A 243 3.65 6.88 42.10
CA SER A 243 4.56 7.93 42.60
C SER A 243 3.81 9.00 43.36
N GLY A 244 2.49 9.07 43.13
CA GLY A 244 1.65 10.11 43.68
C GLY A 244 1.94 11.41 42.95
N LYS A 245 2.11 11.30 41.63
CA LYS A 245 2.32 12.47 40.77
C LYS A 245 1.08 13.35 40.74
N SER A 246 -0.10 12.74 40.81
CA SER A 246 -1.34 13.52 40.95
C SER A 246 -1.86 13.75 42.37
N THR A 247 -1.35 13.01 43.36
CA THR A 247 -1.79 13.20 44.76
C THR A 247 -0.70 13.79 45.64
N LYS A 248 0.40 13.06 45.78
CA LYS A 248 1.48 13.44 46.67
C LYS A 248 2.21 14.73 46.25
N VAL A 249 2.57 14.87 44.98
CA VAL A 249 3.39 16.04 44.61
C VAL A 249 2.65 17.38 44.73
N PRO A 250 1.37 17.45 44.31
CA PRO A 250 0.67 18.72 44.47
C PRO A 250 0.36 19.09 45.92
N ALA A 251 0.10 18.10 46.78
CA ALA A 251 -0.05 18.35 48.23
C ALA A 251 1.19 19.07 48.78
N ALA A 252 2.37 18.52 48.46
CA ALA A 252 3.63 19.17 48.78
C ALA A 252 3.63 20.64 48.38
N TYR A 253 3.32 20.93 47.12
CA TYR A 253 3.42 22.30 46.60
C TYR A 253 2.48 23.24 47.36
N ALA A 254 1.33 22.71 47.77
CA ALA A 254 0.35 23.48 48.52
C ALA A 254 0.79 23.62 49.99
N ALA A 255 1.52 22.65 50.52
CA ALA A 255 2.22 22.79 51.81
C ALA A 255 3.20 24.00 51.83
N GLN A 256 3.85 24.29 50.71
CA GLN A 256 4.71 25.47 50.59
C GLN A 256 3.90 26.75 50.31
N GLY A 257 2.58 26.62 50.25
CA GLY A 257 1.70 27.77 50.10
C GLY A 257 1.50 28.25 48.68
N TYR A 258 1.54 27.33 47.72
CA TYR A 258 1.23 27.64 46.33
C TYR A 258 -0.18 27.17 45.91
N LYS A 259 -0.87 27.92 45.06
CA LYS A 259 -2.08 27.42 44.42
C LYS A 259 -1.67 26.43 43.33
N VAL A 260 -2.23 25.21 43.35
CA VAL A 260 -1.94 24.22 42.33
C VAL A 260 -3.21 23.65 41.67
N LEU A 261 -3.19 23.55 40.33
CA LEU A 261 -4.25 22.94 39.54
C LEU A 261 -3.75 21.61 38.94
N VAL A 262 -4.55 20.57 39.09
CA VAL A 262 -4.18 19.27 38.53
C VAL A 262 -5.17 18.88 37.45
N LEU A 263 -4.67 18.86 36.20
CA LEU A 263 -5.44 18.49 35.02
C LEU A 263 -5.20 17.02 34.65
N ASN A 264 -6.28 16.29 34.44
CA ASN A 264 -6.23 14.89 34.07
C ASN A 264 -7.23 14.60 32.94
N PRO A 265 -6.95 13.66 32.02
CA PRO A 265 -7.94 13.33 30.99
C PRO A 265 -9.25 12.69 31.48
N SER A 266 -9.23 12.04 32.64
CA SER A 266 -10.33 11.16 33.07
C SER A 266 -11.17 11.81 34.16
N VAL A 267 -12.48 11.84 33.97
CA VAL A 267 -13.36 12.32 35.03
C VAL A 267 -13.30 11.39 36.24
N ALA A 268 -13.22 10.08 36.02
CA ALA A 268 -13.08 9.13 37.14
C ALA A 268 -11.78 9.35 37.93
N ALA A 269 -10.66 9.44 37.23
CA ALA A 269 -9.41 9.62 37.95
C ALA A 269 -9.45 10.93 38.76
N THR A 270 -9.99 12.00 38.16
CA THR A 270 -10.08 13.31 38.81
C THR A 270 -10.92 13.35 40.09
N LEU A 271 -12.06 12.67 40.09
CA LEU A 271 -12.86 12.53 41.32
C LEU A 271 -12.13 11.66 42.34
N GLY A 272 -11.47 10.61 41.85
CA GLY A 272 -10.67 9.71 42.65
C GLY A 272 -9.49 10.37 43.36
N PHE A 273 -8.82 11.34 42.73
CA PHE A 273 -7.73 12.09 43.42
C PHE A 273 -8.28 13.05 44.46
N GLY A 274 -9.39 13.72 44.15
CA GLY A 274 -10.04 14.62 45.09
C GLY A 274 -10.48 13.90 46.34
N ALA A 275 -11.23 12.81 46.16
CA ALA A 275 -11.70 11.97 47.26
C ALA A 275 -10.56 11.37 48.07
N TYR A 276 -9.41 11.14 47.43
CA TYR A 276 -8.23 10.59 48.09
C TYR A 276 -7.49 11.65 48.87
N MET A 277 -7.60 12.90 48.46
CA MET A 277 -6.86 13.97 49.11
C MET A 277 -7.45 14.36 50.46
N SER A 278 -8.73 14.70 50.49
CA SER A 278 -9.40 15.08 51.75
C SER A 278 -9.30 14.00 52.83
N LYS A 279 -9.11 12.75 52.42
CA LYS A 279 -8.90 11.63 53.34
C LYS A 279 -7.42 11.54 53.74
N ALA A 280 -6.60 10.91 52.91
CA ALA A 280 -5.19 10.67 53.25
C ALA A 280 -4.28 11.87 52.97
N HIS A 281 -4.60 13.03 53.53
CA HIS A 281 -3.86 14.27 53.24
C HIS A 281 -4.45 15.54 53.83
N GLY A 282 -5.72 15.50 54.24
CA GLY A 282 -6.35 16.61 54.96
C GLY A 282 -6.44 17.94 54.22
N ILE A 283 -6.85 17.88 52.94
CA ILE A 283 -7.24 19.08 52.18
C ILE A 283 -8.48 18.72 51.36
N ASP A 284 -9.52 19.54 51.44
CA ASP A 284 -10.71 19.36 50.58
C ASP A 284 -10.49 20.22 49.35
N PRO A 285 -10.05 19.57 48.26
CA PRO A 285 -9.65 20.34 47.10
C PRO A 285 -10.86 20.79 46.34
N ASN A 286 -10.76 21.89 45.62
CA ASN A 286 -11.74 22.19 44.59
C ASN A 286 -11.79 21.04 43.56
N ILE A 287 -12.98 20.70 43.10
CA ILE A 287 -13.18 19.69 42.04
C ILE A 287 -13.99 20.29 40.91
N ARG A 288 -13.46 20.24 39.69
CA ARG A 288 -14.15 20.71 38.50
C ARG A 288 -14.27 19.61 37.44
N THR A 289 -15.48 19.10 37.28
CA THR A 289 -15.83 18.19 36.21
C THR A 289 -17.27 18.50 35.75
N GLY A 290 -17.66 18.01 34.58
CA GLY A 290 -19.02 18.13 34.07
C GLY A 290 -20.06 17.57 35.02
N VAL A 291 -19.84 16.35 35.49
CA VAL A 291 -20.77 15.71 36.41
C VAL A 291 -20.71 16.23 37.86
N ARG A 292 -19.55 16.73 38.30
CA ARG A 292 -19.46 17.19 39.69
C ARG A 292 -18.45 18.32 39.92
N THR A 293 -18.95 19.48 40.31
CA THR A 293 -18.16 20.66 40.57
C THR A 293 -18.34 21.11 42.03
N ILE A 294 -17.23 21.25 42.75
CA ILE A 294 -17.24 21.64 44.15
C ILE A 294 -16.18 22.73 44.36
N THR A 295 -16.59 23.94 44.75
CA THR A 295 -15.69 25.03 45.15
C THR A 295 -15.59 25.10 46.67
N THR A 296 -14.49 24.59 47.25
CA THR A 296 -14.17 24.72 48.68
C THR A 296 -13.28 25.92 49.07
N GLY A 297 -12.82 26.72 48.11
CA GLY A 297 -11.87 27.78 48.41
C GLY A 297 -10.43 27.34 48.66
N ALA A 298 -10.17 26.04 48.65
CA ALA A 298 -8.82 25.53 48.88
C ALA A 298 -7.83 25.95 47.77
N PRO A 299 -6.53 25.71 48.01
CA PRO A 299 -5.47 26.02 47.07
C PRO A 299 -5.05 24.84 46.14
N VAL A 300 -5.66 23.66 46.29
CA VAL A 300 -5.57 22.62 45.27
C VAL A 300 -6.93 22.52 44.53
N THR A 301 -6.86 22.34 43.22
CA THR A 301 -8.02 22.20 42.36
C THR A 301 -7.73 21.03 41.42
N TYR A 302 -8.69 20.12 41.28
CA TYR A 302 -8.57 18.99 40.36
C TYR A 302 -9.61 19.17 39.29
N SER A 303 -9.18 19.19 38.03
CA SER A 303 -10.07 19.35 36.86
C SER A 303 -9.71 18.38 35.72
N THR A 304 -10.66 18.06 34.87
CA THR A 304 -10.35 17.47 33.58
C THR A 304 -9.92 18.57 32.63
N TYR A 305 -9.30 18.18 31.52
CA TYR A 305 -8.93 19.15 30.51
C TYR A 305 -10.16 19.75 29.86
N GLY A 306 -11.19 18.94 29.68
CA GLY A 306 -12.45 19.41 29.11
C GLY A 306 -13.18 20.49 29.91
N LYS A 307 -13.26 20.31 31.23
CA LYS A 307 -13.95 21.33 32.06
C LYS A 307 -13.13 22.60 32.11
N PHE A 308 -11.83 22.43 32.17
CA PHE A 308 -10.89 23.51 32.03
C PHE A 308 -11.11 24.29 30.73
N LEU A 309 -11.25 23.59 29.61
CA LEU A 309 -11.54 24.26 28.34
C LEU A 309 -12.95 24.86 28.37
N ALA A 310 -13.93 24.14 28.91
CA ALA A 310 -15.30 24.68 29.03
C ALA A 310 -15.34 25.94 29.87
N ASP A 311 -14.47 26.02 30.88
CA ASP A 311 -14.32 27.22 31.70
C ASP A 311 -13.55 28.37 31.02
N GLY A 312 -13.14 28.18 29.77
CA GLY A 312 -12.35 29.18 29.09
C GLY A 312 -10.90 29.23 29.56
N GLY A 313 -10.36 28.06 29.90
CA GLY A 313 -8.93 27.96 30.24
C GLY A 313 -8.53 28.74 31.49
N CYS A 314 -7.33 29.33 31.47
CA CYS A 314 -6.79 30.00 32.66
C CYS A 314 -7.57 31.25 33.05
N SER A 315 -8.18 31.19 34.23
CA SER A 315 -8.83 32.35 34.82
C SER A 315 -7.73 33.14 35.57
N GLY A 316 -7.23 34.19 34.91
CA GLY A 316 -6.04 34.95 35.36
C GLY A 316 -5.81 35.19 36.85
N GLY A 317 -4.56 35.03 37.28
CA GLY A 317 -4.19 35.14 38.70
C GLY A 317 -4.42 33.89 39.54
N ALA A 318 -5.17 32.92 39.02
CA ALA A 318 -5.71 31.83 39.84
C ALA A 318 -4.66 30.88 40.41
N TYR A 319 -3.69 30.44 39.60
CA TYR A 319 -2.78 29.35 40.05
C TYR A 319 -1.31 29.66 39.81
N ASP A 320 -0.47 29.10 40.65
CA ASP A 320 0.97 29.25 40.54
C ASP A 320 1.60 28.07 39.79
N ILE A 321 1.07 26.88 40.02
CA ILE A 321 1.53 25.64 39.41
C ILE A 321 0.35 24.92 38.76
N ILE A 322 0.53 24.54 37.49
CA ILE A 322 -0.44 23.72 36.77
C ILE A 322 0.28 22.41 36.46
N ILE A 323 -0.24 21.31 37.00
CA ILE A 323 0.26 19.98 36.70
C ILE A 323 -0.62 19.36 35.61
N CYS A 324 -0.01 19.01 34.48
CA CYS A 324 -0.72 18.41 33.34
C CYS A 324 -0.48 16.92 33.32
N ASP A 325 -1.34 16.18 33.99
CA ASP A 325 -1.10 14.77 34.14
C ASP A 325 -1.47 14.05 32.85
N GLU A 326 -0.86 12.89 32.66
CA GLU A 326 -1.03 12.12 31.46
C GLU A 326 -0.77 12.93 30.20
N CYS A 327 0.20 13.82 30.24
CA CYS A 327 0.53 14.59 29.06
C CYS A 327 1.01 13.71 27.85
N HIS A 328 1.09 12.40 28.03
CA HIS A 328 1.26 11.45 26.90
C HIS A 328 0.01 11.17 26.09
N SER A 329 -1.16 11.53 26.62
CA SER A 329 -2.43 11.28 25.93
C SER A 329 -2.55 12.11 24.66
N THR A 330 -2.98 11.46 23.59
CA THR A 330 -3.09 12.13 22.29
C THR A 330 -4.54 12.22 21.86
N ASP A 331 -5.46 12.07 22.79
CA ASP A 331 -6.83 12.52 22.56
C ASP A 331 -6.84 14.05 22.35
N SER A 332 -7.85 14.52 21.64
CA SER A 332 -7.89 15.88 21.22
C SER A 332 -8.11 16.86 22.38
N THR A 333 -8.93 16.47 23.36
CA THR A 333 -9.21 17.28 24.53
C THR A 333 -7.96 17.56 25.32
N THR A 334 -7.10 16.55 25.45
CA THR A 334 -5.85 16.72 26.20
C THR A 334 -4.90 17.61 25.43
N ILE A 335 -4.77 17.39 24.13
CA ILE A 335 -3.85 18.21 23.33
C ILE A 335 -4.25 19.69 23.37
N LEU A 336 -5.55 19.93 23.26
CA LEU A 336 -6.08 21.27 23.28
C LEU A 336 -5.94 21.95 24.68
N GLY A 337 -6.12 21.17 25.74
CA GLY A 337 -5.98 21.67 27.09
C GLY A 337 -4.55 22.07 27.41
N ILE A 338 -3.64 21.15 27.18
CA ILE A 338 -2.23 21.36 27.43
C ILE A 338 -1.72 22.52 26.60
N GLY A 339 -2.19 22.62 25.37
CA GLY A 339 -1.85 23.72 24.51
C GLY A 339 -2.34 25.05 25.03
N THR A 340 -3.53 25.04 25.64
CA THR A 340 -4.12 26.23 26.24
C THR A 340 -3.29 26.66 27.47
N VAL A 341 -2.99 25.68 28.33
CA VAL A 341 -2.11 25.93 29.48
C VAL A 341 -0.81 26.59 29.07
N LEU A 342 -0.19 26.10 28.00
CA LEU A 342 1.13 26.56 27.58
C LEU A 342 1.10 27.94 26.89
N ASP A 343 0.03 28.22 26.15
CA ASP A 343 -0.16 29.54 25.59
C ASP A 343 -0.52 30.60 26.65
N GLN A 344 -1.24 30.21 27.70
CA GLN A 344 -1.84 31.17 28.62
C GLN A 344 -1.19 31.27 30.02
N ALA A 345 -0.40 30.27 30.43
CA ALA A 345 -0.07 30.15 31.85
C ALA A 345 0.89 31.25 32.36
N GLU A 346 1.93 31.58 31.59
CA GLU A 346 2.87 32.61 32.01
C GLU A 346 2.21 34.00 32.10
N THR A 347 1.39 34.33 31.11
CA THR A 347 0.67 35.61 31.07
C THR A 347 -0.44 35.70 32.15
N ALA A 348 -0.81 34.57 32.73
CA ALA A 348 -1.81 34.54 33.79
C ALA A 348 -1.16 34.41 35.17
N GLY A 349 0.17 34.48 35.25
CA GLY A 349 0.90 34.57 36.52
C GLY A 349 1.42 33.30 37.17
N ALA A 350 1.23 32.17 36.53
CA ALA A 350 1.82 30.92 37.01
C ALA A 350 3.35 30.96 36.91
N ARG A 351 4.02 30.18 37.75
CA ARG A 351 5.48 30.10 37.74
C ARG A 351 5.95 28.73 37.22
N LEU A 352 5.08 27.73 37.27
CA LEU A 352 5.49 26.39 36.85
C LEU A 352 4.35 25.61 36.17
N VAL A 353 4.68 25.04 35.01
CA VAL A 353 3.85 24.03 34.38
C VAL A 353 4.63 22.74 34.44
N VAL A 354 4.00 21.66 34.90
CA VAL A 354 4.63 20.37 35.00
C VAL A 354 3.95 19.39 34.03
N LEU A 355 4.70 18.92 33.03
CA LEU A 355 4.17 17.96 32.10
C LEU A 355 4.47 16.56 32.60
N ALA A 356 3.44 15.87 33.08
CA ALA A 356 3.58 14.65 33.88
C ALA A 356 3.12 13.38 33.15
N THR A 357 3.96 12.35 33.18
CA THR A 357 3.59 11.04 32.66
C THR A 357 4.58 9.96 33.06
N ALA A 358 4.13 8.71 33.07
CA ALA A 358 5.02 7.57 33.25
C ALA A 358 5.65 7.10 31.93
N THR A 359 5.04 7.47 30.81
CA THR A 359 5.41 6.94 29.50
C THR A 359 5.67 8.08 28.51
N PRO A 360 6.76 8.81 28.67
CA PRO A 360 7.06 9.96 27.81
C PRO A 360 7.38 9.51 26.39
N PRO A 361 7.40 10.44 25.42
CA PRO A 361 7.69 10.02 24.05
C PRO A 361 9.04 9.31 23.94
N GLY A 362 9.06 8.18 23.26
CA GLY A 362 10.30 7.44 23.05
C GLY A 362 10.59 6.39 24.09
N SER A 363 9.69 6.20 25.05
CA SER A 363 9.96 5.31 26.14
C SER A 363 9.69 3.86 25.74
N VAL A 364 10.58 2.95 26.16
CA VAL A 364 10.42 1.52 25.87
C VAL A 364 9.62 0.85 26.98
N THR A 365 8.78 -0.13 26.65
CA THR A 365 8.22 -1.02 27.68
C THR A 365 9.34 -1.90 28.28
N VAL A 366 9.33 -2.08 29.60
CA VAL A 366 10.34 -2.87 30.30
C VAL A 366 9.64 -3.71 31.38
N PRO A 367 10.26 -4.83 31.80
CA PRO A 367 9.55 -5.72 32.72
C PRO A 367 9.12 -5.03 34.02
N HIS A 368 7.95 -5.39 34.54
CA HIS A 368 7.44 -4.91 35.82
C HIS A 368 7.55 -6.01 36.88
N PRO A 369 8.32 -5.77 37.96
CA PRO A 369 8.63 -6.85 38.90
C PRO A 369 7.41 -7.61 39.48
N ASN A 370 6.25 -6.96 39.58
CA ASN A 370 5.03 -7.61 40.09
C ASN A 370 4.20 -8.38 39.06
N ILE A 371 4.59 -8.35 37.78
CA ILE A 371 3.69 -8.84 36.72
C ILE A 371 4.35 -9.90 35.83
N GLU A 372 3.78 -11.10 35.77
CA GLU A 372 4.30 -12.14 34.91
C GLU A 372 3.57 -12.15 33.56
N GLU A 373 4.37 -12.22 32.49
CA GLU A 373 3.89 -12.01 31.14
C GLU A 373 3.89 -13.33 30.36
N VAL A 374 2.70 -13.81 30.00
CA VAL A 374 2.51 -15.12 29.39
C VAL A 374 1.90 -14.99 28.01
N ALA A 375 2.73 -15.21 27.00
CA ALA A 375 2.24 -15.36 25.62
C ALA A 375 1.12 -16.38 25.55
N LEU A 376 -0.01 -15.97 24.97
CA LEU A 376 -1.07 -16.89 24.62
C LEU A 376 -0.55 -17.81 23.51
N SER A 377 -1.21 -18.94 23.35
CA SER A 377 -0.85 -19.91 22.33
C SER A 377 -2.13 -20.29 21.63
N ASN A 378 -2.04 -21.26 20.72
CA ASN A 378 -3.21 -21.75 20.00
C ASN A 378 -4.06 -22.73 20.79
N THR A 379 -3.59 -23.09 21.98
CA THR A 379 -4.25 -24.06 22.84
C THR A 379 -5.07 -23.28 23.90
N GLY A 380 -6.36 -23.60 24.00
CA GLY A 380 -7.28 -22.85 24.85
C GLY A 380 -8.69 -23.01 24.32
N GLU A 381 -9.68 -22.85 25.20
CA GLU A 381 -11.08 -23.07 24.81
C GLU A 381 -11.70 -21.87 24.11
N ILE A 382 -11.17 -20.67 24.34
CA ILE A 382 -11.78 -19.43 23.81
C ILE A 382 -10.89 -18.83 22.71
N PRO A 383 -11.40 -18.75 21.47
CA PRO A 383 -10.61 -18.12 20.39
C PRO A 383 -10.45 -16.64 20.63
N PHE A 384 -9.23 -16.16 20.47
CA PHE A 384 -8.94 -14.76 20.77
C PHE A 384 -7.85 -14.21 19.85
N TYR A 385 -8.29 -13.43 18.85
CA TYR A 385 -7.39 -12.81 17.86
C TYR A 385 -6.35 -13.77 17.23
N GLY A 386 -6.82 -14.92 16.75
CA GLY A 386 -5.92 -15.91 16.17
C GLY A 386 -5.30 -16.85 17.20
N LYS A 387 -5.28 -16.43 18.46
CA LYS A 387 -4.77 -17.26 19.54
C LYS A 387 -5.94 -17.78 20.34
N ALA A 388 -5.66 -18.35 21.52
CA ALA A 388 -6.73 -18.83 22.40
C ALA A 388 -6.44 -18.62 23.88
N ILE A 389 -7.48 -18.29 24.62
CA ILE A 389 -7.38 -18.15 26.07
C ILE A 389 -7.91 -19.42 26.74
N PRO A 390 -7.09 -20.06 27.59
CA PRO A 390 -7.60 -21.18 28.41
C PRO A 390 -8.51 -20.72 29.55
N ILE A 391 -9.63 -21.44 29.76
CA ILE A 391 -10.63 -21.06 30.78
C ILE A 391 -10.07 -21.00 32.18
N GLU A 392 -9.35 -22.05 32.56
CA GLU A 392 -8.70 -22.11 33.86
C GLU A 392 -8.04 -20.77 34.19
N ALA A 393 -7.43 -20.13 33.18
CA ALA A 393 -6.71 -18.89 33.36
C ALA A 393 -7.57 -17.71 33.78
N ILE A 394 -8.89 -17.85 33.66
CA ILE A 394 -9.80 -16.74 33.99
C ILE A 394 -11.08 -17.13 34.76
N ARG A 395 -11.21 -18.37 35.23
CA ARG A 395 -12.46 -18.77 35.89
C ARG A 395 -12.56 -18.21 37.31
N GLY A 396 -11.53 -18.43 38.11
CA GLY A 396 -11.50 -17.82 39.43
C GLY A 396 -11.02 -16.39 39.30
N GLY A 397 -11.73 -15.47 39.94
CA GLY A 397 -11.17 -14.14 40.21
C GLY A 397 -11.72 -13.00 39.36
N ARG A 398 -10.89 -11.97 39.23
CA ARG A 398 -11.25 -10.74 38.53
C ARG A 398 -10.20 -10.41 37.45
N HIS A 399 -10.65 -10.44 36.19
CA HIS A 399 -9.78 -10.31 35.01
C HIS A 399 -10.26 -9.28 33.98
N LEU A 400 -9.30 -8.76 33.22
CA LEU A 400 -9.57 -7.73 32.20
C LEU A 400 -9.01 -8.18 30.84
N ILE A 401 -9.90 -8.24 29.86
CA ILE A 401 -9.55 -8.58 28.48
C ILE A 401 -9.71 -7.32 27.64
N PHE A 402 -8.61 -6.77 27.13
CA PHE A 402 -8.68 -5.67 26.17
C PHE A 402 -8.95 -6.18 24.74
N CYS A 403 -10.08 -5.78 24.17
CA CYS A 403 -10.39 -5.97 22.74
C CYS A 403 -10.45 -4.65 22.02
N HIS A 404 -10.21 -4.68 20.70
CA HIS A 404 -10.10 -3.45 19.88
C HIS A 404 -11.41 -2.70 19.62
N SER A 405 -12.54 -3.41 19.60
CA SER A 405 -13.81 -2.82 19.18
C SER A 405 -15.03 -3.19 20.04
N LYS A 406 -16.09 -2.41 19.89
CA LYS A 406 -17.36 -2.65 20.55
C LYS A 406 -17.91 -4.04 20.25
N LYS A 407 -17.84 -4.45 18.98
CA LYS A 407 -18.46 -5.69 18.51
C LYS A 407 -17.70 -6.94 19.01
N LYS A 408 -16.40 -6.86 19.14
CA LYS A 408 -15.64 -8.02 19.61
C LYS A 408 -15.89 -8.27 21.10
N CYS A 409 -16.08 -7.20 21.85
CA CYS A 409 -16.41 -7.28 23.27
C CYS A 409 -17.77 -7.95 23.48
N ASP A 410 -18.76 -7.49 22.73
CA ASP A 410 -20.10 -8.04 22.86
C ASP A 410 -20.11 -9.52 22.48
N GLU A 411 -19.40 -9.87 21.41
CA GLU A 411 -19.30 -11.28 21.01
C GLU A 411 -18.57 -12.13 22.04
N LEU A 412 -17.42 -11.63 22.50
CA LEU A 412 -16.63 -12.33 23.51
C LEU A 412 -17.29 -12.37 24.90
N ALA A 413 -18.14 -11.40 25.21
CA ALA A 413 -18.93 -11.46 26.44
C ALA A 413 -20.03 -12.50 26.25
N ALA A 414 -20.87 -12.30 25.23
CA ALA A 414 -21.94 -13.24 24.89
C ALA A 414 -21.45 -14.71 24.81
N LYS A 415 -20.21 -14.92 24.36
CA LYS A 415 -19.61 -16.26 24.42
C LYS A 415 -19.21 -16.65 25.86
N LEU A 416 -18.40 -15.83 26.53
CA LEU A 416 -17.92 -16.16 27.88
C LEU A 416 -19.05 -16.45 28.88
N SER A 417 -20.17 -15.73 28.77
CA SER A 417 -21.35 -16.02 29.58
C SER A 417 -22.11 -17.27 29.10
N GLY A 418 -21.81 -17.75 27.89
CA GLY A 418 -22.23 -19.08 27.44
C GLY A 418 -21.49 -20.16 28.20
N LEU A 419 -20.15 -20.08 28.19
CA LEU A 419 -19.30 -21.00 28.96
C LEU A 419 -19.57 -20.91 30.46
N GLY A 420 -20.37 -19.93 30.86
CA GLY A 420 -20.67 -19.72 32.27
C GLY A 420 -19.50 -19.07 32.97
N ILE A 421 -19.27 -17.79 32.66
CA ILE A 421 -18.47 -16.89 33.52
C ILE A 421 -19.24 -15.56 33.64
N ASN A 422 -18.95 -14.80 34.68
CA ASN A 422 -19.56 -13.49 34.86
C ASN A 422 -18.81 -12.48 33.99
N ALA A 423 -19.35 -12.21 32.80
CA ALA A 423 -18.67 -11.39 31.81
C ALA A 423 -19.51 -10.17 31.45
N VAL A 424 -19.00 -8.96 31.74
CA VAL A 424 -19.67 -7.75 31.26
C VAL A 424 -18.79 -7.00 30.28
N ALA A 425 -19.42 -6.48 29.22
CA ALA A 425 -18.74 -5.65 28.25
C ALA A 425 -18.82 -4.18 28.70
N TYR A 426 -17.71 -3.45 28.59
CA TYR A 426 -17.71 -2.01 28.81
C TYR A 426 -17.06 -1.29 27.64
N TYR A 427 -17.70 -0.22 27.18
CA TYR A 427 -17.20 0.61 26.11
C TYR A 427 -17.94 1.94 26.05
N ARG A 428 -17.32 2.93 25.39
CA ARG A 428 -17.90 4.27 25.28
C ARG A 428 -19.39 4.20 24.96
N GLY A 429 -20.18 4.95 25.72
CA GLY A 429 -21.63 4.93 25.60
C GLY A 429 -22.34 4.01 26.59
N LEU A 430 -21.58 3.37 27.49
CA LEU A 430 -22.14 2.52 28.54
C LEU A 430 -21.75 3.06 29.90
N ASP A 431 -22.39 2.55 30.93
CA ASP A 431 -22.22 3.07 32.28
C ASP A 431 -21.12 2.37 33.06
N VAL A 432 -20.16 3.15 33.55
CA VAL A 432 -19.06 2.66 34.37
C VAL A 432 -19.51 1.65 35.41
N SER A 433 -20.75 1.81 35.87
CA SER A 433 -21.33 0.95 36.90
C SER A 433 -21.76 -0.45 36.40
N VAL A 434 -21.80 -0.68 35.09
CA VAL A 434 -22.07 -2.03 34.57
C VAL A 434 -21.05 -3.08 35.08
N ILE A 435 -19.95 -2.61 35.65
CA ILE A 435 -18.94 -3.46 36.26
C ILE A 435 -19.25 -3.61 37.74
N PRO A 436 -19.10 -4.84 38.31
CA PRO A 436 -19.18 -5.05 39.76
C PRO A 436 -17.86 -4.74 40.47
N THR A 437 -17.90 -4.61 41.80
CA THR A 437 -16.80 -3.92 42.53
C THR A 437 -15.68 -4.65 43.32
N ILE A 438 -15.83 -5.82 43.98
CA ILE A 438 -16.97 -6.73 44.15
C ILE A 438 -16.82 -8.23 43.83
N GLY A 439 -17.69 -8.83 43.00
CA GLY A 439 -17.72 -10.31 42.89
C GLY A 439 -16.52 -11.02 42.26
N ASP A 440 -16.82 -12.08 41.51
CA ASP A 440 -15.92 -12.60 40.47
C ASP A 440 -16.34 -11.88 39.17
N VAL A 441 -15.40 -11.66 38.27
CA VAL A 441 -15.73 -10.98 37.00
C VAL A 441 -14.63 -11.09 35.93
N VAL A 442 -15.09 -11.13 34.68
CA VAL A 442 -14.21 -10.98 33.54
C VAL A 442 -14.77 -9.81 32.76
N VAL A 443 -14.08 -8.67 32.82
CA VAL A 443 -14.52 -7.48 32.10
C VAL A 443 -13.83 -7.42 30.72
N VAL A 444 -14.65 -7.28 29.69
CA VAL A 444 -14.18 -7.25 28.32
C VAL A 444 -14.41 -5.82 27.79
N ALA A 445 -13.32 -5.08 27.58
CA ALA A 445 -13.38 -3.63 27.42
C ALA A 445 -12.53 -3.16 26.25
N THR A 446 -12.84 -1.95 25.76
CA THR A 446 -11.97 -1.19 24.89
C THR A 446 -11.12 -0.28 25.77
N ASP A 447 -10.38 0.65 25.16
CA ASP A 447 -9.56 1.61 25.93
C ASP A 447 -10.41 2.65 26.68
N ALA A 448 -11.71 2.76 26.35
CA ALA A 448 -12.65 3.61 27.12
C ALA A 448 -12.57 3.29 28.62
N LEU A 449 -12.33 2.02 28.91
CA LEU A 449 -12.16 1.54 30.28
C LEU A 449 -11.26 2.45 31.08
N MET A 450 -10.18 2.88 30.46
CA MET A 450 -9.12 3.56 31.19
C MET A 450 -9.38 5.05 31.39
N THR A 451 -10.57 5.52 31.03
CA THR A 451 -11.03 6.84 31.45
C THR A 451 -12.25 6.69 32.34
N GLY A 452 -13.08 5.69 32.06
CA GLY A 452 -14.33 5.48 32.80
C GLY A 452 -14.18 4.86 34.18
N TYR A 453 -13.10 4.12 34.39
CA TYR A 453 -13.00 3.18 35.51
C TYR A 453 -11.58 3.14 36.08
N THR A 454 -11.46 3.16 37.40
CA THR A 454 -10.14 3.30 38.04
C THR A 454 -9.53 1.99 38.59
N GLY A 455 -10.37 1.00 38.90
CA GLY A 455 -9.91 -0.26 39.51
C GLY A 455 -8.94 -1.10 38.70
N ASP A 456 -8.35 -2.10 39.34
CA ASP A 456 -7.39 -2.99 38.68
C ASP A 456 -7.76 -4.47 38.89
N PHE A 457 -6.87 -5.40 38.52
CA PHE A 457 -7.27 -6.80 38.26
C PHE A 457 -6.19 -7.87 38.53
N ASP A 458 -6.63 -9.12 38.54
CA ASP A 458 -5.73 -10.25 38.80
C ASP A 458 -4.85 -10.48 37.56
N SER A 459 -5.50 -10.47 36.40
CA SER A 459 -4.82 -10.61 35.13
C SER A 459 -5.44 -9.73 34.05
N VAL A 460 -4.60 -9.32 33.11
CA VAL A 460 -5.03 -8.54 31.96
C VAL A 460 -4.69 -9.37 30.72
N ILE A 461 -5.68 -9.52 29.84
CA ILE A 461 -5.46 -10.14 28.52
C ILE A 461 -5.53 -9.08 27.40
N ASP A 462 -4.41 -8.89 26.69
CA ASP A 462 -4.25 -7.81 25.70
C ASP A 462 -4.20 -8.37 24.29
N CYS A 463 -5.17 -7.98 23.46
CA CYS A 463 -5.13 -8.28 22.02
C CYS A 463 -3.99 -7.55 21.31
N ASN A 464 -3.46 -6.49 21.93
CA ASN A 464 -2.28 -5.74 21.43
C ASN A 464 -2.48 -4.94 20.15
N THR A 465 -3.74 -4.66 19.81
CA THR A 465 -4.09 -3.81 18.68
C THR A 465 -5.06 -2.71 19.13
N CYS A 466 -5.11 -1.61 18.38
CA CYS A 466 -6.16 -0.62 18.61
C CYS A 466 -6.63 0.08 17.35
N VAL A 467 -7.75 0.78 17.49
CA VAL A 467 -8.34 1.51 16.40
C VAL A 467 -7.75 2.92 16.34
N THR A 468 -7.36 3.34 15.15
CA THR A 468 -6.77 4.66 14.95
C THR A 468 -7.41 5.33 13.75
N GLN A 469 -7.29 6.65 13.70
CA GLN A 469 -7.78 7.42 12.58
C GLN A 469 -6.61 8.05 11.92
N THR A 470 -6.58 7.98 10.60
CA THR A 470 -5.55 8.62 9.82
C THR A 470 -6.20 9.41 8.75
N VAL A 471 -5.55 10.50 8.39
CA VAL A 471 -6.05 11.29 7.33
C VAL A 471 -5.26 10.97 6.10
N ASP A 472 -5.94 11.04 4.97
CA ASP A 472 -5.31 10.79 3.69
C ASP A 472 -5.70 11.95 2.78
N PHE A 473 -4.71 12.69 2.31
CA PHE A 473 -4.95 13.81 1.41
C PHE A 473 -5.25 13.31 -0.01
N SER A 474 -6.46 12.79 -0.24
CA SER A 474 -6.70 11.89 -1.37
C SER A 474 -7.27 12.56 -2.61
N LEU A 475 -7.65 13.82 -2.48
CA LEU A 475 -8.07 14.67 -3.62
C LEU A 475 -9.28 14.06 -4.37
N ASP A 476 -10.15 13.38 -3.61
CA ASP A 476 -11.25 12.62 -4.16
C ASP A 476 -12.61 12.98 -3.57
N PRO A 477 -12.96 14.26 -3.46
CA PRO A 477 -12.29 15.48 -3.92
C PRO A 477 -11.24 16.11 -2.99
N THR A 478 -11.30 15.84 -1.69
CA THR A 478 -10.51 16.63 -0.76
C THR A 478 -9.62 15.75 0.13
N PHE A 479 -10.13 15.35 1.29
CA PHE A 479 -9.39 14.46 2.17
C PHE A 479 -10.33 13.36 2.70
N THR A 480 -9.72 12.37 3.33
CA THR A 480 -10.40 11.21 3.85
C THR A 480 -9.87 10.98 5.26
N ILE A 481 -10.78 10.76 6.19
CA ILE A 481 -10.41 10.29 7.51
C ILE A 481 -10.82 8.84 7.54
N GLU A 482 -9.84 7.94 7.69
CA GLU A 482 -10.10 6.50 7.68
C GLU A 482 -9.84 5.93 9.05
N THR A 483 -10.61 4.91 9.39
CA THR A 483 -10.41 4.17 10.65
C THR A 483 -9.74 2.87 10.28
N THR A 484 -8.64 2.56 10.96
CA THR A 484 -7.92 1.30 10.73
C THR A 484 -7.52 0.69 12.08
N THR A 485 -7.36 -0.63 12.07
CA THR A 485 -6.91 -1.35 13.24
C THR A 485 -5.44 -1.60 13.08
N VAL A 486 -4.65 -0.97 13.94
CA VAL A 486 -3.21 -1.04 13.85
C VAL A 486 -2.62 -1.64 15.13
N PRO A 487 -1.33 -2.08 15.08
CA PRO A 487 -0.63 -2.59 16.25
C PRO A 487 -0.46 -1.54 17.33
N GLN A 488 -0.68 -1.90 18.58
CA GLN A 488 -0.51 -1.00 19.73
C GLN A 488 0.91 -0.47 19.85
N ASP A 489 1.06 0.66 20.55
CA ASP A 489 2.37 1.22 20.82
C ASP A 489 2.78 1.04 22.30
N ALA A 490 3.99 1.48 22.64
CA ALA A 490 4.53 1.29 24.00
C ALA A 490 3.64 1.91 25.10
N VAL A 491 3.16 3.12 24.85
CA VAL A 491 2.23 3.75 25.79
C VAL A 491 1.04 2.82 26.05
N SER A 492 0.42 2.32 24.99
CA SER A 492 -0.79 1.50 25.14
C SER A 492 -0.51 0.17 25.88
N ARG A 493 0.56 -0.50 25.51
CA ARG A 493 0.93 -1.76 26.17
C ARG A 493 1.08 -1.47 27.66
N SER A 494 1.92 -0.48 27.96
CA SER A 494 2.16 -0.03 29.33
C SER A 494 0.91 0.24 30.16
N GLN A 495 -0.05 1.00 29.64
CA GLN A 495 -1.25 1.38 30.40
C GLN A 495 -2.25 0.23 30.49
N ARG A 496 -2.22 -0.65 29.53
CA ARG A 496 -3.08 -1.82 29.54
C ARG A 496 -2.55 -2.87 30.52
N ARG A 497 -1.26 -3.18 30.43
CA ARG A 497 -0.57 -4.03 31.40
C ARG A 497 -0.75 -3.48 32.83
N GLY A 498 -0.62 -2.15 32.96
CA GLY A 498 -0.70 -1.43 34.23
C GLY A 498 -2.00 -1.51 35.01
N ARG A 499 -3.04 -2.12 34.44
CA ARG A 499 -4.25 -2.48 35.18
C ARG A 499 -4.14 -3.82 35.94
N THR A 500 -2.93 -4.36 36.05
CA THR A 500 -2.65 -5.52 36.90
C THR A 500 -1.34 -5.34 37.66
N GLY A 501 -1.22 -6.06 38.77
CA GLY A 501 0.01 -6.06 39.58
C GLY A 501 0.36 -4.74 40.26
N ARG A 502 -0.64 -4.05 40.79
CA ARG A 502 -0.41 -2.83 41.58
C ARG A 502 -0.14 -3.17 43.05
N GLY A 503 1.13 -3.27 43.41
CA GLY A 503 1.56 -3.54 44.80
C GLY A 503 1.15 -4.90 45.34
N ARG A 504 0.84 -5.84 44.44
CA ARG A 504 0.51 -7.22 44.82
C ARG A 504 1.12 -8.18 43.79
N ARG A 505 0.32 -8.88 42.99
CA ARG A 505 0.85 -9.72 41.93
C ARG A 505 -0.09 -9.72 40.74
N GLY A 506 0.45 -9.85 39.53
CA GLY A 506 -0.40 -9.88 38.34
C GLY A 506 0.07 -10.79 37.23
N ILE A 507 -0.85 -11.18 36.37
CA ILE A 507 -0.51 -11.88 35.13
C ILE A 507 -0.96 -11.06 33.91
N TYR A 508 -0.02 -10.78 33.00
CA TYR A 508 -0.32 -10.12 31.72
C TYR A 508 -0.22 -11.11 30.58
N ARG A 509 -1.35 -11.44 29.97
CA ARG A 509 -1.36 -12.31 28.81
C ARG A 509 -1.54 -11.49 27.53
N PHE A 510 -0.84 -11.89 26.46
CA PHE A 510 -0.83 -11.15 25.19
C PHE A 510 -0.82 -12.02 23.92
N VAL A 511 -1.32 -11.45 22.83
CA VAL A 511 -1.36 -12.10 21.52
C VAL A 511 -0.06 -11.90 20.73
N THR A 512 0.59 -10.76 20.88
CA THR A 512 1.82 -10.44 20.14
C THR A 512 2.75 -9.63 21.00
N PRO A 513 4.06 -9.90 20.90
CA PRO A 513 5.04 -9.01 21.49
C PRO A 513 5.26 -7.79 20.64
N GLY A 514 6.04 -6.85 21.16
CA GLY A 514 6.46 -5.72 20.34
C GLY A 514 5.43 -4.60 20.29
N GLU A 515 5.88 -3.49 19.74
CA GLU A 515 5.19 -2.23 19.84
C GLU A 515 5.60 -1.45 18.64
N ARG A 516 4.73 -0.56 18.17
CA ARG A 516 5.21 0.51 17.31
C ARG A 516 5.72 1.65 18.25
N PRO A 517 6.51 2.57 17.72
CA PRO A 517 7.02 3.65 18.58
C PRO A 517 5.95 4.53 19.26
N SER A 518 6.30 5.06 20.42
CA SER A 518 5.45 5.89 21.22
C SER A 518 5.67 7.37 20.87
N GLY A 519 4.65 8.20 21.13
CA GLY A 519 4.84 9.63 21.17
C GLY A 519 4.61 10.34 19.85
N MET A 520 3.92 9.69 18.94
CA MET A 520 3.58 10.30 17.65
C MET A 520 2.09 10.18 17.47
N PHE A 521 1.47 11.21 16.92
CA PHE A 521 0.07 11.11 16.56
C PHE A 521 -0.18 11.64 15.16
N ASP A 522 -1.30 11.22 14.58
CA ASP A 522 -1.64 11.56 13.23
C ASP A 522 -2.24 12.97 13.09
N SER A 523 -2.10 13.56 11.90
CA SER A 523 -2.73 14.83 11.52
C SER A 523 -4.25 14.86 11.73
N SER A 524 -4.89 13.70 11.68
CA SER A 524 -6.32 13.59 11.90
C SER A 524 -6.66 14.07 13.30
N VAL A 525 -5.73 13.91 14.21
CA VAL A 525 -5.97 14.37 15.57
C VAL A 525 -5.96 15.88 15.62
N LEU A 526 -5.22 16.53 14.73
CA LEU A 526 -5.24 17.99 14.66
C LEU A 526 -6.61 18.44 14.19
N CYS A 527 -7.12 17.73 13.19
CA CYS A 527 -8.46 17.95 12.70
C CYS A 527 -9.48 17.83 13.83
N GLU A 528 -9.35 16.82 14.68
CA GLU A 528 -10.29 16.64 15.81
C GLU A 528 -10.28 17.83 16.78
N CYS A 529 -9.10 18.39 17.02
CA CYS A 529 -8.99 19.55 17.89
C CYS A 529 -9.72 20.76 17.32
N TYR A 530 -9.63 20.95 16.01
CA TYR A 530 -10.32 22.08 15.41
C TYR A 530 -11.82 21.83 15.52
N ASP A 531 -12.20 20.57 15.34
CA ASP A 531 -13.59 20.15 15.37
C ASP A 531 -14.11 20.38 16.77
N ALA A 532 -13.37 19.92 17.78
CA ALA A 532 -13.74 20.09 19.19
C ALA A 532 -13.82 21.57 19.58
N GLY A 533 -12.85 22.36 19.10
CA GLY A 533 -12.85 23.80 19.30
C GLY A 533 -14.10 24.49 18.79
N CYS A 534 -14.52 24.14 17.59
CA CYS A 534 -15.74 24.69 17.04
C CYS A 534 -16.98 24.15 17.71
N ALA A 535 -16.99 22.85 18.03
CA ALA A 535 -18.20 22.20 18.49
C ALA A 535 -18.51 22.42 19.96
N TRP A 536 -17.49 22.43 20.80
CA TRP A 536 -17.64 22.37 22.25
C TRP A 536 -17.13 23.60 22.98
N TYR A 537 -16.08 24.24 22.51
CA TYR A 537 -15.29 25.15 23.34
C TYR A 537 -15.31 26.58 22.83
N GLU A 538 -16.21 26.86 21.91
CA GLU A 538 -16.32 28.16 21.25
C GLU A 538 -14.97 28.81 20.96
N LEU A 539 -14.11 28.04 20.29
CA LEU A 539 -12.87 28.55 19.80
C LEU A 539 -13.04 28.75 18.32
N THR A 540 -12.62 29.91 17.80
CA THR A 540 -12.55 30.09 16.37
C THR A 540 -11.30 29.31 15.95
N PRO A 541 -11.22 28.94 14.66
CA PRO A 541 -10.02 28.29 14.18
C PRO A 541 -8.70 29.02 14.47
N ALA A 542 -8.66 30.35 14.33
CA ALA A 542 -7.45 31.12 14.69
C ALA A 542 -7.06 30.90 16.12
N GLU A 543 -8.04 30.90 17.02
CA GLU A 543 -7.74 30.69 18.44
C GLU A 543 -7.21 29.27 18.71
N THR A 544 -7.81 28.28 18.06
CA THR A 544 -7.36 26.90 18.16
C THR A 544 -5.91 26.78 17.70
N SER A 545 -5.57 27.42 16.58
CA SER A 545 -4.20 27.43 16.08
C SER A 545 -3.16 27.95 17.08
N VAL A 546 -3.49 29.03 17.79
CA VAL A 546 -2.60 29.58 18.82
C VAL A 546 -2.34 28.57 19.94
N ARG A 547 -3.36 27.86 20.39
CA ARG A 547 -3.17 26.82 21.43
C ARG A 547 -2.36 25.62 20.94
N LEU A 548 -2.68 25.10 19.75
CA LEU A 548 -1.98 23.93 19.24
C LEU A 548 -0.52 24.27 18.94
N ARG A 549 -0.27 25.49 18.46
CA ARG A 549 1.09 25.94 18.16
C ARG A 549 1.97 25.92 19.42
N ALA A 550 1.46 26.39 20.55
CA ALA A 550 2.17 26.31 21.84
C ALA A 550 2.52 24.87 22.15
N TYR A 551 1.61 23.95 21.82
CA TYR A 551 1.82 22.52 22.05
C TYR A 551 2.92 21.96 21.11
N LEU A 552 2.77 22.14 19.81
CA LEU A 552 3.80 21.68 18.86
C LEU A 552 5.16 22.23 19.22
N ASN A 553 5.24 23.53 19.43
CA ASN A 553 6.50 24.15 19.77
C ASN A 553 7.10 23.78 21.12
N THR A 554 6.33 23.20 22.04
CA THR A 554 6.91 22.76 23.31
C THR A 554 7.52 21.38 23.18
N PRO A 555 8.81 21.24 23.49
CA PRO A 555 9.47 19.96 23.35
C PRO A 555 9.19 18.98 24.47
N GLY A 556 9.40 17.69 24.23
CA GLY A 556 9.13 16.66 25.21
C GLY A 556 7.70 16.16 25.19
N LEU A 557 6.84 16.74 24.35
CA LEU A 557 5.45 16.31 24.22
C LEU A 557 5.31 15.41 23.02
N PRO A 558 4.21 14.62 22.95
CA PRO A 558 4.03 13.83 21.73
C PRO A 558 4.04 14.71 20.51
N VAL A 559 4.54 14.17 19.40
CA VAL A 559 4.75 14.99 18.19
C VAL A 559 3.83 14.65 17.06
N CYS A 560 3.68 15.60 16.15
CA CYS A 560 2.84 15.41 14.99
C CYS A 560 3.31 16.29 13.85
N GLN A 561 2.98 15.93 12.60
CA GLN A 561 3.25 16.80 11.45
C GLN A 561 2.50 18.12 11.59
N ASP A 562 3.16 19.23 11.28
CA ASP A 562 2.63 20.57 11.50
C ASP A 562 1.68 21.00 10.38
N HIS A 563 0.42 20.60 10.50
CA HIS A 563 -0.58 20.89 9.47
C HIS A 563 -1.58 21.93 9.96
N LEU A 564 -1.15 22.76 10.91
CA LEU A 564 -1.98 23.82 11.49
C LEU A 564 -2.58 24.79 10.46
N GLU A 565 -1.77 25.43 9.61
CA GLU A 565 -2.34 26.37 8.61
C GLU A 565 -3.41 25.70 7.74
N PHE A 566 -3.15 24.47 7.31
CA PHE A 566 -4.10 23.75 6.45
C PHE A 566 -5.44 23.54 7.14
N TRP A 567 -5.41 22.93 8.33
CA TRP A 567 -6.66 22.60 9.03
C TRP A 567 -7.43 23.86 9.41
N GLU A 568 -6.71 24.93 9.76
CA GLU A 568 -7.38 26.17 10.10
C GLU A 568 -8.14 26.67 8.91
N SER A 569 -7.53 26.56 7.74
CA SER A 569 -8.15 27.08 6.53
C SER A 569 -9.47 26.35 6.26
N VAL A 570 -9.47 25.03 6.47
CA VAL A 570 -10.64 24.22 6.17
C VAL A 570 -11.79 24.66 7.07
N PHE A 571 -11.50 24.80 8.35
CA PHE A 571 -12.55 25.10 9.30
C PHE A 571 -13.04 26.55 9.22
N THR A 572 -12.17 27.46 8.78
CA THR A 572 -12.55 28.85 8.59
C THR A 572 -13.66 28.97 7.55
N GLY A 573 -13.61 28.10 6.55
CA GLY A 573 -14.65 28.06 5.53
C GLY A 573 -15.94 27.35 5.90
N LEU A 574 -15.99 26.68 7.04
CA LEU A 574 -17.19 25.94 7.41
C LEU A 574 -18.11 26.82 8.25
N THR A 575 -18.84 27.72 7.59
CA THR A 575 -19.62 28.73 8.30
C THR A 575 -21.10 28.44 8.16
N HIS A 576 -21.87 28.91 9.13
CA HIS A 576 -23.33 28.79 9.16
C HIS A 576 -23.82 27.36 9.30
N ILE A 577 -23.23 26.66 10.25
CA ILE A 577 -23.66 25.31 10.55
C ILE A 577 -25.06 25.35 11.18
N ASP A 578 -25.84 24.33 10.92
CA ASP A 578 -27.12 24.17 11.55
C ASP A 578 -26.96 23.70 13.00
N ALA A 579 -27.36 24.56 13.93
CA ALA A 579 -27.20 24.34 15.35
C ALA A 579 -27.92 23.10 15.86
N HIS A 580 -29.02 22.76 15.20
CA HIS A 580 -29.78 21.57 15.59
C HIS A 580 -29.04 20.27 15.24
N PHE A 581 -28.46 20.21 14.04
CA PHE A 581 -27.65 19.05 13.67
C PHE A 581 -26.41 18.98 14.54
N LEU A 582 -25.76 20.12 14.76
CA LEU A 582 -24.61 20.11 15.64
C LEU A 582 -24.98 19.53 16.99
N SER A 583 -26.10 19.97 17.55
CA SER A 583 -26.46 19.54 18.90
C SER A 583 -26.71 18.02 18.96
N GLN A 584 -27.16 17.42 17.86
CA GLN A 584 -27.42 15.98 17.84
C GLN A 584 -26.13 15.18 17.73
N THR A 585 -25.23 15.58 16.82
CA THR A 585 -23.93 14.94 16.73
C THR A 585 -23.09 15.12 18.00
N LYS A 586 -23.23 16.24 18.72
CA LYS A 586 -22.47 16.41 19.97
C LYS A 586 -22.96 15.41 21.03
N GLN A 587 -24.27 15.26 21.09
CA GLN A 587 -24.90 14.43 22.10
C GLN A 587 -24.68 12.96 21.79
N ALA A 588 -24.71 12.57 20.51
CA ALA A 588 -24.51 11.18 20.13
C ALA A 588 -23.10 10.68 20.47
N GLY A 589 -22.14 11.58 20.60
CA GLY A 589 -20.81 11.24 21.12
C GLY A 589 -19.77 10.68 20.16
N ASP A 590 -20.16 10.43 18.91
CA ASP A 590 -19.20 9.99 17.85
C ASP A 590 -18.18 11.08 17.46
N ASN A 591 -17.17 10.67 16.69
CA ASN A 591 -16.06 11.55 16.28
C ASN A 591 -16.44 12.57 15.21
N PHE A 592 -15.69 13.68 15.17
CA PHE A 592 -15.88 14.74 14.18
C PHE A 592 -17.32 15.26 14.09
N PRO A 593 -17.95 15.53 15.25
CA PRO A 593 -19.33 15.99 15.24
C PRO A 593 -19.55 17.29 14.45
N TYR A 594 -18.55 18.16 14.39
CA TYR A 594 -18.67 19.38 13.59
C TYR A 594 -18.59 19.06 12.11
N LEU A 595 -17.66 18.21 11.71
CA LEU A 595 -17.58 17.80 10.30
C LEU A 595 -18.80 17.03 9.86
N VAL A 596 -19.37 16.22 10.73
CA VAL A 596 -20.55 15.48 10.34
C VAL A 596 -21.74 16.42 10.24
N ALA A 597 -21.95 17.24 11.26
CA ALA A 597 -23.11 18.12 11.26
C ALA A 597 -23.04 19.06 10.06
N TYR A 598 -21.83 19.50 9.73
CA TYR A 598 -21.65 20.40 8.63
C TYR A 598 -21.97 19.75 7.26
N GLN A 599 -21.51 18.51 7.05
CA GLN A 599 -21.92 17.79 5.87
C GLN A 599 -23.43 17.60 5.87
N ALA A 600 -23.99 17.25 7.03
CA ALA A 600 -25.45 17.06 7.13
C ALA A 600 -26.18 18.36 6.79
N THR A 601 -25.60 19.49 7.22
CA THR A 601 -26.19 20.80 7.00
C THR A 601 -26.23 21.14 5.52
N VAL A 602 -25.12 20.94 4.85
CA VAL A 602 -25.01 21.20 3.43
C VAL A 602 -25.97 20.33 2.63
N CYS A 603 -26.19 19.08 3.08
CA CYS A 603 -27.06 18.14 2.39
C CYS A 603 -28.51 18.54 2.55
N ALA A 604 -28.91 18.84 3.80
CA ALA A 604 -30.29 19.22 4.11
C ALA A 604 -30.66 20.47 3.34
N ARG A 605 -29.75 21.42 3.25
CA ARG A 605 -30.00 22.65 2.53
C ARG A 605 -30.08 22.46 1.01
N ALA A 606 -29.49 21.41 0.46
CA ALA A 606 -29.63 21.11 -0.96
C ALA A 606 -30.73 20.12 -1.17
N GLN A 607 -31.44 19.77 -0.10
CA GLN A 607 -32.39 18.68 -0.14
C GLN A 607 -31.76 17.39 -0.75
N ALA A 608 -30.50 17.14 -0.39
CA ALA A 608 -29.76 16.00 -0.93
C ALA A 608 -29.56 14.95 0.17
N PRO A 609 -29.36 13.69 -0.23
CA PRO A 609 -29.09 12.64 0.73
C PRO A 609 -27.65 12.67 1.27
N PRO A 610 -27.45 12.15 2.49
CA PRO A 610 -26.10 12.02 3.02
C PRO A 610 -25.30 11.02 2.20
N PRO A 611 -23.99 10.97 2.42
CA PRO A 611 -23.11 10.07 1.65
C PRO A 611 -23.52 8.59 1.68
N SER A 612 -24.09 8.15 2.80
CA SER A 612 -24.62 6.81 2.93
C SER A 612 -25.67 6.93 4.02
N TRP A 613 -26.35 5.83 4.33
CA TRP A 613 -27.26 5.78 5.49
C TRP A 613 -26.69 4.98 6.66
N ASP A 614 -25.37 4.97 6.74
CA ASP A 614 -24.66 4.59 7.96
C ASP A 614 -25.18 5.33 9.19
N GLN A 615 -25.03 4.68 10.34
CA GLN A 615 -25.23 5.25 11.67
C GLN A 615 -24.73 6.70 11.84
N MET A 616 -23.58 6.99 11.23
CA MET A 616 -22.93 8.29 11.27
C MET A 616 -23.86 9.43 10.84
N TRP A 617 -24.76 9.16 9.89
CA TRP A 617 -25.67 10.17 9.36
C TRP A 617 -27.09 10.10 9.94
N LYS A 618 -27.24 9.52 11.12
CA LYS A 618 -28.59 9.37 11.70
C LYS A 618 -29.35 10.69 11.95
N CYS A 619 -28.64 11.81 12.11
CA CYS A 619 -29.32 13.11 12.23
C CYS A 619 -30.12 13.52 10.98
N LEU A 620 -29.99 12.78 9.89
CA LEU A 620 -30.79 13.05 8.67
C LEU A 620 -31.96 12.08 8.46
N ILE A 621 -32.08 11.03 9.29
CA ILE A 621 -33.08 9.97 9.08
C ILE A 621 -34.51 10.52 8.93
N ARG A 622 -34.88 11.43 9.82
CA ARG A 622 -36.15 12.16 9.75
C ARG A 622 -36.47 12.64 8.33
N LEU A 623 -35.48 13.23 7.67
CA LEU A 623 -35.66 13.87 6.37
C LEU A 623 -35.56 12.93 5.15
N LYS A 624 -35.23 11.66 5.39
CA LYS A 624 -34.96 10.68 4.31
C LYS A 624 -35.93 10.76 3.11
N PRO A 625 -37.27 10.72 3.35
CA PRO A 625 -38.21 10.78 2.22
C PRO A 625 -38.15 12.04 1.35
N THR A 626 -37.75 13.18 1.91
CA THR A 626 -37.69 14.42 1.13
C THR A 626 -36.34 14.65 0.40
N LEU A 627 -35.36 13.77 0.64
CA LEU A 627 -33.98 13.98 0.17
C LEU A 627 -33.69 13.18 -1.08
N HIS A 628 -33.18 13.83 -2.13
CA HIS A 628 -33.09 13.25 -3.48
C HIS A 628 -31.85 13.76 -4.20
N GLY A 629 -31.35 12.95 -5.13
CA GLY A 629 -30.22 13.36 -5.97
C GLY A 629 -28.87 13.03 -5.38
N PRO A 630 -27.80 13.55 -5.99
CA PRO A 630 -26.43 13.30 -5.56
C PRO A 630 -26.02 14.16 -4.37
N THR A 631 -25.11 13.64 -3.55
CA THR A 631 -24.69 14.36 -2.37
C THR A 631 -23.56 15.33 -2.69
N PRO A 632 -23.68 16.54 -2.19
CA PRO A 632 -22.61 17.47 -2.38
C PRO A 632 -21.49 17.13 -1.39
N LEU A 633 -20.52 16.35 -1.85
CA LEU A 633 -19.55 15.75 -0.95
C LEU A 633 -18.47 16.74 -0.58
N LEU A 634 -18.22 16.87 0.71
CA LEU A 634 -17.22 17.85 1.18
C LEU A 634 -15.88 17.19 1.44
N TYR A 635 -15.94 15.93 1.85
CA TYR A 635 -14.83 15.18 2.37
C TYR A 635 -15.36 13.80 2.69
N ARG A 636 -14.45 12.84 2.87
CA ARG A 636 -14.85 11.48 3.10
C ARG A 636 -14.57 11.07 4.55
N LEU A 637 -15.62 10.71 5.28
CA LEU A 637 -15.50 10.27 6.68
C LEU A 637 -15.87 8.80 6.84
N GLY A 638 -16.10 8.13 5.72
CA GLY A 638 -16.55 6.76 5.73
C GLY A 638 -16.88 6.39 4.30
N ALA A 639 -17.56 5.26 4.12
CA ALA A 639 -18.01 4.84 2.80
C ALA A 639 -18.97 5.88 2.23
N VAL A 640 -18.82 6.17 0.95
CA VAL A 640 -19.73 7.02 0.24
C VAL A 640 -20.48 6.13 -0.76
N GLN A 641 -21.75 5.82 -0.49
CA GLN A 641 -22.57 4.95 -1.35
C GLN A 641 -23.49 5.68 -2.32
N ASN A 642 -23.84 6.92 -2.02
CA ASN A 642 -24.70 7.68 -2.92
C ASN A 642 -23.82 8.27 -4.01
N GLU A 643 -24.40 8.56 -5.18
CA GLU A 643 -23.70 9.37 -6.18
C GLU A 643 -23.36 10.74 -5.62
N VAL A 644 -22.29 11.33 -6.13
CA VAL A 644 -21.80 12.57 -5.58
C VAL A 644 -21.70 13.66 -6.64
N THR A 645 -21.96 14.90 -6.22
CA THR A 645 -21.67 16.09 -7.00
C THR A 645 -20.60 16.90 -6.26
N LEU A 646 -19.72 17.54 -7.04
CA LEU A 646 -18.58 18.30 -6.52
C LEU A 646 -18.70 19.82 -6.72
N THR A 647 -19.89 20.28 -7.12
CA THR A 647 -20.09 21.69 -7.53
C THR A 647 -20.41 22.63 -6.37
N HIS A 648 -20.61 22.12 -5.16
CA HIS A 648 -21.00 22.96 -4.03
C HIS A 648 -19.86 23.90 -3.71
N PRO A 649 -20.15 25.18 -3.44
CA PRO A 649 -19.07 26.13 -3.17
C PRO A 649 -18.13 25.75 -2.04
N ILE A 650 -18.65 25.12 -0.98
CA ILE A 650 -17.83 24.68 0.12
C ILE A 650 -16.89 23.55 -0.33
N THR A 651 -17.34 22.68 -1.22
CA THR A 651 -16.42 21.66 -1.78
C THR A 651 -15.23 22.27 -2.50
N LYS A 652 -15.50 23.33 -3.26
CA LYS A 652 -14.45 24.01 -4.03
C LYS A 652 -13.49 24.73 -3.11
N TYR A 653 -14.04 25.35 -2.08
CA TYR A 653 -13.22 26.04 -1.12
C TYR A 653 -12.24 25.06 -0.45
N ILE A 654 -12.75 23.91 -0.01
CA ILE A 654 -11.89 22.87 0.60
C ILE A 654 -10.90 22.36 -0.44
N MET A 655 -11.37 22.05 -1.66
CA MET A 655 -10.43 21.70 -2.75
C MET A 655 -9.29 22.70 -2.86
N ALA A 656 -9.60 23.98 -2.83
CA ALA A 656 -8.57 25.02 -2.90
C ALA A 656 -7.64 25.00 -1.70
N CYS A 657 -8.15 24.64 -0.52
CA CYS A 657 -7.29 24.54 0.69
C CYS A 657 -6.22 23.45 0.55
N MET A 658 -6.51 22.42 -0.25
CA MET A 658 -5.57 21.33 -0.53
C MET A 658 -4.31 21.76 -1.32
N SER A 659 -4.25 22.99 -1.80
CA SER A 659 -3.03 23.50 -2.40
C SER A 659 -2.00 23.89 -1.33
N ALA A 660 -2.31 23.75 -0.05
CA ALA A 660 -1.38 24.24 0.98
C ALA A 660 -0.14 23.35 1.03
N ASP A 661 1.00 23.91 1.40
CA ASP A 661 2.21 23.09 1.62
C ASP A 661 1.88 22.13 2.73
N LEU A 662 2.04 20.84 2.45
CA LEU A 662 1.74 19.77 3.38
C LEU A 662 2.98 18.91 3.55
N GLU A 663 3.50 18.86 4.78
CA GLU A 663 4.68 18.08 5.07
C GLU A 663 4.28 16.66 5.41
N VAL A 664 4.83 15.68 4.69
CA VAL A 664 4.56 14.29 4.97
C VAL A 664 5.86 13.52 5.13
N VAL A 665 5.81 12.51 6.00
CA VAL A 665 6.97 11.72 6.31
C VAL A 665 7.19 10.74 5.17
N THR A 666 8.46 10.56 4.84
CA THR A 666 8.91 9.68 3.77
C THR A 666 9.88 8.61 4.33
N LEU A 667 10.71 8.01 3.61
N GLY A 668 11.86 -6.77 17.92
CA GLY A 668 13.00 -6.94 16.95
C GLY A 668 13.93 -5.73 16.77
N SER A 669 15.10 -5.98 16.21
CA SER A 669 16.08 -4.95 15.94
C SER A 669 15.94 -4.44 14.52
N VAL A 670 16.29 -3.19 14.32
CA VAL A 670 16.56 -2.69 12.98
C VAL A 670 17.77 -3.43 12.41
N VAL A 671 17.73 -3.75 11.12
CA VAL A 671 18.74 -4.57 10.48
C VAL A 671 19.26 -3.90 9.23
N ILE A 672 20.57 -3.99 8.99
CA ILE A 672 21.19 -3.48 7.76
C ILE A 672 21.06 -4.53 6.64
N VAL A 673 20.43 -4.14 5.53
CA VAL A 673 20.12 -5.09 4.45
C VAL A 673 20.80 -4.68 3.18
N GLY A 674 21.52 -3.55 3.21
CA GLY A 674 22.24 -3.11 2.03
C GLY A 674 22.97 -1.81 2.26
N ARG A 675 23.48 -1.20 1.20
CA ARG A 675 24.18 0.07 1.37
C ARG A 675 24.19 0.88 0.08
N ILE A 676 24.47 2.17 0.19
CA ILE A 676 24.60 3.06 -0.94
C ILE A 676 26.02 3.61 -0.94
N ILE A 677 26.81 3.18 -1.92
CA ILE A 677 28.18 3.63 -2.06
C ILE A 677 28.22 4.95 -2.81
N LEU A 678 28.80 5.99 -2.20
CA LEU A 678 28.95 7.30 -2.86
C LEU A 678 30.27 7.34 -3.59
N SER A 679 30.33 8.09 -4.68
CA SER A 679 31.56 8.22 -5.46
C SER A 679 32.58 9.03 -4.69
N GLY A 680 33.86 8.78 -4.96
CA GLY A 680 34.99 9.39 -4.24
C GLY A 680 35.60 10.60 -4.91
N SER A 681 35.31 10.79 -6.20
CA SER A 681 35.84 11.92 -6.94
C SER A 681 34.82 12.42 -7.95
N GLY A 682 35.12 13.54 -8.58
CA GLY A 682 34.21 14.11 -9.55
C GLY A 682 32.83 14.40 -8.99
N SER A 683 31.82 14.25 -9.86
CA SER A 683 30.47 14.59 -9.50
C SER A 683 29.95 13.54 -8.51
N ILE B 38 -24.39 -20.77 10.56
CA ILE B 38 -22.94 -20.69 10.36
C ILE B 38 -22.29 -19.49 11.07
N THR B 39 -21.23 -19.81 11.81
CA THR B 39 -20.37 -18.82 12.43
C THR B 39 -18.94 -19.27 12.24
N ALA B 40 -18.00 -18.40 12.55
CA ALA B 40 -16.62 -18.71 12.28
C ALA B 40 -15.68 -17.89 13.13
N TYR B 41 -14.50 -18.45 13.34
CA TYR B 41 -13.42 -17.74 14.00
C TYR B 41 -12.15 -18.25 13.36
N SER B 42 -11.06 -17.55 13.60
CA SER B 42 -9.81 -17.83 12.93
C SER B 42 -8.73 -18.29 13.90
N GLN B 43 -7.78 -19.08 13.40
CA GLN B 43 -6.65 -19.52 14.19
C GLN B 43 -5.38 -19.37 13.39
N GLN B 44 -4.46 -18.56 13.91
CA GLN B 44 -3.17 -18.36 13.32
C GLN B 44 -2.26 -19.48 13.79
N THR B 45 -1.53 -20.08 12.87
CA THR B 45 -0.62 -21.17 13.19
C THR B 45 0.84 -20.89 12.78
N ARG B 46 1.08 -19.78 12.07
CA ARG B 46 2.45 -19.41 11.72
C ARG B 46 2.68 -17.94 11.79
N GLY B 47 3.92 -17.59 12.12
CA GLY B 47 4.36 -16.20 12.08
C GLY B 47 5.27 -15.99 10.90
N LEU B 48 5.73 -14.74 10.77
CA LEU B 48 6.65 -14.34 9.70
C LEU B 48 7.80 -15.33 9.47
N LEU B 49 8.56 -15.64 10.51
CA LEU B 49 9.79 -16.43 10.35
C LEU B 49 9.49 -17.84 9.85
N GLY B 50 8.50 -18.49 10.44
CA GLY B 50 8.07 -19.80 10.01
C GLY B 50 7.58 -19.79 8.58
N CYS B 51 6.82 -18.75 8.25
CA CYS B 51 6.26 -18.63 6.91
C CYS B 51 7.36 -18.49 5.85
N ILE B 52 8.38 -17.68 6.11
CA ILE B 52 9.48 -17.61 5.16
C ILE B 52 10.30 -18.92 5.05
N ILE B 53 10.71 -19.51 6.19
CA ILE B 53 11.44 -20.80 6.19
C ILE B 53 10.65 -21.93 5.50
N THR B 54 9.37 -22.02 5.80
CA THR B 54 8.53 -23.05 5.22
C THR B 54 8.37 -22.85 3.70
N SER B 55 8.34 -21.59 3.28
CA SER B 55 8.19 -21.27 1.86
C SER B 55 9.44 -21.61 1.05
N LEU B 56 10.62 -21.55 1.68
CA LEU B 56 11.86 -21.86 0.99
C LEU B 56 12.05 -23.36 0.87
N THR B 57 11.74 -24.09 1.94
CA THR B 57 12.01 -25.52 1.96
C THR B 57 10.89 -26.30 1.33
N GLY B 58 9.66 -25.78 1.38
CA GLY B 58 8.49 -26.49 0.88
C GLY B 58 7.97 -27.58 1.80
N ARG B 59 8.48 -27.65 3.05
CA ARG B 59 8.05 -28.70 3.99
C ARG B 59 7.18 -28.15 5.13
N ASP B 60 5.88 -28.42 5.06
CA ASP B 60 4.92 -27.99 6.08
C ASP B 60 4.53 -29.22 6.85
N LYS B 61 5.02 -29.31 8.09
CA LYS B 61 4.75 -30.45 8.94
C LYS B 61 3.43 -30.33 9.73
N ASN B 62 3.12 -29.13 10.23
CA ASN B 62 1.88 -28.92 10.97
C ASN B 62 0.70 -29.56 10.25
N GLN B 63 -0.21 -30.18 10.99
CA GLN B 63 -1.29 -30.91 10.35
C GLN B 63 -2.31 -29.96 9.75
N VAL B 64 -2.72 -30.24 8.52
CA VAL B 64 -3.73 -29.43 7.89
C VAL B 64 -5.07 -29.82 8.52
N GLU B 65 -5.65 -28.89 9.29
CA GLU B 65 -6.98 -29.04 9.84
C GLU B 65 -7.85 -27.94 9.26
N GLY B 66 -9.13 -27.93 9.61
CA GLY B 66 -10.09 -27.01 9.00
C GLY B 66 -10.42 -27.39 7.57
N GLU B 67 -11.44 -26.75 7.01
CA GLU B 67 -11.68 -26.87 5.59
C GLU B 67 -11.22 -25.60 4.83
N VAL B 68 -11.35 -24.42 5.47
CA VAL B 68 -10.81 -23.13 4.94
C VAL B 68 -9.45 -22.77 5.54
N GLN B 69 -8.42 -22.77 4.70
CA GLN B 69 -7.05 -22.41 5.10
C GLN B 69 -6.75 -20.95 4.82
N VAL B 70 -5.93 -20.33 5.66
CA VAL B 70 -5.41 -18.99 5.40
C VAL B 70 -4.01 -19.19 4.86
N VAL B 71 -3.75 -18.75 3.63
CA VAL B 71 -2.47 -19.02 2.98
C VAL B 71 -1.67 -17.77 2.66
N SER B 72 -0.41 -17.95 2.31
CA SER B 72 0.40 -16.80 2.03
C SER B 72 1.60 -17.08 1.14
N THR B 73 1.86 -16.16 0.21
CA THR B 73 3.13 -16.09 -0.51
C THR B 73 3.93 -15.00 0.17
N ALA B 74 5.13 -14.72 -0.32
CA ALA B 74 5.95 -13.62 0.23
C ALA B 74 5.28 -12.23 0.03
N THR B 75 4.54 -12.09 -1.06
CA THR B 75 3.95 -10.82 -1.42
C THR B 75 2.47 -10.65 -1.00
N GLN B 76 1.79 -11.75 -0.69
CA GLN B 76 0.33 -11.69 -0.57
C GLN B 76 -0.24 -12.77 0.34
N SER B 77 -1.39 -12.47 0.96
CA SER B 77 -2.11 -13.42 1.78
C SER B 77 -3.54 -13.54 1.31
N PHE B 78 -4.10 -14.73 1.39
CA PHE B 78 -5.41 -15.01 0.86
C PHE B 78 -5.93 -16.36 1.42
N LEU B 79 -6.96 -16.95 0.83
CA LEU B 79 -7.61 -18.13 1.40
C LEU B 79 -7.60 -19.31 0.44
N ALA B 80 -7.61 -20.53 0.99
CA ALA B 80 -7.75 -21.77 0.22
C ALA B 80 -8.82 -22.63 0.85
N THR B 81 -9.61 -23.31 0.04
CA THR B 81 -10.73 -24.07 0.51
C THR B 81 -10.66 -25.46 -0.06
N CYS B 82 -10.74 -26.47 0.79
CA CYS B 82 -10.78 -27.86 0.35
C CYS B 82 -12.20 -28.32 -0.04
N VAL B 83 -12.34 -28.86 -1.25
CA VAL B 83 -13.60 -29.51 -1.69
C VAL B 83 -13.22 -30.82 -2.41
N ASN B 84 -14.03 -31.87 -2.25
CA ASN B 84 -13.80 -33.17 -2.91
C ASN B 84 -12.34 -33.60 -2.84
N GLY B 85 -11.73 -33.48 -1.65
CA GLY B 85 -10.31 -33.84 -1.47
C GLY B 85 -9.28 -32.95 -2.14
N VAL B 86 -9.71 -31.81 -2.68
CA VAL B 86 -8.81 -30.93 -3.38
C VAL B 86 -8.81 -29.57 -2.74
N CYS B 87 -7.62 -29.09 -2.43
CA CYS B 87 -7.45 -27.77 -1.89
C CYS B 87 -7.41 -26.72 -3.01
N TRP B 88 -8.45 -25.87 -3.06
CA TRP B 88 -8.63 -24.92 -4.15
C TRP B 88 -8.35 -23.46 -3.74
N THR B 89 -7.82 -22.69 -4.69
CA THR B 89 -7.66 -21.25 -4.53
C THR B 89 -7.58 -20.52 -5.88
N VAL B 90 -7.37 -19.22 -5.81
CA VAL B 90 -7.36 -18.40 -7.02
C VAL B 90 -5.99 -18.39 -7.67
N TYR B 91 -5.98 -18.52 -9.00
CA TYR B 91 -4.75 -18.38 -9.79
C TYR B 91 -4.09 -17.00 -9.58
N HIS B 92 -4.87 -15.93 -9.45
CA HIS B 92 -4.23 -14.62 -9.39
C HIS B 92 -3.45 -14.39 -8.09
N GLY B 93 -3.69 -15.20 -7.07
CA GLY B 93 -2.87 -15.19 -5.85
C GLY B 93 -1.76 -16.23 -5.82
N ALA B 94 -2.08 -17.48 -6.18
CA ALA B 94 -1.14 -18.61 -6.09
C ALA B 94 -0.20 -18.72 -7.26
N GLY B 95 -0.62 -18.19 -8.40
CA GLY B 95 0.06 -18.47 -9.66
C GLY B 95 0.13 -19.96 -9.90
N SER B 96 1.32 -20.41 -10.26
CA SER B 96 1.60 -21.81 -10.53
C SER B 96 2.42 -22.44 -9.39
N LYS B 97 2.52 -21.77 -8.25
CA LYS B 97 3.42 -22.19 -7.16
C LYS B 97 3.03 -23.54 -6.55
N THR B 98 4.00 -24.24 -5.99
CA THR B 98 3.74 -25.44 -5.21
C THR B 98 3.19 -25.10 -3.82
N LEU B 99 2.53 -26.06 -3.19
CA LEU B 99 2.03 -25.93 -1.80
C LEU B 99 2.98 -26.69 -0.89
N ALA B 100 3.48 -26.02 0.14
CA ALA B 100 4.37 -26.70 1.06
C ALA B 100 3.56 -27.71 1.83
N GLY B 101 4.08 -28.94 1.93
CA GLY B 101 3.38 -30.05 2.55
C GLY B 101 4.28 -30.97 3.37
N PRO B 102 3.71 -32.07 3.90
CA PRO B 102 4.40 -32.97 4.85
C PRO B 102 5.66 -33.61 4.31
N LYS B 103 5.63 -34.03 3.05
CA LYS B 103 6.80 -34.63 2.40
C LYS B 103 7.45 -33.65 1.40
N GLY B 104 7.22 -32.35 1.60
CA GLY B 104 7.79 -31.33 0.73
C GLY B 104 6.78 -30.77 -0.26
N PRO B 105 7.25 -29.97 -1.23
CA PRO B 105 6.39 -29.20 -2.13
C PRO B 105 5.42 -30.05 -2.91
N ILE B 106 4.13 -29.73 -2.83
CA ILE B 106 3.10 -30.39 -3.62
C ILE B 106 2.91 -29.55 -4.86
N THR B 107 3.08 -30.13 -6.03
CA THR B 107 2.88 -29.36 -7.24
C THR B 107 1.39 -29.43 -7.55
N GLN B 108 0.88 -28.40 -8.22
CA GLN B 108 -0.54 -28.25 -8.53
C GLN B 108 -1.04 -29.40 -9.37
N MET B 109 -2.20 -29.93 -9.02
CA MET B 109 -2.86 -30.92 -9.84
C MET B 109 -3.77 -30.29 -10.86
N TYR B 110 -4.27 -29.11 -10.56
CA TYR B 110 -5.14 -28.41 -11.49
C TYR B 110 -4.76 -26.96 -11.56
N THR B 111 -4.82 -26.42 -12.78
CA THR B 111 -4.54 -25.03 -13.07
C THR B 111 -5.52 -24.68 -14.17
N ASN B 112 -6.37 -23.68 -13.98
CA ASN B 112 -7.19 -23.12 -15.08
C ASN B 112 -7.22 -21.59 -15.00
N VAL B 113 -6.34 -20.96 -15.75
CA VAL B 113 -6.23 -19.51 -15.74
C VAL B 113 -7.55 -18.83 -16.11
N ASP B 114 -8.32 -19.42 -17.02
CA ASP B 114 -9.59 -18.85 -17.46
C ASP B 114 -10.65 -18.79 -16.39
N GLN B 115 -10.68 -19.79 -15.53
CA GLN B 115 -11.59 -19.79 -14.41
C GLN B 115 -10.96 -19.16 -13.18
N ASP B 116 -9.69 -18.78 -13.26
CA ASP B 116 -8.97 -18.24 -12.11
C ASP B 116 -8.94 -19.25 -10.96
N LEU B 117 -8.56 -20.50 -11.28
CA LEU B 117 -8.70 -21.63 -10.38
C LEU B 117 -7.47 -22.50 -10.34
N VAL B 118 -6.98 -22.78 -9.15
CA VAL B 118 -5.94 -23.80 -8.99
C VAL B 118 -6.27 -24.76 -7.85
N GLY B 119 -5.72 -25.97 -7.95
CA GLY B 119 -5.90 -26.96 -6.91
C GLY B 119 -4.71 -27.85 -6.68
N TRP B 120 -4.51 -28.19 -5.41
CA TRP B 120 -3.54 -29.15 -4.98
C TRP B 120 -4.27 -30.26 -4.25
N GLN B 121 -3.89 -31.49 -4.55
CA GLN B 121 -4.34 -32.66 -3.83
C GLN B 121 -4.19 -32.41 -2.32
N ALA B 122 -5.29 -32.40 -1.59
CA ALA B 122 -5.25 -32.08 -0.18
C ALA B 122 -4.36 -33.09 0.57
N PRO B 123 -3.44 -32.60 1.45
CA PRO B 123 -2.61 -33.53 2.25
C PRO B 123 -3.44 -34.55 3.05
N PRO B 124 -2.91 -35.76 3.26
CA PRO B 124 -3.61 -36.82 4.01
C PRO B 124 -4.19 -36.33 5.33
N GLY B 125 -5.44 -36.69 5.58
CA GLY B 125 -6.17 -36.20 6.75
C GLY B 125 -6.50 -34.71 6.69
N ALA B 126 -7.15 -34.28 5.61
CA ALA B 126 -7.68 -32.91 5.50
C ALA B 126 -9.18 -32.96 5.20
N ARG B 127 -9.98 -32.31 6.04
CA ARG B 127 -11.42 -32.21 5.81
C ARG B 127 -11.75 -31.52 4.50
N SER B 128 -12.96 -31.77 4.00
CA SER B 128 -13.46 -31.12 2.79
C SER B 128 -14.87 -30.69 2.99
N LEU B 129 -15.19 -29.50 2.51
CA LEU B 129 -16.56 -29.12 2.39
C LEU B 129 -17.05 -30.03 1.30
N THR B 130 -18.34 -30.29 1.31
CA THR B 130 -18.89 -31.11 0.27
C THR B 130 -19.69 -30.17 -0.63
N PRO B 131 -19.77 -30.49 -1.93
CA PRO B 131 -20.56 -29.66 -2.85
C PRO B 131 -22.02 -29.47 -2.44
N CYS B 132 -22.60 -28.37 -2.91
CA CYS B 132 -23.99 -28.04 -2.65
C CYS B 132 -24.74 -28.17 -3.96
N THR B 133 -25.73 -29.05 -3.98
CA THR B 133 -26.45 -29.37 -5.20
C THR B 133 -27.80 -28.65 -5.26
N CYS B 134 -28.67 -28.93 -4.30
CA CYS B 134 -29.98 -28.25 -4.23
C CYS B 134 -29.80 -26.84 -3.61
N GLY B 135 -29.16 -25.98 -4.39
CA GLY B 135 -28.63 -24.71 -3.90
C GLY B 135 -29.68 -23.70 -3.54
N SER B 136 -29.46 -23.01 -2.43
CA SER B 136 -30.25 -21.86 -2.02
C SER B 136 -29.72 -20.61 -2.73
N SER B 137 -30.56 -19.59 -2.79
CA SER B 137 -30.15 -18.25 -3.23
C SER B 137 -29.55 -17.45 -2.09
N ASP B 138 -29.67 -17.96 -0.88
CA ASP B 138 -29.07 -17.35 0.29
C ASP B 138 -27.72 -18.01 0.52
N LEU B 139 -26.64 -17.34 0.14
CA LEU B 139 -25.29 -17.86 0.36
C LEU B 139 -24.61 -17.05 1.44
N TYR B 140 -23.57 -17.64 2.03
CA TYR B 140 -22.74 -16.95 3.01
C TYR B 140 -21.28 -17.01 2.57
N LEU B 141 -20.63 -15.83 2.54
CA LEU B 141 -19.21 -15.69 2.22
C LEU B 141 -18.44 -15.58 3.51
N VAL B 142 -17.44 -16.42 3.67
CA VAL B 142 -16.60 -16.45 4.87
C VAL B 142 -15.34 -15.66 4.50
N THR B 143 -15.02 -14.62 5.24
CA THR B 143 -13.86 -13.81 4.95
C THR B 143 -12.70 -14.31 5.78
N ARG B 144 -11.52 -13.72 5.55
CA ARG B 144 -10.32 -14.05 6.31
C ARG B 144 -10.36 -13.50 7.73
N HIS B 145 -11.31 -12.61 8.02
CA HIS B 145 -11.51 -12.12 9.38
C HIS B 145 -12.50 -13.01 10.10
N ALA B 146 -12.89 -14.11 9.47
CA ALA B 146 -13.85 -15.05 10.00
C ALA B 146 -15.23 -14.42 10.13
N ASP B 147 -15.51 -13.39 9.35
CA ASP B 147 -16.85 -12.87 9.25
C ASP B 147 -17.65 -13.70 8.24
N VAL B 148 -18.96 -13.76 8.43
CA VAL B 148 -19.83 -14.57 7.60
C VAL B 148 -20.88 -13.64 6.97
N ILE B 149 -20.59 -13.18 5.76
CA ILE B 149 -21.36 -12.12 5.09
C ILE B 149 -22.47 -12.71 4.24
N PRO B 150 -23.74 -12.40 4.57
CA PRO B 150 -24.85 -12.85 3.74
C PRO B 150 -24.77 -12.38 2.28
N VAL B 151 -24.97 -13.30 1.35
CA VAL B 151 -24.96 -12.98 -0.07
C VAL B 151 -26.17 -13.61 -0.75
N ARG B 152 -26.76 -12.85 -1.66
CA ARG B 152 -27.90 -13.29 -2.45
C ARG B 152 -27.44 -13.66 -3.86
N ARG B 153 -27.65 -14.90 -4.28
CA ARG B 153 -27.16 -15.34 -5.60
C ARG B 153 -27.98 -14.73 -6.76
N ARG B 154 -27.30 -14.32 -7.84
CA ARG B 154 -27.96 -13.67 -9.00
C ARG B 154 -27.64 -14.27 -10.35
N GLY B 155 -26.97 -15.40 -10.38
CA GLY B 155 -26.50 -15.99 -11.62
C GLY B 155 -25.44 -17.01 -11.28
N ASP B 156 -24.93 -17.74 -12.27
CA ASP B 156 -23.93 -18.81 -12.03
C ASP B 156 -22.75 -18.33 -11.18
N SER B 157 -22.22 -17.16 -11.52
CA SER B 157 -20.97 -16.70 -10.91
C SER B 157 -21.11 -15.45 -10.02
N ARG B 158 -22.32 -14.93 -9.84
CA ARG B 158 -22.50 -13.65 -9.13
C ARG B 158 -23.36 -13.76 -7.88
N GLY B 159 -23.17 -12.80 -6.98
CA GLY B 159 -23.93 -12.72 -5.75
C GLY B 159 -23.93 -11.29 -5.24
N SER B 160 -25.11 -10.77 -4.89
CA SER B 160 -25.21 -9.44 -4.32
C SER B 160 -25.02 -9.50 -2.81
N LEU B 161 -24.22 -8.58 -2.31
CA LEU B 161 -24.08 -8.36 -0.87
C LEU B 161 -25.33 -7.66 -0.35
N LEU B 162 -26.00 -8.29 0.61
CA LEU B 162 -27.20 -7.70 1.25
C LEU B 162 -26.91 -6.29 1.79
N SER B 163 -25.70 -6.08 2.31
CA SER B 163 -25.24 -4.74 2.70
C SER B 163 -23.85 -4.41 2.10
N PRO B 164 -23.82 -3.49 1.14
CA PRO B 164 -22.57 -3.08 0.50
C PRO B 164 -21.44 -2.71 1.49
N ARG B 165 -20.19 -3.02 1.13
CA ARG B 165 -19.04 -2.77 1.98
C ARG B 165 -17.81 -2.24 1.18
N PRO B 166 -16.95 -1.44 1.83
CA PRO B 166 -15.69 -1.02 1.19
C PRO B 166 -14.95 -2.20 0.57
N VAL B 167 -14.36 -2.04 -0.60
CA VAL B 167 -13.68 -3.16 -1.23
C VAL B 167 -12.47 -3.58 -0.40
N SER B 168 -11.83 -2.63 0.25
CA SER B 168 -10.71 -2.93 1.14
C SER B 168 -11.01 -4.05 2.16
N TYR B 169 -12.27 -4.18 2.55
CA TYR B 169 -12.66 -5.15 3.55
C TYR B 169 -12.63 -6.62 3.05
N LEU B 170 -12.77 -6.81 1.73
CA LEU B 170 -12.78 -8.13 1.13
C LEU B 170 -11.39 -8.59 0.67
N LYS B 171 -10.42 -7.69 0.69
CA LYS B 171 -9.10 -8.03 0.18
C LYS B 171 -8.39 -8.99 1.12
N GLY B 172 -7.74 -9.98 0.54
CA GLY B 172 -7.17 -11.09 1.26
C GLY B 172 -8.15 -12.23 1.45
N SER B 173 -9.39 -12.10 0.98
CA SER B 173 -10.37 -13.19 1.13
C SER B 173 -10.65 -13.96 -0.15
N SER B 174 -9.96 -13.63 -1.24
CA SER B 174 -9.94 -14.46 -2.47
C SER B 174 -9.75 -15.92 -2.09
N GLY B 175 -10.54 -16.81 -2.69
CA GLY B 175 -10.35 -18.25 -2.49
C GLY B 175 -11.09 -18.84 -1.30
N GLY B 176 -11.82 -18.01 -0.56
CA GLY B 176 -12.69 -18.48 0.51
C GLY B 176 -14.04 -18.87 -0.04
N PRO B 177 -14.79 -19.66 0.74
CA PRO B 177 -16.03 -20.26 0.29
C PRO B 177 -17.29 -19.39 0.33
N LEU B 178 -18.17 -19.60 -0.62
CA LEU B 178 -19.54 -19.20 -0.57
C LEU B 178 -20.28 -20.46 -0.13
N LEU B 179 -20.97 -20.40 1.01
CA LEU B 179 -21.65 -21.56 1.53
C LEU B 179 -23.15 -21.39 1.40
N CYS B 180 -23.85 -22.44 0.97
CA CYS B 180 -25.30 -22.50 1.10
C CYS B 180 -25.62 -22.66 2.61
N PRO B 181 -26.89 -22.44 2.99
CA PRO B 181 -27.25 -22.40 4.42
C PRO B 181 -26.81 -23.62 5.22
N SER B 182 -26.82 -24.81 4.62
CA SER B 182 -26.40 -26.04 5.31
C SER B 182 -24.88 -26.30 5.29
N GLY B 183 -24.08 -25.27 4.97
CA GLY B 183 -22.63 -25.37 5.09
C GLY B 183 -21.87 -26.08 3.98
N HIS B 184 -22.58 -26.42 2.91
CA HIS B 184 -21.99 -27.07 1.76
C HIS B 184 -21.50 -25.98 0.80
N ALA B 185 -20.41 -26.26 0.10
CA ALA B 185 -19.76 -25.27 -0.76
C ALA B 185 -20.49 -25.00 -2.08
N VAL B 186 -20.70 -23.73 -2.37
CA VAL B 186 -21.26 -23.32 -3.65
C VAL B 186 -20.17 -22.85 -4.61
N GLY B 187 -19.11 -22.24 -4.10
CA GLY B 187 -18.00 -21.77 -4.93
C GLY B 187 -16.87 -21.15 -4.11
N ILE B 188 -15.86 -20.58 -4.78
CA ILE B 188 -14.87 -19.77 -4.09
C ILE B 188 -14.82 -18.33 -4.62
N PHE B 189 -14.73 -17.40 -3.67
CA PHE B 189 -14.73 -15.97 -3.95
C PHE B 189 -13.52 -15.62 -4.82
N ARG B 190 -13.69 -14.81 -5.85
CA ARG B 190 -12.50 -14.33 -6.57
C ARG B 190 -12.45 -12.83 -6.85
N ALA B 191 -13.59 -12.16 -6.93
CA ALA B 191 -13.54 -10.71 -7.13
C ALA B 191 -14.79 -9.98 -6.63
N ALA B 192 -14.60 -8.73 -6.23
CA ALA B 192 -15.70 -7.82 -5.89
C ALA B 192 -16.15 -7.08 -7.15
N VAL B 193 -17.45 -6.81 -7.25
CA VAL B 193 -18.01 -5.90 -8.27
C VAL B 193 -18.27 -4.56 -7.59
N CYS B 194 -17.71 -3.48 -8.14
CA CYS B 194 -17.73 -2.17 -7.46
C CYS B 194 -18.40 -1.06 -8.19
N THR B 195 -18.99 -0.19 -7.38
CA THR B 195 -19.42 1.12 -7.80
C THR B 195 -18.64 2.08 -6.93
N ARG B 196 -17.77 2.88 -7.55
CA ARG B 196 -17.00 3.95 -6.90
C ARG B 196 -16.28 3.50 -5.60
N GLY B 197 -15.64 2.33 -5.64
CA GLY B 197 -14.82 1.84 -4.52
C GLY B 197 -15.55 1.06 -3.45
N VAL B 198 -16.85 0.87 -3.65
CA VAL B 198 -17.70 0.19 -2.70
C VAL B 198 -18.21 -1.11 -3.35
N ALA B 199 -18.02 -2.23 -2.67
CA ALA B 199 -18.39 -3.52 -3.22
C ALA B 199 -19.87 -3.78 -2.95
N LYS B 200 -20.63 -4.01 -4.01
CA LYS B 200 -22.04 -4.34 -3.94
C LYS B 200 -22.33 -5.78 -4.33
N ALA B 201 -21.44 -6.43 -5.09
CA ALA B 201 -21.66 -7.81 -5.51
C ALA B 201 -20.36 -8.56 -5.48
N VAL B 202 -20.42 -9.89 -5.46
CA VAL B 202 -19.21 -10.71 -5.50
C VAL B 202 -19.24 -11.69 -6.68
N ASP B 203 -18.05 -11.99 -7.22
CA ASP B 203 -17.88 -12.94 -8.30
C ASP B 203 -17.19 -14.16 -7.72
N PHE B 204 -17.65 -15.33 -8.11
CA PHE B 204 -17.05 -16.53 -7.54
C PHE B 204 -16.87 -17.58 -8.59
N VAL B 205 -16.04 -18.57 -8.28
CA VAL B 205 -15.83 -19.73 -9.15
C VAL B 205 -16.77 -20.82 -8.67
N PRO B 206 -17.79 -21.18 -9.48
CA PRO B 206 -18.78 -22.13 -8.97
C PRO B 206 -18.22 -23.55 -8.87
N VAL B 207 -18.78 -24.31 -7.94
CA VAL B 207 -18.37 -25.69 -7.67
C VAL B 207 -18.38 -26.59 -8.90
N GLU B 208 -19.34 -26.36 -9.80
CA GLU B 208 -19.46 -27.16 -11.01
C GLU B 208 -18.23 -26.98 -11.91
N SER B 209 -17.75 -25.74 -12.03
CA SER B 209 -16.50 -25.42 -12.75
C SER B 209 -15.29 -26.18 -12.21
N MET B 210 -15.29 -26.44 -10.91
CA MET B 210 -14.22 -27.23 -10.31
C MET B 210 -14.35 -28.68 -10.75
N GLU B 211 -15.57 -29.18 -10.79
CA GLU B 211 -15.79 -30.55 -11.19
C GLU B 211 -15.45 -30.74 -12.66
N THR B 212 -15.79 -29.76 -13.49
CA THR B 212 -15.36 -29.74 -14.89
C THR B 212 -13.82 -29.81 -14.99
N THR B 213 -13.15 -29.01 -14.15
CA THR B 213 -11.68 -28.92 -14.13
C THR B 213 -11.07 -30.22 -13.61
N MET B 214 -11.79 -30.89 -12.71
CA MET B 214 -11.33 -32.15 -12.16
C MET B 214 -11.37 -33.24 -13.22
N ARG B 215 -12.46 -33.24 -13.99
CA ARG B 215 -12.69 -34.22 -15.06
C ARG B 215 -11.94 -33.86 -16.34
N SER B 216 -11.26 -32.72 -16.37
CA SER B 216 -10.41 -32.39 -17.50
C SER B 216 -9.07 -33.08 -17.35
N PRO B 217 -8.45 -33.41 -18.49
CA PRO B 217 -7.10 -33.99 -18.45
C PRO B 217 -6.07 -32.93 -18.03
N VAL B 218 -5.27 -33.21 -17.00
CA VAL B 218 -4.22 -32.27 -16.55
C VAL B 218 -3.14 -32.14 -17.62
N PHE B 219 -2.86 -33.25 -18.30
CA PHE B 219 -1.88 -33.28 -19.37
C PHE B 219 -2.63 -33.39 -20.71
N THR B 220 -2.42 -32.41 -21.58
CA THR B 220 -2.97 -32.42 -22.92
C THR B 220 -1.85 -32.13 -23.92
N ASP B 221 -1.84 -32.87 -25.03
CA ASP B 221 -0.81 -32.71 -26.07
C ASP B 221 -1.19 -31.58 -27.04
N ASN B 222 -0.40 -30.50 -27.00
CA ASN B 222 -0.59 -29.35 -27.88
C ASN B 222 0.66 -29.07 -28.72
N SER B 223 1.54 -30.05 -28.89
CA SER B 223 2.86 -29.82 -29.52
C SER B 223 2.88 -30.03 -31.04
N SER B 224 1.92 -30.79 -31.56
CA SER B 224 1.86 -31.05 -32.99
C SER B 224 0.90 -30.07 -33.66
N PRO B 225 1.14 -29.76 -34.95
CA PRO B 225 0.18 -28.92 -35.66
C PRO B 225 -1.15 -29.68 -35.87
N PRO B 226 -2.27 -29.02 -35.64
CA PRO B 226 -3.55 -29.71 -35.86
C PRO B 226 -3.85 -29.95 -37.32
N ALA B 227 -4.70 -30.93 -37.59
CA ALA B 227 -5.21 -31.16 -38.93
C ALA B 227 -6.30 -30.12 -39.20
N VAL B 228 -6.50 -29.78 -40.46
CA VAL B 228 -7.47 -28.76 -40.82
C VAL B 228 -8.87 -29.37 -40.79
N PRO B 229 -9.78 -28.80 -39.99
CA PRO B 229 -11.12 -29.40 -39.85
C PRO B 229 -12.11 -29.02 -40.95
N GLN B 230 -13.27 -29.67 -40.96
CA GLN B 230 -14.30 -29.43 -41.97
C GLN B 230 -15.04 -28.12 -41.66
N SER B 231 -15.27 -27.84 -40.38
CA SER B 231 -15.86 -26.58 -39.95
C SER B 231 -14.89 -25.83 -39.03
N PHE B 232 -15.10 -24.52 -38.92
CA PHE B 232 -14.21 -23.63 -38.18
C PHE B 232 -13.84 -24.14 -36.79
N GLN B 233 -12.55 -24.06 -36.46
CA GLN B 233 -12.04 -24.34 -35.13
C GLN B 233 -10.89 -23.41 -34.71
N VAL B 234 -10.92 -22.99 -33.46
CA VAL B 234 -9.75 -22.39 -32.83
C VAL B 234 -9.01 -23.51 -32.14
N ALA B 235 -7.69 -23.56 -32.34
CA ALA B 235 -6.84 -24.58 -31.73
C ALA B 235 -5.59 -23.92 -31.17
N HIS B 236 -4.90 -24.64 -30.27
CA HIS B 236 -3.69 -24.12 -29.61
C HIS B 236 -2.46 -24.94 -29.94
N LEU B 237 -1.35 -24.26 -30.20
CA LEU B 237 -0.08 -24.94 -30.40
C LEU B 237 0.92 -24.43 -29.39
N HIS B 238 1.32 -25.32 -28.48
CA HIS B 238 2.34 -25.02 -27.47
C HIS B 238 3.59 -25.81 -27.81
N ALA B 239 4.67 -25.11 -28.13
CA ALA B 239 5.85 -25.75 -28.69
C ALA B 239 7.04 -24.82 -28.56
N PRO B 240 8.25 -25.39 -28.31
CA PRO B 240 9.44 -24.56 -28.21
C PRO B 240 9.71 -23.73 -29.47
N THR B 241 10.54 -22.71 -29.31
CA THR B 241 11.07 -21.99 -30.47
C THR B 241 12.14 -22.91 -31.08
N GLY B 242 11.91 -23.34 -32.33
CA GLY B 242 12.75 -24.34 -32.98
C GLY B 242 11.96 -25.55 -33.45
N SER B 243 10.72 -25.68 -32.97
CA SER B 243 9.77 -26.66 -33.51
C SER B 243 9.34 -26.30 -34.93
N GLY B 244 9.46 -25.02 -35.27
CA GLY B 244 9.06 -24.54 -36.59
C GLY B 244 7.61 -24.12 -36.63
N LYS B 245 7.13 -23.52 -35.54
CA LYS B 245 5.74 -23.04 -35.42
C LYS B 245 5.33 -22.14 -36.59
N SER B 246 6.25 -21.31 -37.04
CA SER B 246 5.93 -20.37 -38.11
C SER B 246 6.82 -20.51 -39.34
N THR B 247 7.65 -21.56 -39.39
CA THR B 247 8.42 -21.88 -40.59
C THR B 247 7.96 -23.24 -41.11
N LYS B 248 8.30 -24.31 -40.38
CA LYS B 248 7.91 -25.69 -40.78
C LYS B 248 6.42 -25.96 -40.86
N VAL B 249 5.65 -25.56 -39.85
CA VAL B 249 4.21 -25.90 -39.84
C VAL B 249 3.44 -25.16 -40.95
N PRO B 250 3.66 -23.84 -41.14
CA PRO B 250 3.07 -23.23 -42.36
C PRO B 250 3.58 -23.78 -43.71
N ALA B 251 4.88 -24.09 -43.78
CA ALA B 251 5.40 -24.84 -44.93
C ALA B 251 4.53 -26.09 -45.19
N ALA B 252 4.34 -26.90 -44.17
CA ALA B 252 3.62 -28.17 -44.29
C ALA B 252 2.15 -27.98 -44.71
N TYR B 253 1.51 -26.96 -44.17
CA TYR B 253 0.14 -26.65 -44.55
C TYR B 253 0.03 -26.27 -46.02
N ALA B 254 0.90 -25.36 -46.46
CA ALA B 254 0.94 -24.93 -47.87
C ALA B 254 1.11 -26.14 -48.81
N ALA B 255 1.97 -27.08 -48.43
CA ALA B 255 2.17 -28.34 -49.19
C ALA B 255 0.87 -29.14 -49.39
N GLN B 256 -0.08 -29.04 -48.47
CA GLN B 256 -1.38 -29.71 -48.60
C GLN B 256 -2.39 -28.87 -49.36
N GLY B 257 -1.97 -27.71 -49.90
CA GLY B 257 -2.83 -26.86 -50.72
C GLY B 257 -3.58 -25.69 -50.08
N TYR B 258 -3.31 -25.39 -48.82
CA TYR B 258 -4.00 -24.28 -48.13
C TYR B 258 -3.26 -22.95 -48.19
N LYS B 259 -4.02 -21.85 -48.12
CA LYS B 259 -3.45 -20.53 -47.92
C LYS B 259 -3.31 -20.21 -46.41
N VAL B 260 -2.09 -19.84 -46.00
CA VAL B 260 -1.77 -19.62 -44.60
C VAL B 260 -1.35 -18.17 -44.35
N LEU B 261 -1.87 -17.57 -43.26
CA LEU B 261 -1.43 -16.26 -42.79
C LEU B 261 -0.78 -16.50 -41.44
N VAL B 262 0.48 -16.08 -41.31
CA VAL B 262 1.18 -16.15 -40.05
C VAL B 262 1.39 -14.73 -39.53
N LEU B 263 0.78 -14.44 -38.37
CA LEU B 263 0.91 -13.11 -37.72
C LEU B 263 1.94 -13.17 -36.61
N ASN B 264 2.78 -12.14 -36.55
CA ASN B 264 3.83 -12.05 -35.55
C ASN B 264 3.90 -10.60 -35.05
N PRO B 265 4.24 -10.38 -33.76
CA PRO B 265 4.29 -8.99 -33.26
C PRO B 265 5.49 -8.19 -33.71
N SER B 266 6.54 -8.88 -34.17
CA SER B 266 7.85 -8.28 -34.53
C SER B 266 8.03 -8.07 -36.05
N VAL B 267 8.37 -6.84 -36.44
CA VAL B 267 8.73 -6.53 -37.82
C VAL B 267 10.01 -7.26 -38.21
N ALA B 268 11.02 -7.15 -37.36
CA ALA B 268 12.30 -7.79 -37.68
C ALA B 268 12.14 -9.30 -37.87
N ALA B 269 11.23 -9.91 -37.12
CA ALA B 269 10.99 -11.35 -37.24
C ALA B 269 10.16 -11.66 -38.47
N THR B 270 9.14 -10.86 -38.75
CA THR B 270 8.29 -11.08 -39.94
C THR B 270 9.14 -11.01 -41.20
N LEU B 271 9.90 -9.91 -41.33
CA LEU B 271 10.83 -9.73 -42.46
C LEU B 271 11.72 -10.96 -42.58
N GLY B 272 12.31 -11.38 -41.45
CA GLY B 272 13.28 -12.47 -41.41
C GLY B 272 12.75 -13.85 -41.80
N PHE B 273 11.45 -14.08 -41.58
CA PHE B 273 10.84 -15.34 -42.02
C PHE B 273 10.88 -15.47 -43.56
N GLY B 274 10.73 -14.35 -44.26
CA GLY B 274 10.66 -14.34 -45.72
C GLY B 274 11.91 -14.81 -46.42
N ALA B 275 13.06 -14.50 -45.81
CA ALA B 275 14.37 -14.95 -46.29
C ALA B 275 14.57 -16.42 -45.98
N TYR B 276 14.29 -16.79 -44.73
CA TYR B 276 14.45 -18.17 -44.30
C TYR B 276 13.55 -19.11 -45.09
N MET B 277 12.32 -18.70 -45.34
CA MET B 277 11.39 -19.59 -46.04
C MET B 277 11.77 -19.77 -47.49
N SER B 278 12.42 -18.79 -48.09
CA SER B 278 12.96 -18.93 -49.44
C SER B 278 14.11 -19.92 -49.46
N LYS B 279 15.07 -19.73 -48.56
CA LYS B 279 16.19 -20.63 -48.46
C LYS B 279 15.72 -22.05 -48.09
N ALA B 280 14.99 -22.17 -46.98
CA ALA B 280 14.76 -23.47 -46.31
C ALA B 280 13.56 -24.29 -46.79
N HIS B 281 12.59 -23.67 -47.47
CA HIS B 281 11.41 -24.40 -47.92
C HIS B 281 10.98 -24.07 -49.33
N GLY B 282 11.77 -23.29 -50.06
CA GLY B 282 11.44 -22.99 -51.43
C GLY B 282 10.05 -22.39 -51.56
N ILE B 283 9.72 -21.46 -50.68
CA ILE B 283 8.53 -20.63 -50.82
C ILE B 283 8.97 -19.19 -50.68
N ASP B 284 8.60 -18.35 -51.65
CA ASP B 284 8.82 -16.91 -51.50
C ASP B 284 7.49 -16.28 -51.08
N PRO B 285 7.32 -16.09 -49.76
CA PRO B 285 6.02 -15.70 -49.24
C PRO B 285 5.74 -14.22 -49.40
N ASN B 286 4.48 -13.87 -49.25
CA ASN B 286 4.11 -12.47 -49.11
C ASN B 286 4.59 -11.97 -47.72
N ILE B 287 5.06 -10.72 -47.68
CA ILE B 287 5.55 -10.11 -46.43
C ILE B 287 4.82 -8.80 -46.31
N ARG B 288 4.19 -8.57 -45.16
CA ARG B 288 3.48 -7.33 -44.92
C ARG B 288 3.88 -6.70 -43.57
N THR B 289 4.67 -5.63 -43.65
CA THR B 289 5.01 -4.78 -42.51
C THR B 289 4.73 -3.34 -42.93
N GLY B 290 4.81 -2.39 -42.00
CA GLY B 290 4.65 -0.96 -42.31
C GLY B 290 5.83 -0.47 -43.14
N VAL B 291 7.03 -0.89 -42.77
CA VAL B 291 8.26 -0.42 -43.43
C VAL B 291 8.42 -1.02 -44.84
N ARG B 292 7.82 -2.19 -45.07
CA ARG B 292 8.10 -2.96 -46.27
C ARG B 292 7.02 -4.01 -46.54
N THR B 293 6.43 -4.00 -47.74
CA THR B 293 5.54 -5.09 -48.15
C THR B 293 6.00 -5.69 -49.50
N ILE B 294 5.83 -7.00 -49.62
CA ILE B 294 6.16 -7.77 -50.82
C ILE B 294 5.00 -8.72 -51.12
N THR B 295 4.33 -8.54 -52.25
CA THR B 295 3.34 -9.50 -52.70
C THR B 295 3.92 -10.29 -53.89
N THR B 296 4.16 -11.59 -53.67
CA THR B 296 4.59 -12.54 -54.71
C THR B 296 3.46 -13.38 -55.31
N GLY B 297 2.25 -13.28 -54.77
CA GLY B 297 1.15 -14.23 -55.06
C GLY B 297 1.25 -15.62 -54.40
N ALA B 298 2.23 -15.84 -53.52
CA ALA B 298 2.41 -17.16 -52.91
C ALA B 298 1.26 -17.51 -51.96
N PRO B 299 1.18 -18.78 -51.56
CA PRO B 299 0.12 -19.23 -50.65
C PRO B 299 0.41 -19.06 -49.14
N VAL B 300 1.56 -18.45 -48.80
CA VAL B 300 1.88 -18.13 -47.42
C VAL B 300 2.23 -16.65 -47.27
N THR B 301 1.54 -15.98 -46.33
CA THR B 301 1.80 -14.59 -46.01
C THR B 301 2.30 -14.46 -44.56
N TYR B 302 3.36 -13.68 -44.36
CA TYR B 302 3.82 -13.26 -43.05
C TYR B 302 3.51 -11.78 -42.88
N SER B 303 2.80 -11.45 -41.79
CA SER B 303 2.40 -10.07 -41.46
C SER B 303 2.67 -9.73 -40.00
N THR B 304 2.88 -8.45 -39.69
CA THR B 304 2.76 -8.01 -38.30
C THR B 304 1.29 -8.01 -37.89
N TYR B 305 1.01 -8.10 -36.59
CA TYR B 305 -0.34 -7.78 -36.16
C TYR B 305 -0.71 -6.33 -36.52
N GLY B 306 0.22 -5.39 -36.35
CA GLY B 306 -0.09 -3.99 -36.64
C GLY B 306 -0.44 -3.72 -38.10
N LYS B 307 0.26 -4.40 -39.01
CA LYS B 307 0.00 -4.21 -40.44
C LYS B 307 -1.30 -4.93 -40.82
N PHE B 308 -1.54 -6.09 -40.24
CA PHE B 308 -2.84 -6.75 -40.37
C PHE B 308 -3.96 -5.81 -39.96
N LEU B 309 -3.78 -5.11 -38.84
CA LEU B 309 -4.80 -4.16 -38.39
C LEU B 309 -4.96 -2.99 -39.35
N ALA B 310 -3.84 -2.40 -39.76
CA ALA B 310 -3.84 -1.28 -40.70
C ALA B 310 -4.54 -1.63 -42.03
N ASP B 311 -4.42 -2.89 -42.46
CA ASP B 311 -5.04 -3.37 -43.71
C ASP B 311 -6.53 -3.68 -43.53
N GLY B 312 -7.07 -3.46 -42.33
CA GLY B 312 -8.49 -3.69 -42.08
C GLY B 312 -8.91 -5.12 -41.76
N GLY B 313 -7.97 -5.97 -41.31
CA GLY B 313 -8.32 -7.31 -40.81
C GLY B 313 -8.38 -8.36 -41.92
N CYS B 314 -9.29 -9.32 -41.76
CA CYS B 314 -9.47 -10.40 -42.74
C CYS B 314 -10.10 -9.98 -44.07
N SER B 315 -9.52 -10.43 -45.18
CA SER B 315 -10.20 -10.39 -46.48
C SER B 315 -11.00 -11.68 -46.59
N GLY B 316 -12.27 -11.57 -46.99
CA GLY B 316 -13.09 -12.74 -47.29
C GLY B 316 -12.48 -13.50 -48.46
N GLY B 317 -12.25 -14.79 -48.26
CA GLY B 317 -11.63 -15.67 -49.24
C GLY B 317 -10.11 -15.76 -49.12
N ALA B 318 -9.48 -14.69 -48.64
CA ALA B 318 -8.04 -14.60 -48.58
C ALA B 318 -7.36 -15.85 -48.00
N TYR B 319 -7.75 -16.31 -46.80
CA TYR B 319 -6.98 -17.36 -46.09
C TYR B 319 -7.79 -18.54 -45.48
N ASP B 320 -7.20 -19.74 -45.52
CA ASP B 320 -7.81 -20.97 -44.98
C ASP B 320 -7.40 -21.19 -43.53
N ILE B 321 -6.09 -21.06 -43.29
CA ILE B 321 -5.52 -21.10 -41.96
C ILE B 321 -4.88 -19.75 -41.58
N ILE B 322 -4.94 -19.43 -40.29
CA ILE B 322 -4.31 -18.24 -39.72
C ILE B 322 -3.60 -18.65 -38.44
N ILE B 323 -2.29 -18.41 -38.40
CA ILE B 323 -1.47 -18.78 -37.27
C ILE B 323 -1.11 -17.51 -36.51
N CYS B 324 -1.59 -17.38 -35.27
CA CYS B 324 -1.25 -16.23 -34.41
C CYS B 324 -0.06 -16.60 -33.57
N ASP B 325 1.12 -16.20 -34.01
CA ASP B 325 2.34 -16.57 -33.35
C ASP B 325 2.57 -15.63 -32.19
N GLU B 326 3.24 -16.15 -31.15
CA GLU B 326 3.53 -15.41 -29.93
C GLU B 326 2.25 -14.86 -29.32
N CYS B 327 1.19 -15.67 -29.33
CA CYS B 327 -0.06 -15.24 -28.74
C CYS B 327 0.00 -15.14 -27.21
N HIS B 328 1.16 -15.38 -26.60
CA HIS B 328 1.39 -15.05 -25.18
C HIS B 328 1.62 -13.56 -25.01
N SER B 329 1.84 -12.85 -26.12
CA SER B 329 2.22 -11.44 -26.11
C SER B 329 1.03 -10.57 -25.66
N THR B 330 1.23 -9.77 -24.61
CA THR B 330 0.14 -8.97 -24.03
C THR B 330 0.29 -7.47 -24.30
N ASP B 331 0.98 -7.10 -25.37
CA ASP B 331 0.95 -5.74 -25.85
C ASP B 331 -0.35 -5.46 -26.61
N SER B 332 -0.76 -4.21 -26.67
CA SER B 332 -2.09 -3.87 -27.17
C SER B 332 -2.34 -4.26 -28.65
N THR B 333 -1.35 -4.05 -29.53
CA THR B 333 -1.50 -4.44 -30.93
C THR B 333 -1.72 -5.95 -31.14
N THR B 334 -1.03 -6.80 -30.38
CA THR B 334 -1.26 -8.24 -30.50
C THR B 334 -2.65 -8.64 -30.03
N ILE B 335 -3.07 -8.09 -28.89
CA ILE B 335 -4.38 -8.41 -28.31
C ILE B 335 -5.49 -8.00 -29.28
N LEU B 336 -5.43 -6.76 -29.74
CA LEU B 336 -6.40 -6.27 -30.72
C LEU B 336 -6.33 -7.12 -32.01
N GLY B 337 -5.12 -7.42 -32.49
CA GLY B 337 -4.93 -8.27 -33.66
C GLY B 337 -5.53 -9.66 -33.51
N ILE B 338 -5.22 -10.32 -32.41
CA ILE B 338 -5.74 -11.66 -32.21
C ILE B 338 -7.24 -11.56 -32.10
N GLY B 339 -7.71 -10.58 -31.36
CA GLY B 339 -9.14 -10.36 -31.22
C GLY B 339 -9.85 -10.18 -32.54
N THR B 340 -9.20 -9.52 -33.49
CA THR B 340 -9.74 -9.35 -34.84
C THR B 340 -9.87 -10.68 -35.59
N VAL B 341 -8.80 -11.45 -35.67
CA VAL B 341 -8.85 -12.80 -36.23
C VAL B 341 -9.99 -13.69 -35.63
N LEU B 342 -10.18 -13.65 -34.30
CA LEU B 342 -11.20 -14.48 -33.66
C LEU B 342 -12.64 -13.99 -33.95
N ASP B 343 -12.82 -12.69 -34.14
CA ASP B 343 -14.11 -12.16 -34.53
C ASP B 343 -14.45 -12.42 -36.00
N GLN B 344 -13.46 -12.28 -36.88
CA GLN B 344 -13.68 -12.23 -38.32
C GLN B 344 -13.41 -13.54 -39.08
N ALA B 345 -12.48 -14.36 -38.58
CA ALA B 345 -11.93 -15.47 -39.35
C ALA B 345 -12.99 -16.37 -39.99
N GLU B 346 -13.85 -16.96 -39.19
CA GLU B 346 -14.95 -17.78 -39.71
C GLU B 346 -15.68 -17.16 -40.92
N THR B 347 -16.17 -15.96 -40.74
CA THR B 347 -16.95 -15.27 -41.76
C THR B 347 -16.15 -14.88 -43.00
N ALA B 348 -14.83 -14.77 -42.90
CA ALA B 348 -13.99 -14.54 -44.09
C ALA B 348 -13.46 -15.84 -44.68
N GLY B 349 -14.05 -16.97 -44.30
CA GLY B 349 -13.78 -18.24 -44.95
C GLY B 349 -12.70 -19.13 -44.35
N ALA B 350 -11.98 -18.65 -43.35
CA ALA B 350 -10.96 -19.48 -42.72
C ALA B 350 -11.63 -20.67 -42.07
N ARG B 351 -10.94 -21.81 -42.10
CA ARG B 351 -11.36 -23.00 -41.37
C ARG B 351 -10.55 -23.26 -40.09
N LEU B 352 -9.35 -22.66 -39.99
CA LEU B 352 -8.46 -22.92 -38.84
C LEU B 352 -7.72 -21.68 -38.31
N VAL B 353 -7.87 -21.44 -37.01
CA VAL B 353 -7.06 -20.44 -36.33
C VAL B 353 -6.20 -21.21 -35.35
N VAL B 354 -4.88 -21.07 -35.49
CA VAL B 354 -3.91 -21.64 -34.55
C VAL B 354 -3.37 -20.54 -33.65
N LEU B 355 -3.64 -20.65 -32.36
CA LEU B 355 -3.02 -19.76 -31.38
C LEU B 355 -1.70 -20.40 -30.89
N ALA B 356 -0.57 -19.84 -31.29
CA ALA B 356 0.72 -20.50 -31.06
C ALA B 356 1.62 -19.74 -30.11
N THR B 357 2.29 -20.45 -29.21
CA THR B 357 3.32 -19.88 -28.30
C THR B 357 4.15 -20.97 -27.61
N ALA B 358 5.32 -20.62 -27.10
CA ALA B 358 6.08 -21.56 -26.26
C ALA B 358 5.74 -21.41 -24.77
N THR B 359 5.26 -20.22 -24.39
CA THR B 359 4.97 -19.90 -23.00
C THR B 359 3.48 -19.54 -22.80
N PRO B 360 2.61 -20.56 -22.79
CA PRO B 360 1.17 -20.32 -22.63
C PRO B 360 0.83 -19.88 -21.21
N PRO B 361 -0.39 -19.38 -20.98
CA PRO B 361 -0.69 -18.86 -19.64
C PRO B 361 -0.61 -19.95 -18.59
N GLY B 362 0.05 -19.69 -17.46
CA GLY B 362 0.17 -20.70 -16.43
C GLY B 362 1.40 -21.56 -16.54
N SER B 363 2.14 -21.43 -17.64
CA SER B 363 3.40 -22.14 -17.81
C SER B 363 4.48 -21.58 -16.86
N VAL B 364 5.47 -22.42 -16.59
CA VAL B 364 6.50 -22.15 -15.58
C VAL B 364 7.90 -22.32 -16.18
N THR B 365 8.85 -21.53 -15.70
CA THR B 365 10.21 -21.59 -16.25
C THR B 365 10.92 -22.89 -15.86
N VAL B 366 11.24 -23.69 -16.87
CA VAL B 366 11.97 -24.93 -16.72
C VAL B 366 13.39 -24.80 -17.26
N PRO B 367 14.32 -25.62 -16.72
CA PRO B 367 15.68 -25.79 -17.26
C PRO B 367 15.76 -25.86 -18.77
N HIS B 368 16.84 -25.32 -19.32
CA HIS B 368 17.12 -25.46 -20.73
C HIS B 368 18.42 -26.24 -20.79
N PRO B 369 18.45 -27.35 -21.54
CA PRO B 369 19.67 -28.21 -21.58
C PRO B 369 20.95 -27.48 -22.07
N ASN B 370 20.76 -26.59 -23.05
CA ASN B 370 21.79 -25.69 -23.59
C ASN B 370 22.20 -24.43 -22.78
N ILE B 371 21.54 -24.15 -21.66
CA ILE B 371 21.78 -22.88 -20.96
C ILE B 371 22.14 -23.06 -19.49
N GLU B 372 23.33 -22.63 -19.11
CA GLU B 372 23.80 -22.71 -17.74
C GLU B 372 23.29 -21.47 -17.01
N GLU B 373 22.80 -21.64 -15.79
CA GLU B 373 22.20 -20.55 -15.05
C GLU B 373 22.96 -20.27 -13.78
N VAL B 374 23.40 -19.03 -13.62
CA VAL B 374 24.30 -18.68 -12.53
C VAL B 374 23.84 -17.39 -11.86
N ALA B 375 23.43 -17.47 -10.60
CA ALA B 375 23.04 -16.28 -9.85
C ALA B 375 24.24 -15.35 -9.77
N LEU B 376 23.99 -14.06 -9.95
CA LEU B 376 24.99 -13.04 -9.71
C LEU B 376 25.26 -12.98 -8.21
N SER B 377 26.51 -12.67 -7.85
CA SER B 377 26.91 -12.52 -6.44
C SER B 377 27.15 -11.04 -6.19
N ASN B 378 27.86 -10.70 -5.13
CA ASN B 378 28.23 -9.31 -4.90
C ASN B 378 29.65 -8.96 -5.26
N THR B 379 30.52 -9.96 -5.40
CA THR B 379 31.89 -9.70 -5.83
C THR B 379 31.89 -9.48 -7.35
N GLY B 380 32.26 -8.27 -7.76
CA GLY B 380 32.28 -7.91 -9.17
C GLY B 380 32.61 -6.45 -9.26
N GLU B 381 33.04 -6.02 -10.43
CA GLU B 381 33.48 -4.64 -10.63
C GLU B 381 32.31 -3.75 -11.07
N ILE B 382 31.31 -4.34 -11.71
CA ILE B 382 30.17 -3.58 -12.23
C ILE B 382 28.94 -3.73 -11.30
N PRO B 383 28.46 -2.62 -10.73
CA PRO B 383 27.17 -2.72 -10.00
C PRO B 383 25.96 -2.95 -10.93
N PHE B 384 25.02 -3.76 -10.47
CA PHE B 384 23.92 -4.18 -11.30
C PHE B 384 22.80 -4.64 -10.41
N TYR B 385 21.80 -3.75 -10.25
CA TYR B 385 20.57 -3.99 -9.43
C TYR B 385 20.83 -4.57 -8.06
N GLY B 386 21.84 -4.07 -7.38
CA GLY B 386 22.15 -4.52 -6.02
C GLY B 386 23.11 -5.69 -5.93
N LYS B 387 23.44 -6.28 -7.08
CA LYS B 387 24.46 -7.33 -7.17
C LYS B 387 25.62 -6.78 -7.99
N ALA B 388 26.49 -7.66 -8.46
CA ALA B 388 27.63 -7.23 -9.26
C ALA B 388 27.90 -8.14 -10.50
N ILE B 389 28.40 -7.52 -11.56
CA ILE B 389 28.84 -8.26 -12.73
C ILE B 389 30.38 -8.26 -12.79
N PRO B 390 31.00 -9.46 -12.77
CA PRO B 390 32.47 -9.49 -12.88
C PRO B 390 32.83 -9.17 -14.30
N ILE B 391 33.75 -8.23 -14.49
CA ILE B 391 34.22 -7.83 -15.81
C ILE B 391 34.67 -9.02 -16.69
N GLU B 392 35.27 -10.04 -16.08
CA GLU B 392 35.72 -11.22 -16.80
C GLU B 392 34.54 -11.90 -17.55
N ALA B 393 33.38 -11.95 -16.92
CA ALA B 393 32.15 -12.50 -17.54
C ALA B 393 31.74 -11.88 -18.89
N ILE B 394 32.09 -10.60 -19.12
CA ILE B 394 31.66 -9.89 -20.33
C ILE B 394 32.76 -9.23 -21.20
N ARG B 395 34.04 -9.36 -20.80
CA ARG B 395 35.16 -8.86 -21.62
C ARG B 395 35.42 -9.87 -22.74
N GLY B 396 35.15 -9.48 -23.97
CA GLY B 396 35.18 -10.39 -25.08
C GLY B 396 33.91 -11.20 -25.20
N GLY B 397 33.46 -11.41 -26.42
CA GLY B 397 32.21 -12.09 -26.67
C GLY B 397 31.10 -11.10 -26.98
N ARG B 398 29.94 -11.65 -27.28
CA ARG B 398 28.73 -10.89 -27.49
C ARG B 398 27.74 -11.25 -26.41
N HIS B 399 27.35 -10.22 -25.65
CA HIS B 399 26.54 -10.39 -24.46
C HIS B 399 25.37 -9.41 -24.43
N LEU B 400 24.29 -9.81 -23.77
CA LEU B 400 23.11 -9.00 -23.62
C LEU B 400 22.80 -8.83 -22.15
N ILE B 401 22.66 -7.58 -21.72
CA ILE B 401 22.26 -7.26 -20.38
C ILE B 401 20.90 -6.55 -20.50
N PHE B 402 19.87 -7.15 -19.89
CA PHE B 402 18.54 -6.54 -19.83
C PHE B 402 18.35 -5.56 -18.65
N CYS B 403 17.96 -4.32 -18.95
CA CYS B 403 17.57 -3.36 -17.93
C CYS B 403 16.14 -2.91 -18.07
N HIS B 404 15.48 -2.59 -16.95
CA HIS B 404 14.08 -2.18 -16.99
C HIS B 404 13.82 -0.84 -17.67
N SER B 405 14.79 0.08 -17.61
CA SER B 405 14.59 1.43 -18.12
C SER B 405 15.68 1.88 -19.07
N LYS B 406 15.37 2.86 -19.89
CA LYS B 406 16.38 3.42 -20.77
C LYS B 406 17.44 4.21 -19.99
N LYS B 407 17.01 4.86 -18.92
CA LYS B 407 17.94 5.60 -18.10
C LYS B 407 19.04 4.66 -17.62
N LYS B 408 18.70 3.47 -17.14
CA LYS B 408 19.71 2.50 -16.70
C LYS B 408 20.57 1.95 -17.83
N CYS B 409 19.99 1.79 -19.03
CA CYS B 409 20.78 1.36 -20.19
C CYS B 409 21.86 2.36 -20.56
N ASP B 410 21.54 3.66 -20.53
CA ASP B 410 22.52 4.68 -20.81
C ASP B 410 23.58 4.67 -19.72
N GLU B 411 23.13 4.58 -18.49
CA GLU B 411 24.02 4.47 -17.33
C GLU B 411 25.03 3.31 -17.45
N LEU B 412 24.53 2.06 -17.63
CA LEU B 412 25.39 0.86 -17.75
C LEU B 412 26.25 0.91 -19.02
N ALA B 413 25.70 1.30 -20.16
CA ALA B 413 26.49 1.49 -21.37
C ALA B 413 27.67 2.47 -21.18
N ALA B 414 27.56 3.37 -20.21
CA ALA B 414 28.63 4.34 -19.95
C ALA B 414 29.65 3.76 -18.97
N LYS B 415 29.17 3.31 -17.82
CA LYS B 415 30.01 2.70 -16.79
C LYS B 415 30.85 1.54 -17.38
N LEU B 416 30.35 0.93 -18.47
CA LEU B 416 31.08 -0.13 -19.18
C LEU B 416 32.08 0.40 -20.18
N SER B 417 31.81 1.56 -20.79
CA SER B 417 32.85 2.24 -21.56
C SER B 417 33.91 2.84 -20.63
N GLY B 418 33.54 3.09 -19.37
CA GLY B 418 34.48 3.54 -18.36
C GLY B 418 35.52 2.49 -17.99
N LEU B 419 35.24 1.23 -18.33
CA LEU B 419 36.14 0.10 -18.07
C LEU B 419 36.64 -0.55 -19.38
N GLY B 420 36.51 0.14 -20.50
CA GLY B 420 37.04 -0.35 -21.78
C GLY B 420 36.29 -1.51 -22.46
N ILE B 421 35.00 -1.69 -22.18
CA ILE B 421 34.18 -2.66 -22.90
C ILE B 421 33.47 -1.92 -24.04
N ASN B 422 33.31 -2.61 -25.18
CA ASN B 422 32.54 -2.10 -26.33
C ASN B 422 31.04 -2.28 -26.07
N ALA B 423 30.41 -1.32 -25.38
CA ALA B 423 29.00 -1.41 -25.01
C ALA B 423 28.12 -0.50 -25.86
N VAL B 424 26.84 -0.86 -25.95
CA VAL B 424 25.85 -0.13 -26.74
C VAL B 424 24.46 -0.27 -26.08
N ALA B 425 23.72 0.84 -25.99
CA ALA B 425 22.35 0.87 -25.46
C ALA B 425 21.36 0.69 -26.58
N TYR B 426 20.30 -0.07 -26.35
CA TYR B 426 19.21 -0.13 -27.33
C TYR B 426 17.87 -0.07 -26.60
N TYR B 427 16.99 0.80 -27.09
CA TYR B 427 15.62 0.93 -26.55
C TYR B 427 14.77 1.64 -27.57
N ARG B 428 13.46 1.73 -27.34
CA ARG B 428 12.54 2.37 -28.29
C ARG B 428 13.01 3.77 -28.61
N GLY B 429 13.01 4.10 -29.90
CA GLY B 429 13.53 5.38 -30.36
C GLY B 429 14.77 5.20 -31.18
N LEU B 430 15.77 4.52 -30.61
CA LEU B 430 17.05 4.29 -31.28
C LEU B 430 16.88 3.33 -32.44
N ASP B 431 17.74 3.45 -33.46
CA ASP B 431 17.77 2.48 -34.56
C ASP B 431 18.59 1.27 -34.18
N VAL B 432 18.11 0.12 -34.65
CA VAL B 432 18.70 -1.17 -34.38
C VAL B 432 20.14 -1.25 -34.92
N SER B 433 20.44 -0.45 -35.95
CA SER B 433 21.77 -0.38 -36.54
C SER B 433 22.88 -0.08 -35.55
N VAL B 434 22.55 0.54 -34.43
CA VAL B 434 23.57 0.76 -33.39
C VAL B 434 24.12 -0.54 -32.83
N ILE B 435 23.39 -1.64 -33.03
CA ILE B 435 23.92 -2.96 -32.62
C ILE B 435 24.79 -3.54 -33.76
N PRO B 436 26.10 -3.71 -33.51
CA PRO B 436 26.93 -4.35 -34.54
C PRO B 436 26.54 -5.81 -34.78
N THR B 437 26.39 -6.16 -36.06
CA THR B 437 25.95 -7.50 -36.44
C THR B 437 27.03 -8.52 -36.14
N ILE B 438 28.29 -8.12 -36.13
CA ILE B 438 29.38 -9.05 -35.80
C ILE B 438 30.38 -8.33 -34.90
N GLY B 439 31.21 -9.10 -34.20
CA GLY B 439 32.28 -8.55 -33.38
C GLY B 439 31.88 -8.51 -31.94
N ASP B 440 32.83 -8.22 -31.07
CA ASP B 440 32.51 -8.15 -29.66
C ASP B 440 31.56 -6.99 -29.36
N VAL B 441 30.66 -7.19 -28.40
CA VAL B 441 29.82 -6.13 -27.89
C VAL B 441 29.02 -6.54 -26.68
N VAL B 442 28.79 -5.60 -25.77
CA VAL B 442 27.77 -5.76 -24.76
C VAL B 442 26.64 -4.79 -25.11
N VAL B 443 25.47 -5.37 -25.41
CA VAL B 443 24.28 -4.63 -25.69
C VAL B 443 23.50 -4.53 -24.40
N VAL B 444 23.27 -3.29 -23.98
CA VAL B 444 22.49 -3.00 -22.80
C VAL B 444 21.14 -2.51 -23.30
N ALA B 445 20.10 -3.31 -23.07
CA ALA B 445 18.82 -3.16 -23.75
C ALA B 445 17.63 -3.29 -22.84
N THR B 446 16.51 -2.70 -23.27
CA THR B 446 15.18 -2.95 -22.70
C THR B 446 14.51 -4.01 -23.54
N ASP B 447 13.25 -4.29 -23.22
CA ASP B 447 12.47 -5.28 -23.96
C ASP B 447 12.12 -4.84 -25.37
N ALA B 448 12.26 -3.56 -25.67
CA ALA B 448 12.20 -3.10 -27.06
C ALA B 448 13.10 -4.00 -27.96
N LEU B 449 14.21 -4.49 -27.40
CA LEU B 449 15.12 -5.40 -28.11
C LEU B 449 14.33 -6.55 -28.74
N MET B 450 13.34 -7.05 -28.01
CA MET B 450 12.58 -8.23 -28.39
C MET B 450 11.87 -8.09 -29.74
N THR B 451 11.44 -6.89 -30.12
CA THR B 451 10.84 -6.71 -31.44
C THR B 451 11.76 -5.99 -32.46
N GLY B 452 12.81 -5.29 -32.00
CA GLY B 452 13.72 -4.59 -32.92
C GLY B 452 14.81 -5.42 -33.62
N TYR B 453 15.23 -6.51 -32.98
CA TYR B 453 16.46 -7.22 -33.33
C TYR B 453 16.28 -8.72 -33.16
N THR B 454 16.79 -9.52 -34.08
CA THR B 454 16.50 -10.97 -34.06
C THR B 454 17.61 -11.88 -33.54
N GLY B 455 18.85 -11.40 -33.48
CA GLY B 455 19.97 -12.25 -33.12
C GLY B 455 20.08 -12.79 -31.70
N ASP B 456 21.02 -13.70 -31.51
CA ASP B 456 21.31 -14.32 -30.21
C ASP B 456 22.71 -13.90 -29.68
N PHE B 457 23.04 -14.32 -28.46
CA PHE B 457 24.22 -13.84 -27.74
C PHE B 457 24.88 -14.95 -26.97
N ASP B 458 26.14 -14.76 -26.58
CA ASP B 458 26.89 -15.76 -25.85
C ASP B 458 26.28 -15.87 -24.47
N SER B 459 25.92 -14.72 -23.89
CA SER B 459 25.27 -14.74 -22.58
C SER B 459 24.19 -13.70 -22.42
N VAL B 460 23.31 -13.95 -21.43
CA VAL B 460 22.31 -13.00 -21.04
C VAL B 460 22.42 -12.74 -19.55
N ILE B 461 22.49 -11.46 -19.19
CA ILE B 461 22.35 -11.01 -17.80
C ILE B 461 21.03 -10.23 -17.66
N ASP B 462 20.27 -10.56 -16.61
CA ASP B 462 18.86 -10.19 -16.48
C ASP B 462 18.63 -9.54 -15.12
N CYS B 463 18.18 -8.28 -15.14
CA CYS B 463 17.79 -7.56 -13.91
C CYS B 463 16.55 -8.15 -13.28
N ASN B 464 15.85 -9.01 -14.02
CA ASN B 464 14.68 -9.71 -13.55
C ASN B 464 13.49 -8.83 -13.20
N THR B 465 13.43 -7.63 -13.76
CA THR B 465 12.32 -6.72 -13.46
C THR B 465 11.84 -6.05 -14.72
N CYS B 466 10.58 -5.63 -14.74
CA CYS B 466 10.07 -4.85 -15.87
C CYS B 466 9.21 -3.68 -15.47
N VAL B 467 9.07 -2.74 -16.40
CA VAL B 467 8.28 -1.57 -16.21
C VAL B 467 6.92 -1.90 -16.77
N THR B 468 5.88 -1.62 -16.00
CA THR B 468 4.51 -1.93 -16.36
C THR B 468 3.63 -0.73 -16.08
N GLN B 469 2.46 -0.73 -16.69
CA GLN B 469 1.46 0.29 -16.46
C GLN B 469 0.27 -0.31 -15.76
N THR B 470 -0.31 0.47 -14.86
CA THR B 470 -1.38 -0.03 -14.01
C THR B 470 -2.44 1.07 -13.85
N VAL B 471 -3.71 0.69 -13.97
CA VAL B 471 -4.78 1.65 -13.77
C VAL B 471 -5.29 1.61 -12.35
N ASP B 472 -5.45 2.80 -11.78
CA ASP B 472 -6.09 2.95 -10.47
C ASP B 472 -7.38 3.74 -10.68
N PHE B 473 -8.49 3.26 -10.14
CA PHE B 473 -9.79 3.97 -10.26
C PHE B 473 -9.91 4.90 -9.06
N SER B 474 -9.15 5.97 -9.15
CA SER B 474 -8.80 6.83 -8.04
C SER B 474 -9.81 7.94 -7.76
N LEU B 475 -10.59 8.30 -8.77
CA LEU B 475 -11.68 9.25 -8.64
C LEU B 475 -11.19 10.59 -8.13
N ASP B 476 -10.16 11.09 -8.79
CA ASP B 476 -9.46 12.28 -8.35
C ASP B 476 -8.98 13.04 -9.57
N PRO B 477 -9.88 13.32 -10.53
CA PRO B 477 -11.31 13.09 -10.55
C PRO B 477 -11.79 11.76 -11.11
N THR B 478 -10.95 11.08 -11.89
CA THR B 478 -11.44 9.94 -12.70
C THR B 478 -10.60 8.67 -12.49
N PHE B 479 -9.62 8.42 -13.37
CA PHE B 479 -8.72 7.28 -13.20
C PHE B 479 -7.32 7.81 -13.35
N THR B 480 -6.36 6.95 -12.98
CA THR B 480 -4.93 7.21 -13.06
C THR B 480 -4.30 6.01 -13.76
N ILE B 481 -3.40 6.28 -14.70
CA ILE B 481 -2.51 5.25 -15.28
C ILE B 481 -1.11 5.54 -14.74
N GLU B 482 -0.56 4.59 -13.96
CA GLU B 482 0.72 4.74 -13.26
C GLU B 482 1.72 3.79 -13.84
N THR B 483 2.97 4.22 -13.92
CA THR B 483 4.05 3.35 -14.32
C THR B 483 4.77 2.81 -13.10
N THR B 484 4.85 1.48 -12.98
CA THR B 484 5.63 0.81 -11.90
C THR B 484 6.71 -0.17 -12.44
N THR B 485 7.74 -0.38 -11.62
CA THR B 485 8.69 -1.46 -11.82
C THR B 485 8.17 -2.66 -11.06
N VAL B 486 8.01 -3.79 -11.74
CA VAL B 486 7.54 -5.04 -11.09
C VAL B 486 8.48 -6.24 -11.34
N PRO B 487 8.36 -7.28 -10.50
CA PRO B 487 9.06 -8.52 -10.82
C PRO B 487 8.57 -9.13 -12.13
N GLN B 488 9.51 -9.64 -12.94
CA GLN B 488 9.21 -10.25 -14.22
C GLN B 488 8.34 -11.50 -14.01
N ASP B 489 7.55 -11.89 -15.01
CA ASP B 489 6.85 -13.17 -14.97
C ASP B 489 7.60 -14.22 -15.75
N ALA B 490 7.11 -15.44 -15.71
CA ALA B 490 7.79 -16.55 -16.34
C ALA B 490 7.92 -16.38 -17.86
N VAL B 491 6.96 -15.69 -18.50
CA VAL B 491 7.04 -15.43 -19.93
C VAL B 491 8.24 -14.52 -20.23
N SER B 492 8.31 -13.39 -19.55
CA SER B 492 9.45 -12.50 -19.66
C SER B 492 10.77 -13.20 -19.33
N ARG B 493 10.83 -13.99 -18.26
CA ARG B 493 12.08 -14.67 -17.92
C ARG B 493 12.49 -15.61 -19.04
N SER B 494 11.52 -16.37 -19.58
CA SER B 494 11.85 -17.32 -20.62
C SER B 494 12.21 -16.64 -21.93
N GLN B 495 11.56 -15.51 -22.26
CA GLN B 495 11.89 -14.79 -23.53
C GLN B 495 13.26 -14.12 -23.40
N ARG B 496 13.58 -13.61 -22.24
CA ARG B 496 14.86 -12.96 -22.04
C ARG B 496 16.02 -13.96 -22.11
N ARG B 497 15.91 -15.03 -21.34
CA ARG B 497 16.85 -16.15 -21.34
C ARG B 497 17.00 -16.80 -22.71
N GLY B 498 15.93 -16.85 -23.48
CA GLY B 498 15.98 -17.44 -24.82
C GLY B 498 16.74 -16.60 -25.85
N ARG B 499 17.41 -15.52 -25.44
CA ARG B 499 18.32 -14.81 -26.32
C ARG B 499 19.72 -15.42 -26.31
N THR B 500 19.93 -16.40 -25.45
CA THR B 500 21.16 -17.23 -25.49
C THR B 500 20.75 -18.71 -25.57
N GLY B 501 21.67 -19.57 -25.98
CA GLY B 501 21.40 -21.03 -26.01
C GLY B 501 20.71 -21.55 -27.27
N ARG B 502 20.58 -20.72 -28.30
CA ARG B 502 19.88 -21.09 -29.52
C ARG B 502 20.80 -21.90 -30.43
N GLY B 503 20.74 -23.24 -30.32
CA GLY B 503 21.59 -24.11 -31.12
C GLY B 503 23.09 -24.05 -30.79
N ARG B 504 23.42 -23.40 -29.66
CA ARG B 504 24.81 -23.36 -29.19
C ARG B 504 24.78 -23.05 -27.70
N ARG B 505 25.85 -23.34 -26.99
CA ARG B 505 25.81 -23.29 -25.53
C ARG B 505 25.71 -21.84 -25.05
N GLY B 506 25.06 -21.62 -23.91
CA GLY B 506 24.95 -20.26 -23.34
C GLY B 506 24.86 -20.16 -21.84
N ILE B 507 25.04 -18.94 -21.34
CA ILE B 507 25.01 -18.65 -19.91
C ILE B 507 23.95 -17.59 -19.62
N TYR B 508 23.15 -17.79 -18.58
CA TYR B 508 22.10 -16.85 -18.18
C TYR B 508 22.41 -16.49 -16.75
N ARG B 509 22.71 -15.22 -16.49
CA ARG B 509 23.02 -14.77 -15.12
C ARG B 509 21.89 -13.92 -14.64
N PHE B 510 21.55 -14.01 -13.36
CA PHE B 510 20.36 -13.36 -12.85
C PHE B 510 20.56 -12.74 -11.49
N VAL B 511 19.72 -11.76 -11.20
CA VAL B 511 19.75 -11.04 -9.96
C VAL B 511 18.87 -11.72 -8.93
N THR B 512 17.70 -12.20 -9.35
CA THR B 512 16.80 -12.90 -8.44
C THR B 512 16.12 -14.07 -9.15
N PRO B 513 15.78 -15.15 -8.41
CA PRO B 513 15.02 -16.27 -8.98
C PRO B 513 13.51 -16.11 -8.98
N GLY B 514 13.00 -15.15 -8.22
CA GLY B 514 11.58 -14.74 -8.30
C GLY B 514 10.99 -14.60 -9.70
N GLU B 515 9.68 -14.76 -9.79
CA GLU B 515 8.97 -14.88 -11.06
C GLU B 515 7.47 -14.86 -10.76
N ARG B 516 6.80 -13.74 -11.06
CA ARG B 516 5.39 -13.61 -10.72
C ARG B 516 4.57 -14.48 -11.69
N PRO B 517 3.29 -14.74 -11.34
CA PRO B 517 2.47 -15.59 -12.23
C PRO B 517 2.32 -15.03 -13.64
N SER B 518 2.30 -15.93 -14.62
CA SER B 518 2.25 -15.53 -16.01
C SER B 518 0.83 -15.57 -16.55
N GLY B 519 0.64 -14.89 -17.69
CA GLY B 519 -0.61 -14.99 -18.45
C GLY B 519 -1.73 -14.09 -17.96
N MET B 520 -1.40 -13.04 -17.22
CA MET B 520 -2.40 -12.04 -16.87
C MET B 520 -1.89 -10.68 -17.31
N PHE B 521 -2.81 -9.78 -17.56
CA PHE B 521 -2.43 -8.42 -17.89
C PHE B 521 -3.44 -7.43 -17.32
N ASP B 522 -3.04 -6.17 -17.25
CA ASP B 522 -3.80 -5.16 -16.53
C ASP B 522 -4.83 -4.51 -17.45
N SER B 523 -5.92 -4.05 -16.84
CA SER B 523 -6.97 -3.32 -17.50
C SER B 523 -6.42 -2.12 -18.27
N SER B 524 -5.26 -1.60 -17.87
CA SER B 524 -4.67 -0.52 -18.60
C SER B 524 -4.27 -0.97 -19.99
N VAL B 525 -4.01 -2.26 -20.21
CA VAL B 525 -3.75 -2.75 -21.58
C VAL B 525 -5.02 -2.66 -22.43
N LEU B 526 -6.19 -2.92 -21.85
CA LEU B 526 -7.45 -2.64 -22.54
C LEU B 526 -7.59 -1.17 -22.91
N CYS B 527 -7.23 -0.27 -22.01
CA CYS B 527 -7.30 1.16 -22.34
C CYS B 527 -6.45 1.47 -23.58
N GLU B 528 -5.20 1.00 -23.59
CA GLU B 528 -4.31 1.11 -24.76
C GLU B 528 -4.93 0.57 -26.05
N CYS B 529 -5.67 -0.53 -25.97
CA CYS B 529 -6.32 -1.07 -27.16
C CYS B 529 -7.30 -0.08 -27.74
N TYR B 530 -8.18 0.50 -26.92
CA TYR B 530 -9.11 1.51 -27.43
C TYR B 530 -8.33 2.71 -27.93
N ASP B 531 -7.25 3.04 -27.24
CA ASP B 531 -6.43 4.17 -27.64
C ASP B 531 -5.87 4.01 -29.04
N ALA B 532 -5.42 2.81 -29.34
CA ALA B 532 -4.78 2.52 -30.63
C ALA B 532 -5.85 2.35 -31.71
N GLY B 533 -6.96 1.73 -31.33
CA GLY B 533 -8.12 1.61 -32.18
C GLY B 533 -8.52 2.99 -32.70
N CYS B 534 -8.50 3.98 -31.82
CA CYS B 534 -8.86 5.33 -32.17
C CYS B 534 -7.75 6.05 -32.90
N ALA B 535 -6.51 5.88 -32.47
CA ALA B 535 -5.43 6.71 -33.00
C ALA B 535 -4.87 6.21 -34.33
N TRP B 536 -4.92 4.88 -34.55
CA TRP B 536 -4.20 4.26 -35.67
C TRP B 536 -5.06 3.48 -36.62
N TYR B 537 -6.01 2.72 -36.09
CA TYR B 537 -6.74 1.76 -36.88
C TYR B 537 -8.15 2.19 -37.22
N GLU B 538 -8.44 3.47 -37.04
CA GLU B 538 -9.78 3.98 -37.26
C GLU B 538 -10.86 2.99 -36.85
N LEU B 539 -10.77 2.51 -35.63
CA LEU B 539 -11.85 1.70 -35.06
C LEU B 539 -12.66 2.60 -34.12
N THR B 540 -13.97 2.45 -34.15
CA THR B 540 -14.82 3.02 -33.12
C THR B 540 -14.65 2.16 -31.87
N PRO B 541 -14.84 2.76 -30.68
CA PRO B 541 -14.86 1.98 -29.46
C PRO B 541 -15.80 0.79 -29.49
N ALA B 542 -16.98 0.95 -30.07
CA ALA B 542 -17.93 -0.16 -30.21
C ALA B 542 -17.26 -1.33 -31.00
N GLU B 543 -16.70 -0.97 -32.14
CA GLU B 543 -15.95 -1.91 -32.97
C GLU B 543 -14.81 -2.56 -32.19
N THR B 544 -14.02 -1.77 -31.47
CA THR B 544 -12.96 -2.28 -30.62
C THR B 544 -13.46 -3.24 -29.54
N SER B 545 -14.63 -2.95 -28.97
CA SER B 545 -15.25 -3.88 -28.00
C SER B 545 -15.55 -5.26 -28.54
N VAL B 546 -16.04 -5.35 -29.77
CA VAL B 546 -16.40 -6.64 -30.41
C VAL B 546 -15.17 -7.53 -30.56
N ARG B 547 -14.06 -6.92 -30.95
CA ARG B 547 -12.79 -7.66 -31.13
C ARG B 547 -12.17 -8.11 -29.83
N LEU B 548 -12.14 -7.21 -28.84
CA LEU B 548 -11.63 -7.55 -27.51
C LEU B 548 -12.49 -8.60 -26.81
N ARG B 549 -13.80 -8.48 -26.98
CA ARG B 549 -14.74 -9.47 -26.47
C ARG B 549 -14.45 -10.89 -27.02
N ALA B 550 -14.15 -11.00 -28.31
CA ALA B 550 -13.77 -12.31 -28.91
C ALA B 550 -12.47 -12.85 -28.27
N TYR B 551 -11.53 -11.96 -27.97
CA TYR B 551 -10.28 -12.33 -27.30
C TYR B 551 -10.57 -12.83 -25.88
N LEU B 552 -11.23 -11.99 -25.07
CA LEU B 552 -11.58 -12.38 -23.67
C LEU B 552 -12.34 -13.70 -23.60
N ASN B 553 -13.39 -13.83 -24.40
CA ASN B 553 -14.20 -15.05 -24.44
C ASN B 553 -13.53 -16.27 -25.06
N THR B 554 -12.36 -16.13 -25.65
CA THR B 554 -11.63 -17.33 -26.12
C THR B 554 -10.74 -17.88 -25.00
N PRO B 555 -10.93 -19.15 -24.60
CA PRO B 555 -10.08 -19.66 -23.52
C PRO B 555 -8.66 -19.89 -23.96
N GLY B 556 -7.73 -19.98 -23.00
CA GLY B 556 -6.35 -20.36 -23.26
C GLY B 556 -5.44 -19.25 -23.72
N LEU B 557 -5.95 -18.01 -23.72
CA LEU B 557 -5.16 -16.82 -23.96
C LEU B 557 -4.91 -16.12 -22.62
N PRO B 558 -3.95 -15.18 -22.57
CA PRO B 558 -3.80 -14.35 -21.37
C PRO B 558 -5.11 -13.72 -20.93
N VAL B 559 -5.25 -13.47 -19.63
CA VAL B 559 -6.52 -13.02 -19.13
C VAL B 559 -6.45 -11.69 -18.44
N CYS B 560 -7.61 -11.05 -18.37
CA CYS B 560 -7.73 -9.72 -17.84
C CYS B 560 -9.13 -9.46 -17.24
N GLN B 561 -9.23 -8.50 -16.34
CA GLN B 561 -10.54 -8.10 -15.83
C GLN B 561 -11.43 -7.60 -16.96
N ASP B 562 -12.70 -7.98 -16.96
CA ASP B 562 -13.56 -7.54 -18.05
C ASP B 562 -14.07 -6.11 -17.81
N HIS B 563 -13.41 -5.15 -18.43
CA HIS B 563 -13.76 -3.74 -18.27
C HIS B 563 -14.03 -3.07 -19.62
N LEU B 564 -14.53 -3.83 -20.59
CA LEU B 564 -14.75 -3.31 -21.93
C LEU B 564 -15.79 -2.17 -21.91
N GLU B 565 -16.92 -2.41 -21.25
CA GLU B 565 -17.95 -1.37 -21.18
C GLU B 565 -17.40 -0.09 -20.57
N PHE B 566 -16.70 -0.24 -19.45
CA PHE B 566 -16.11 0.93 -18.85
C PHE B 566 -15.28 1.66 -19.88
N TRP B 567 -14.29 0.98 -20.46
CA TRP B 567 -13.36 1.71 -21.36
C TRP B 567 -14.06 2.21 -22.64
N GLU B 568 -14.99 1.42 -23.17
CA GLU B 568 -15.77 1.88 -24.31
C GLU B 568 -16.52 3.17 -24.01
N SER B 569 -17.20 3.18 -22.87
CA SER B 569 -17.96 4.33 -22.42
C SER B 569 -17.10 5.59 -22.39
N VAL B 570 -15.87 5.51 -21.90
CA VAL B 570 -15.05 6.74 -21.80
C VAL B 570 -14.47 7.20 -23.13
N PHE B 571 -14.14 6.28 -24.02
CA PHE B 571 -13.61 6.72 -25.33
C PHE B 571 -14.73 7.27 -26.22
N THR B 572 -15.93 6.73 -26.04
CA THR B 572 -17.09 7.21 -26.79
C THR B 572 -17.29 8.72 -26.65
N GLY B 573 -17.04 9.26 -25.45
CA GLY B 573 -17.19 10.71 -25.19
C GLY B 573 -16.02 11.60 -25.57
N LEU B 574 -14.95 11.01 -26.07
CA LEU B 574 -13.79 11.77 -26.50
C LEU B 574 -13.96 12.23 -27.96
N THR B 575 -14.81 13.24 -28.16
CA THR B 575 -15.16 13.68 -29.53
C THR B 575 -14.46 14.95 -29.93
N HIS B 576 -14.16 15.03 -31.23
CA HIS B 576 -13.55 16.20 -31.86
C HIS B 576 -12.16 16.46 -31.30
N ILE B 577 -11.30 15.45 -31.41
CA ILE B 577 -9.89 15.60 -31.06
C ILE B 577 -9.22 16.52 -32.08
N ASP B 578 -8.20 17.24 -31.65
CA ASP B 578 -7.44 18.08 -32.56
C ASP B 578 -6.52 17.22 -33.42
N ALA B 579 -6.88 17.04 -34.69
CA ALA B 579 -6.09 16.26 -35.64
C ALA B 579 -4.60 16.56 -35.50
N HIS B 580 -4.26 17.85 -35.39
CA HIS B 580 -2.85 18.25 -35.35
C HIS B 580 -2.11 17.71 -34.11
N PHE B 581 -2.78 17.74 -32.97
CA PHE B 581 -2.18 17.20 -31.74
C PHE B 581 -2.01 15.67 -31.82
N LEU B 582 -3.03 14.97 -32.32
CA LEU B 582 -2.96 13.53 -32.48
C LEU B 582 -1.79 13.13 -33.35
N SER B 583 -1.54 13.93 -34.38
CA SER B 583 -0.50 13.66 -35.34
C SER B 583 0.86 13.64 -34.64
N GLN B 584 1.12 14.68 -33.85
CA GLN B 584 2.37 14.76 -33.08
C GLN B 584 2.49 13.67 -32.02
N THR B 585 1.40 13.32 -31.34
CA THR B 585 1.52 12.28 -30.31
C THR B 585 1.67 10.92 -30.97
N LYS B 586 1.12 10.75 -32.17
CA LYS B 586 1.36 9.52 -32.91
C LYS B 586 2.83 9.38 -33.28
N GLN B 587 3.39 10.43 -33.88
CA GLN B 587 4.77 10.39 -34.35
C GLN B 587 5.81 10.38 -33.25
N ALA B 588 5.55 11.06 -32.13
CA ALA B 588 6.47 11.01 -30.99
C ALA B 588 6.54 9.59 -30.44
N GLY B 589 5.49 8.79 -30.67
CA GLY B 589 5.55 7.37 -30.38
C GLY B 589 5.49 6.93 -28.92
N ASP B 590 5.21 7.87 -28.01
CA ASP B 590 4.94 7.55 -26.60
C ASP B 590 3.56 6.87 -26.43
N ASN B 591 3.29 6.41 -25.21
CA ASN B 591 2.06 5.67 -24.93
C ASN B 591 0.86 6.59 -24.77
N PHE B 592 -0.32 6.03 -25.03
CA PHE B 592 -1.60 6.74 -24.99
C PHE B 592 -1.61 7.99 -25.84
N PRO B 593 -1.28 7.84 -27.12
CA PRO B 593 -1.27 9.03 -28.00
C PRO B 593 -2.64 9.69 -28.07
N TYR B 594 -3.70 8.88 -28.06
CA TYR B 594 -5.05 9.43 -28.13
C TYR B 594 -5.43 10.23 -26.87
N LEU B 595 -5.36 9.61 -25.70
CA LEU B 595 -5.71 10.29 -24.45
C LEU B 595 -4.85 11.51 -24.18
N VAL B 596 -3.58 11.46 -24.55
CA VAL B 596 -2.67 12.60 -24.37
C VAL B 596 -3.08 13.75 -25.30
N ALA B 597 -3.13 13.48 -26.58
CA ALA B 597 -3.59 14.44 -27.57
C ALA B 597 -4.94 15.02 -27.15
N TYR B 598 -5.86 14.17 -26.71
CA TYR B 598 -7.18 14.66 -26.34
C TYR B 598 -7.14 15.65 -25.17
N GLN B 599 -6.34 15.37 -24.16
CA GLN B 599 -6.16 16.30 -23.03
C GLN B 599 -5.52 17.60 -23.55
N ALA B 600 -4.57 17.46 -24.47
CA ALA B 600 -3.94 18.60 -25.10
C ALA B 600 -5.00 19.47 -25.73
N THR B 601 -5.92 18.81 -26.43
CA THR B 601 -7.00 19.47 -27.14
C THR B 601 -7.83 20.33 -26.19
N VAL B 602 -8.26 19.71 -25.11
CA VAL B 602 -9.06 20.38 -24.10
C VAL B 602 -8.29 21.53 -23.46
N CYS B 603 -7.03 21.33 -23.12
CA CYS B 603 -6.21 22.40 -22.54
C CYS B 603 -6.03 23.59 -23.49
N ALA B 604 -5.84 23.30 -24.78
CA ALA B 604 -5.55 24.33 -25.78
C ALA B 604 -6.79 25.16 -26.11
N ARG B 605 -7.96 24.53 -26.10
CA ARG B 605 -9.21 25.24 -26.31
C ARG B 605 -9.62 26.08 -25.10
N ALA B 606 -9.03 25.82 -23.94
CA ALA B 606 -9.27 26.67 -22.78
C ALA B 606 -8.04 27.54 -22.46
N GLN B 607 -7.20 27.81 -23.46
CA GLN B 607 -5.91 28.53 -23.28
C GLN B 607 -5.28 28.25 -21.92
N ALA B 608 -5.31 26.99 -21.52
CA ALA B 608 -4.95 26.58 -20.18
C ALA B 608 -3.74 25.67 -20.30
N PRO B 609 -2.90 25.62 -19.25
CA PRO B 609 -1.72 24.77 -19.38
C PRO B 609 -2.05 23.27 -19.24
N PRO B 610 -1.13 22.39 -19.71
CA PRO B 610 -1.28 20.97 -19.43
C PRO B 610 -0.97 20.61 -17.96
N PRO B 611 -1.31 19.38 -17.55
CA PRO B 611 -0.94 18.89 -16.21
C PRO B 611 0.48 19.29 -15.78
N SER B 612 1.45 19.28 -16.69
CA SER B 612 2.81 19.72 -16.39
C SER B 612 3.62 19.98 -17.67
N TRP B 613 4.84 20.48 -17.50
CA TRP B 613 5.72 20.79 -18.62
C TRP B 613 6.83 19.77 -18.88
N ASP B 614 6.62 18.52 -18.51
CA ASP B 614 7.59 17.49 -18.84
C ASP B 614 7.27 17.00 -20.25
N GLN B 615 8.08 16.06 -20.75
CA GLN B 615 8.05 15.71 -22.17
C GLN B 615 6.72 15.19 -22.67
N MET B 616 5.94 14.56 -21.78
CA MET B 616 4.63 14.04 -22.15
C MET B 616 3.75 15.08 -22.89
N TRP B 617 3.83 16.34 -22.46
CA TRP B 617 2.97 17.39 -23.02
C TRP B 617 3.77 18.32 -23.89
N LYS B 618 4.82 17.79 -24.53
CA LYS B 618 5.68 18.60 -25.40
C LYS B 618 4.96 19.02 -26.67
N CYS B 619 3.91 18.30 -27.05
CA CYS B 619 3.10 18.67 -28.21
C CYS B 619 2.44 20.03 -28.04
N LEU B 620 2.78 20.73 -26.97
CA LEU B 620 2.10 21.94 -26.59
C LEU B 620 3.08 23.06 -26.22
N ILE B 621 4.38 22.86 -26.44
CA ILE B 621 5.39 23.82 -25.98
C ILE B 621 5.25 25.19 -26.64
N ARG B 622 4.97 25.22 -27.94
CA ARG B 622 4.91 26.50 -28.64
C ARG B 622 3.77 27.39 -28.11
N LEU B 623 2.63 26.78 -27.77
CA LEU B 623 1.48 27.53 -27.24
C LEU B 623 1.65 28.07 -25.81
N LYS B 624 2.76 27.73 -25.16
CA LYS B 624 2.95 28.03 -23.73
C LYS B 624 2.55 29.46 -23.32
N PRO B 625 3.25 30.50 -23.83
CA PRO B 625 3.08 31.83 -23.22
C PRO B 625 1.64 32.36 -23.16
N THR B 626 0.73 31.81 -23.97
CA THR B 626 -0.70 32.19 -23.95
C THR B 626 -1.52 31.40 -22.93
N LEU B 627 -0.94 30.36 -22.34
CA LEU B 627 -1.70 29.40 -21.53
C LEU B 627 -1.64 29.74 -20.05
N HIS B 628 -2.80 29.98 -19.44
CA HIS B 628 -2.87 30.39 -18.04
C HIS B 628 -4.13 29.88 -17.34
N GLY B 629 -4.09 29.89 -16.01
CA GLY B 629 -5.18 29.39 -15.17
C GLY B 629 -4.92 27.96 -14.72
N PRO B 630 -5.99 27.24 -14.33
CA PRO B 630 -5.85 25.84 -13.92
C PRO B 630 -6.05 24.90 -15.12
N THR B 631 -5.74 23.61 -14.93
CA THR B 631 -5.90 22.59 -15.99
C THR B 631 -7.27 21.93 -15.87
N PRO B 632 -8.02 21.89 -16.97
CA PRO B 632 -9.23 21.08 -16.94
C PRO B 632 -8.86 19.62 -17.11
N LEU B 633 -8.76 18.92 -16.00
CA LEU B 633 -8.14 17.60 -15.94
C LEU B 633 -9.15 16.51 -16.25
N LEU B 634 -8.85 15.68 -17.24
CA LEU B 634 -9.73 14.58 -17.68
C LEU B 634 -9.42 13.26 -16.97
N TYR B 635 -8.12 13.10 -16.71
CA TYR B 635 -7.55 11.91 -16.09
C TYR B 635 -6.06 12.21 -15.78
N ARG B 636 -5.45 11.30 -15.02
CA ARG B 636 -4.05 11.43 -14.64
C ARG B 636 -3.22 10.36 -15.35
N LEU B 637 -2.34 10.81 -16.25
CA LEU B 637 -1.39 9.94 -16.94
C LEU B 637 0.02 10.14 -16.43
N GLY B 638 0.19 11.05 -15.49
CA GLY B 638 1.46 11.25 -14.82
C GLY B 638 1.30 12.28 -13.71
N ALA B 639 2.43 12.80 -13.25
CA ALA B 639 2.43 13.89 -12.27
C ALA B 639 1.63 15.09 -12.80
N VAL B 640 0.82 15.67 -11.95
CA VAL B 640 0.03 16.86 -12.30
C VAL B 640 0.54 18.01 -11.45
N GLN B 641 1.28 18.94 -12.04
CA GLN B 641 1.89 20.04 -11.27
C GLN B 641 1.05 21.33 -11.28
N ASN B 642 0.15 21.47 -12.25
CA ASN B 642 -0.67 22.66 -12.32
C ASN B 642 -1.87 22.51 -11.40
N GLU B 643 -2.46 23.62 -10.98
CA GLU B 643 -3.76 23.59 -10.30
C GLU B 643 -4.79 23.05 -11.29
N VAL B 644 -5.91 22.57 -10.77
CA VAL B 644 -6.90 21.96 -11.63
C VAL B 644 -8.33 22.41 -11.33
N THR B 645 -9.15 22.46 -12.36
CA THR B 645 -10.58 22.63 -12.25
C THR B 645 -11.26 21.39 -12.81
N LEU B 646 -12.43 21.04 -12.25
CA LEU B 646 -13.20 19.88 -12.65
C LEU B 646 -14.46 20.23 -13.43
N THR B 647 -14.58 21.49 -13.83
CA THR B 647 -15.84 21.99 -14.41
C THR B 647 -16.04 21.72 -15.90
N HIS B 648 -15.03 21.16 -16.59
CA HIS B 648 -15.13 20.93 -18.05
C HIS B 648 -16.13 19.84 -18.30
N PRO B 649 -16.96 20.00 -19.35
CA PRO B 649 -17.99 18.99 -19.56
C PRO B 649 -17.43 17.59 -19.84
N ILE B 650 -16.25 17.49 -20.45
CA ILE B 650 -15.67 16.14 -20.67
C ILE B 650 -15.23 15.49 -19.36
N THR B 651 -14.65 16.26 -18.44
CA THR B 651 -14.34 15.73 -17.10
C THR B 651 -15.59 15.19 -16.42
N LYS B 652 -16.68 15.92 -16.51
CA LYS B 652 -17.96 15.46 -15.92
C LYS B 652 -18.46 14.20 -16.60
N TYR B 653 -18.36 14.14 -17.92
CA TYR B 653 -18.71 12.88 -18.63
C TYR B 653 -17.84 11.68 -18.13
N ILE B 654 -16.51 11.85 -18.04
CA ILE B 654 -15.68 10.71 -17.61
C ILE B 654 -16.02 10.36 -16.15
N MET B 655 -16.21 11.37 -15.29
CA MET B 655 -16.62 11.12 -13.88
C MET B 655 -17.92 10.32 -13.80
N ALA B 656 -18.87 10.66 -14.66
CA ALA B 656 -20.11 9.86 -14.73
C ALA B 656 -19.83 8.42 -15.18
N CYS B 657 -18.87 8.25 -16.10
CA CYS B 657 -18.40 6.92 -16.53
C CYS B 657 -17.87 6.02 -15.39
N MET B 658 -17.32 6.64 -14.33
CA MET B 658 -16.72 5.88 -13.21
C MET B 658 -17.75 5.18 -12.34
N SER B 659 -19.03 5.46 -12.56
CA SER B 659 -20.09 4.81 -11.79
C SER B 659 -20.42 3.39 -12.30
N ALA B 660 -19.74 2.97 -13.36
CA ALA B 660 -19.93 1.62 -13.95
C ALA B 660 -19.55 0.52 -12.98
N ASP B 661 -20.14 -0.65 -13.15
CA ASP B 661 -19.69 -1.82 -12.40
C ASP B 661 -18.27 -2.18 -12.87
N LEU B 662 -17.37 -2.31 -11.92
CA LEU B 662 -15.98 -2.59 -12.21
C LEU B 662 -15.55 -3.78 -11.36
N GLU B 663 -15.27 -4.91 -12.02
CA GLU B 663 -14.81 -6.11 -11.30
C GLU B 663 -13.34 -5.96 -10.95
N VAL B 664 -13.01 -5.88 -9.68
CA VAL B 664 -11.61 -5.85 -9.26
C VAL B 664 -11.32 -7.11 -8.46
N VAL B 665 -10.09 -7.61 -8.55
CA VAL B 665 -9.68 -8.76 -7.75
C VAL B 665 -9.44 -8.33 -6.32
N THR B 666 -9.67 -9.28 -5.43
CA THR B 666 -9.50 -9.09 -4.01
C THR B 666 -8.56 -10.19 -3.47
N LEU B 667 -8.71 -10.74 -2.38
N GLY B 668 9.87 -20.48 -4.48
CA GLY B 668 9.15 -20.41 -3.16
C GLY B 668 7.73 -20.94 -3.19
N SER B 669 7.29 -21.55 -2.09
CA SER B 669 6.03 -22.26 -2.05
C SER B 669 4.92 -21.44 -1.37
N VAL B 670 3.67 -21.73 -1.73
CA VAL B 670 2.53 -21.24 -0.96
C VAL B 670 2.46 -21.94 0.42
N VAL B 671 2.18 -21.16 1.46
CA VAL B 671 2.21 -21.62 2.85
C VAL B 671 0.93 -21.36 3.64
N ILE B 672 0.49 -22.39 4.38
CA ILE B 672 -0.63 -22.30 5.29
C ILE B 672 -0.18 -21.61 6.57
N VAL B 673 -0.83 -20.51 6.93
CA VAL B 673 -0.40 -19.71 8.08
C VAL B 673 -1.45 -19.61 9.15
N GLY B 674 -2.56 -20.29 8.93
CA GLY B 674 -3.71 -20.16 9.80
C GLY B 674 -4.89 -20.87 9.16
N ARG B 675 -6.03 -20.86 9.85
CA ARG B 675 -7.21 -21.54 9.34
C ARG B 675 -8.44 -20.83 9.84
N ILE B 676 -9.56 -21.08 9.18
CA ILE B 676 -10.84 -20.54 9.58
C ILE B 676 -11.75 -21.70 9.94
N ILE B 677 -12.04 -21.84 11.24
CA ILE B 677 -12.87 -22.91 11.74
C ILE B 677 -14.35 -22.53 11.63
N LEU B 678 -15.13 -23.39 10.97
CA LEU B 678 -16.55 -23.17 10.72
C LEU B 678 -17.37 -23.98 11.75
N SER B 679 -18.36 -23.34 12.37
CA SER B 679 -19.21 -23.99 13.40
C SER B 679 -19.72 -25.38 12.99
N SER B 681 -26.61 -22.93 12.24
CA SER B 681 -26.40 -21.62 11.63
C SER B 681 -24.93 -21.20 11.70
S SO4 C . -15.63 16.45 31.59
O1 SO4 C . -14.29 16.28 31.05
O2 SO4 C . -15.45 16.98 32.93
O3 SO4 C . -16.42 17.40 30.80
O4 SO4 C . -16.30 15.16 31.67
S SO4 D . 10.21 -21.85 -34.87
O1 SO4 D . 9.75 -21.23 -36.11
O2 SO4 D . 11.28 -22.79 -35.19
O3 SO4 D . 10.72 -20.84 -33.96
O4 SO4 D . 9.11 -22.56 -34.22
N3 10L E . -7.09 -15.49 -13.37
C3 10L E . -7.52 -14.22 -13.62
C2 10L E . -8.72 -13.93 -14.32
C4 10L E . -6.77 -13.13 -13.18
C5 10L E . -7.17 -11.82 -13.42
C6 10L E . -8.34 -11.56 -14.12
C1 10L E . -9.11 -12.62 -14.57
C1' 10L E . -10.31 -12.72 -15.29
N1' 10L E . -10.66 -14.01 -15.48
N9 10L E . -9.67 -14.74 -14.89
H31N 10L E . -7.65 -16.24 -13.66
H32N 10L E . -6.26 -15.64 -12.90
H4 10L E . -5.85 -13.31 -12.63
H9 10L E . -9.68 -15.71 -14.89
H5 10L E . -6.56 -11.02 -13.07
H6 10L E . -8.62 -10.54 -14.30
H1' 10L E . -10.90 -11.90 -15.64
#